data_3OL6
#
_entry.id   3OL6
#
_cell.length_a   60.395
_cell.length_b   60.410
_cell.length_c   191.430
_cell.angle_alpha   83.72
_cell.angle_beta   83.69
_cell.angle_gamma   77.85
#
_symmetry.space_group_name_H-M   'P 1'
#
loop_
_entity.id
_entity.type
_entity.pdbx_description
1 polymer Polymerase
2 polymer "RNA (5'-R(*AP*AP*GP*UP*CP*UP*CP*CP*AP*GP*GP*UP*CP*UP*CP*UP*CP*GP*UP*CP*CP*GP*GP*AP*AP*A)-3')"
3 polymer "RNA (5'-R(*GP*CP*CP*CP*GP*GP*AP*CP*GP*AP*GP*AP*GP*A)-3')"
4 polymer "RNA (5'-R(*GP*GP*GP*AP*GP*AP*UP*GP*A)-3')"
5 non-polymer 'ZINC ION'
6 non-polymer 'ISOPROPYL ALCOHOL'
7 water water
#
loop_
_entity_poly.entity_id
_entity_poly.type
_entity_poly.pdbx_seq_one_letter_code
_entity_poly.pdbx_strand_id
1 'polypeptide(L)'
;GEIQWMRPSKEVGYPIINAPSKTKLEPSAFHYVFEGVKEPAVLTKNDPRLKTDFEEAIFSKYVGNKITEVDEYMKEAVDH
YAGQLMSLDINTEQMCLEDAMYGTDGLEALDLSTSAGYPYVAMGKKKRDILNKQTRDTKEMQKLLDTYGINLPLVTYVKD
ELRSKTKVEQGKSRLIEASSLNDSVAMRMAFGNLYAAFHKNPGVITGSAVGCDPDLFWSKIPVLMEEKLFAFDYTGYDAS
LSPAWFEALKMVLEKIGFGDRVDYIDYLNHSHHLYKNKTYCVKGGMPSGCSGTSIFNSMINNLIIRTLLLKTYKGIDLDH
LKMIAYGDDVIASYPHEVDASLLAQSGKDYGLTMTPADKSATFETVTWENVTFLKRFFRADEKYPFLIHPVMPMKEIHES
IRWTKDPRNTQDHVRSLCLLAWHNGEEEYNKFLAKIRSVPIGRALDLPEYSTLYRRWLDSFGSSSHHHHHH
;
A,E,I,M
2 'polyribonucleotide' AAGUCUCCAGGUCUCUCGUCCGGAAA B,F,J,N
3 'polyribonucleotide' GCCCGGACGAGAGA C,G,K,O
4 'polyribonucleotide' GGGAGAUGA D,H,L,P
#
# COMPACT_ATOMS: atom_id res chain seq x y z
N GLY A 1 14.21 62.90 78.62
CA GLY A 1 12.81 62.78 79.00
C GLY A 1 12.64 62.89 80.50
N GLU A 2 11.54 63.49 80.95
CA GLU A 2 11.33 63.66 82.36
C GLU A 2 9.91 64.11 82.69
N ILE A 3 9.34 63.51 83.73
CA ILE A 3 8.01 63.89 84.20
C ILE A 3 8.06 65.23 84.90
N GLN A 4 6.95 65.96 84.86
CA GLN A 4 6.88 67.26 85.49
C GLN A 4 5.82 67.25 86.58
N TRP A 5 4.96 66.23 86.56
CA TRP A 5 3.98 66.07 87.65
C TRP A 5 3.00 64.94 87.40
N MET A 6 2.22 64.60 88.43
CA MET A 6 1.17 63.60 88.33
C MET A 6 0.07 63.97 89.31
N ARG A 7 -1.18 63.71 88.93
CA ARG A 7 -2.30 64.07 89.79
C ARG A 7 -3.62 63.54 89.25
N PRO A 8 -4.53 63.15 90.15
CA PRO A 8 -5.87 62.73 89.74
C PRO A 8 -6.37 63.63 88.62
N SER A 9 -6.74 63.04 87.50
CA SER A 9 -7.13 63.86 86.36
C SER A 9 -8.35 64.68 86.73
N LYS A 10 -9.03 64.27 87.80
CA LYS A 10 -10.18 65.01 88.31
C LYS A 10 -9.76 66.44 88.56
N GLU A 11 -8.58 66.59 89.16
CA GLU A 11 -8.02 67.89 89.50
C GLU A 11 -7.96 68.82 88.29
N VAL A 12 -7.77 68.24 87.10
CA VAL A 12 -7.60 69.03 85.90
C VAL A 12 -8.77 68.90 84.91
N GLY A 13 -9.81 68.17 85.32
CA GLY A 13 -11.02 68.02 84.52
C GLY A 13 -10.93 67.02 83.37
N TYR A 14 -10.21 65.92 83.60
CA TYR A 14 -10.08 64.84 82.62
C TYR A 14 -10.73 63.55 83.12
N PRO A 15 -11.32 62.77 82.20
CA PRO A 15 -12.00 61.55 82.63
C PRO A 15 -10.99 60.57 83.15
N ILE A 16 -11.46 59.60 83.91
CA ILE A 16 -10.65 58.44 84.23
C ILE A 16 -10.77 57.57 82.99
N ILE A 17 -9.70 56.85 82.65
CA ILE A 17 -9.72 55.98 81.48
C ILE A 17 -9.46 54.53 81.85
N ASN A 18 -10.29 53.66 81.29
CA ASN A 18 -10.34 52.28 81.76
C ASN A 18 -9.47 51.34 80.93
N ALA A 19 -8.20 51.25 81.27
CA ALA A 19 -7.35 50.24 80.66
C ALA A 19 -7.96 48.86 80.86
N PRO A 20 -7.75 47.94 79.90
CA PRO A 20 -8.08 46.54 80.17
C PRO A 20 -6.93 45.96 80.98
N SER A 21 -7.11 44.81 81.62
CA SER A 21 -6.09 44.36 82.56
C SER A 21 -5.67 42.91 82.44
N LYS A 22 -6.31 42.16 81.54
CA LYS A 22 -5.91 40.79 81.30
C LYS A 22 -5.11 40.71 80.00
N THR A 23 -4.01 39.95 80.03
CA THR A 23 -3.25 39.69 78.81
C THR A 23 -4.17 39.03 77.81
N LYS A 24 -3.76 39.05 76.55
CA LYS A 24 -4.57 38.42 75.52
C LYS A 24 -3.79 37.26 74.96
N LEU A 25 -2.54 37.14 75.41
CA LEU A 25 -1.67 36.02 75.03
C LEU A 25 -1.96 34.78 75.86
N GLU A 26 -2.32 33.70 75.19
CA GLU A 26 -2.45 32.40 75.85
C GLU A 26 -1.47 31.39 75.24
N PRO A 27 -1.18 30.29 75.97
CA PRO A 27 -0.28 29.26 75.43
C PRO A 27 -0.78 28.65 74.12
N SER A 28 0.18 28.25 73.31
CA SER A 28 -0.06 27.78 71.96
C SER A 28 -0.21 26.27 71.92
N ALA A 29 -0.72 25.77 70.81
CA ALA A 29 -0.65 24.34 70.55
C ALA A 29 0.81 23.91 70.54
N PHE A 30 1.72 24.87 70.49
CA PHE A 30 3.13 24.53 70.37
C PHE A 30 3.93 24.99 71.57
N HIS A 31 3.24 25.16 72.70
CA HIS A 31 3.86 25.75 73.88
C HIS A 31 4.90 24.82 74.48
N TYR A 32 4.72 23.52 74.28
CA TYR A 32 5.63 22.54 74.89
C TYR A 32 6.54 21.89 73.85
N VAL A 33 6.09 21.86 72.60
CA VAL A 33 6.99 21.45 71.53
C VAL A 33 8.28 22.26 71.64
N PHE A 34 8.17 23.58 71.70
CA PHE A 34 9.32 24.48 71.63
C PHE A 34 9.61 25.09 72.98
N GLU A 35 10.90 25.31 73.24
CA GLU A 35 11.36 25.93 74.49
C GLU A 35 11.30 27.47 74.40
N GLY A 36 11.31 28.14 75.54
CA GLY A 36 11.30 29.60 75.59
C GLY A 36 11.27 30.16 77.00
N VAL A 37 11.68 31.43 77.16
CA VAL A 37 11.73 32.04 78.50
C VAL A 37 10.75 33.18 78.67
N LYS A 38 10.14 33.63 77.58
CA LYS A 38 9.29 34.80 77.64
C LYS A 38 7.85 34.45 77.94
N GLU A 39 7.15 35.42 78.51
CA GLU A 39 5.74 35.32 78.86
C GLU A 39 5.14 36.72 78.87
N PRO A 40 3.81 36.82 78.83
CA PRO A 40 3.15 38.13 78.73
C PRO A 40 3.69 39.09 79.78
N ALA A 41 3.75 40.37 79.45
CA ALA A 41 4.36 41.33 80.37
C ALA A 41 3.33 41.81 81.38
N VAL A 42 3.81 42.39 82.47
CA VAL A 42 2.92 42.89 83.51
C VAL A 42 1.99 44.00 83.00
N LEU A 43 0.69 43.81 83.20
CA LEU A 43 -0.33 44.78 82.80
C LEU A 43 -0.87 45.62 83.99
N THR A 44 -0.74 45.09 85.21
CA THR A 44 -1.26 45.77 86.40
C THR A 44 -0.27 45.73 87.56
N LYS A 45 -0.56 46.47 88.63
CA LYS A 45 0.24 46.41 89.85
C LYS A 45 -0.08 45.15 90.69
N ASN A 46 -1.32 44.68 90.60
CA ASN A 46 -1.72 43.46 91.28
C ASN A 46 -1.30 42.18 90.54
N ASP A 47 -0.06 42.16 90.05
CA ASP A 47 0.44 41.01 89.33
C ASP A 47 1.37 40.24 90.25
N PRO A 48 1.11 38.94 90.42
CA PRO A 48 1.84 38.05 91.31
C PRO A 48 3.33 38.00 91.03
N ARG A 49 3.70 38.09 89.76
CA ARG A 49 5.07 37.91 89.34
C ARG A 49 5.98 39.08 89.69
N LEU A 50 5.38 40.16 90.19
CA LEU A 50 6.13 41.38 90.44
C LEU A 50 7.15 41.27 91.59
N LYS A 51 8.38 41.65 91.30
CA LYS A 51 9.50 41.55 92.24
C LYS A 51 9.96 42.96 92.64
N THR A 52 9.01 43.91 92.57
CA THR A 52 9.30 45.33 92.73
C THR A 52 8.04 46.11 92.38
N ASP A 53 8.03 47.42 92.61
CA ASP A 53 6.81 48.20 92.39
C ASP A 53 6.58 48.56 90.92
N PHE A 54 5.34 48.36 90.46
CA PHE A 54 5.03 48.51 89.04
C PHE A 54 5.15 49.95 88.55
N GLU A 55 4.18 50.77 88.93
CA GLU A 55 4.10 52.12 88.38
C GLU A 55 5.43 52.85 88.49
N GLU A 56 6.22 52.45 89.46
CA GLU A 56 7.55 53.04 89.63
C GLU A 56 8.48 52.57 88.52
N ALA A 57 8.33 51.31 88.14
CA ALA A 57 9.19 50.70 87.12
C ALA A 57 8.86 51.17 85.70
N ILE A 58 7.58 51.33 85.38
CA ILE A 58 7.21 51.72 84.02
C ILE A 58 7.53 53.18 83.73
N PHE A 59 7.47 54.03 84.75
CA PHE A 59 7.80 55.44 84.56
C PHE A 59 9.28 55.69 84.82
N SER A 60 10.01 54.62 85.10
CA SER A 60 11.43 54.71 85.42
C SER A 60 12.28 55.22 84.25
N LYS A 61 11.78 55.12 83.03
CA LYS A 61 12.61 55.39 81.86
C LYS A 61 12.92 56.87 81.67
N TYR A 62 12.03 57.74 82.13
CA TYR A 62 12.27 59.18 82.07
C TYR A 62 13.46 59.63 82.93
N VAL A 63 14.67 59.52 82.36
CA VAL A 63 15.93 59.71 83.09
C VAL A 63 16.45 61.15 83.23
N GLY A 64 15.61 62.13 82.92
CA GLY A 64 16.04 63.52 82.99
C GLY A 64 16.61 64.06 81.68
N ASN A 65 16.90 65.36 81.64
CA ASN A 65 17.42 66.00 80.43
C ASN A 65 18.83 66.56 80.61
N LYS A 66 19.77 66.02 79.85
CA LYS A 66 21.15 66.45 79.94
C LYS A 66 21.39 67.77 79.21
N ILE A 67 20.69 67.99 78.10
CA ILE A 67 20.92 69.20 77.32
C ILE A 67 19.66 69.86 76.78
N THR A 68 19.81 71.09 76.33
CA THR A 68 18.70 71.93 75.88
C THR A 68 19.16 72.84 74.75
N GLU A 69 20.47 72.95 74.58
CA GLU A 69 21.04 73.85 73.59
C GLU A 69 21.68 73.06 72.48
N VAL A 70 21.71 73.63 71.29
CA VAL A 70 22.27 72.95 70.16
C VAL A 70 23.69 73.44 69.92
N ASP A 71 24.67 72.71 70.46
CA ASP A 71 26.07 73.08 70.25
C ASP A 71 26.45 72.97 68.79
N GLU A 72 27.67 73.37 68.47
CA GLU A 72 28.08 73.57 67.08
C GLU A 72 28.38 72.28 66.32
N TYR A 73 28.55 71.17 67.01
CA TYR A 73 28.67 69.87 66.32
C TYR A 73 27.27 69.46 65.88
N MET A 74 26.32 69.52 66.80
CA MET A 74 24.92 69.30 66.43
C MET A 74 24.57 70.20 65.24
N LYS A 75 24.95 71.48 65.32
CA LYS A 75 24.63 72.43 64.26
C LYS A 75 25.16 71.97 62.93
N GLU A 76 26.37 71.42 62.95
CA GLU A 76 27.01 70.93 61.72
C GLU A 76 26.35 69.62 61.30
N ALA A 77 26.02 68.79 62.30
CA ALA A 77 25.23 67.60 62.08
C ALA A 77 24.00 68.00 61.25
N VAL A 78 23.11 68.77 61.87
CA VAL A 78 21.99 69.40 61.19
C VAL A 78 22.31 69.84 59.76
N ASP A 79 23.38 70.60 59.60
CA ASP A 79 23.62 71.18 58.29
C ASP A 79 23.90 70.08 57.29
N HIS A 80 24.62 69.06 57.74
CA HIS A 80 25.00 67.96 56.87
C HIS A 80 23.80 67.07 56.49
N TYR A 81 23.02 66.71 57.49
CA TYR A 81 21.84 65.88 57.25
C TYR A 81 20.85 66.61 56.32
N ALA A 82 20.52 67.86 56.66
CA ALA A 82 19.53 68.60 55.88
C ALA A 82 19.97 68.67 54.43
N GLY A 83 21.28 68.73 54.24
CA GLY A 83 21.84 68.86 52.91
C GLY A 83 21.58 67.61 52.11
N GLN A 84 21.62 66.46 52.79
CA GLN A 84 21.36 65.18 52.15
C GLN A 84 19.90 65.08 51.74
N LEU A 85 19.02 65.41 52.67
CA LEU A 85 17.60 65.32 52.42
C LEU A 85 17.23 66.22 51.23
N MET A 86 17.88 67.38 51.10
CA MET A 86 17.55 68.32 50.02
C MET A 86 17.68 67.67 48.67
N SER A 87 18.55 66.65 48.57
CA SER A 87 18.77 65.95 47.29
C SER A 87 17.55 65.12 46.83
N LEU A 88 16.68 64.77 47.77
CA LEU A 88 15.48 64.00 47.48
C LEU A 88 14.35 64.84 46.91
N ASP A 89 14.45 66.16 47.02
CA ASP A 89 13.44 67.07 46.46
C ASP A 89 12.07 66.83 47.07
N ILE A 90 12.03 66.82 48.39
CA ILE A 90 10.80 66.53 49.11
C ILE A 90 9.76 67.64 48.93
N ASN A 91 8.60 67.27 48.39
CA ASN A 91 7.44 68.15 48.32
C ASN A 91 7.12 68.69 49.72
N THR A 92 7.13 70.01 49.87
CA THR A 92 7.00 70.61 51.20
C THR A 92 5.60 71.16 51.47
N GLU A 93 4.65 70.81 50.63
CA GLU A 93 3.30 71.32 50.83
C GLU A 93 2.50 70.53 51.85
N GLN A 94 1.52 71.18 52.45
CA GLN A 94 0.51 70.50 53.23
C GLN A 94 -0.07 69.41 52.38
N MET A 95 -0.45 68.31 53.03
CA MET A 95 -1.21 67.24 52.39
C MET A 95 -2.70 67.49 52.64
N CYS A 96 -3.53 67.28 51.63
CA CYS A 96 -4.98 67.53 51.80
C CYS A 96 -5.55 66.62 52.86
N LEU A 97 -6.56 67.13 53.56
CA LEU A 97 -7.20 66.39 54.61
C LEU A 97 -7.56 64.97 54.18
N GLU A 98 -8.05 64.81 52.96
CA GLU A 98 -8.46 63.50 52.46
C GLU A 98 -7.27 62.53 52.36
N ASP A 99 -6.15 63.00 51.83
CA ASP A 99 -5.02 62.11 51.65
C ASP A 99 -4.44 61.83 53.02
N ALA A 100 -4.48 62.83 53.89
CA ALA A 100 -3.90 62.65 55.22
C ALA A 100 -4.71 61.58 55.92
N MET A 101 -6.04 61.63 55.77
CA MET A 101 -6.91 60.61 56.36
C MET A 101 -6.82 59.27 55.65
N TYR A 102 -6.93 59.27 54.33
CA TYR A 102 -7.16 58.03 53.59
C TYR A 102 -5.98 57.47 52.83
N GLY A 103 -4.92 58.26 52.68
CA GLY A 103 -3.75 57.74 52.02
C GLY A 103 -3.54 58.31 50.64
N THR A 104 -2.28 58.29 50.21
CA THR A 104 -1.90 58.68 48.87
C THR A 104 -0.70 57.80 48.53
N ASP A 105 -0.08 58.00 47.37
CA ASP A 105 1.10 57.22 47.02
C ASP A 105 2.20 57.36 48.09
N GLY A 106 2.43 56.30 48.85
CA GLY A 106 3.50 56.29 49.83
C GLY A 106 3.09 56.47 51.27
N LEU A 107 1.83 56.82 51.48
CA LEU A 107 1.28 56.95 52.82
C LEU A 107 -0.01 56.15 52.89
N GLU A 108 -0.06 55.21 53.82
CA GLU A 108 -1.21 54.37 54.07
C GLU A 108 -2.25 55.11 54.88
N ALA A 109 -3.51 54.70 54.75
CA ALA A 109 -4.59 55.31 55.49
C ALA A 109 -4.37 55.16 56.98
N LEU A 110 -5.13 55.92 57.76
CA LEU A 110 -5.17 55.73 59.18
C LEU A 110 -5.67 54.32 59.44
N ASP A 111 -5.32 53.76 60.58
CA ASP A 111 -5.68 52.40 60.94
C ASP A 111 -7.05 52.38 61.61
N LEU A 112 -8.04 51.84 60.91
CA LEU A 112 -9.42 51.87 61.39
C LEU A 112 -9.72 50.91 62.55
N SER A 113 -8.83 49.96 62.78
CA SER A 113 -9.08 48.92 63.79
C SER A 113 -8.46 49.26 65.13
N THR A 114 -7.75 50.36 65.19
CA THR A 114 -7.22 50.88 66.44
C THR A 114 -8.08 52.04 66.99
N SER A 115 -7.82 52.44 68.24
CA SER A 115 -8.57 53.49 68.93
C SER A 115 -8.49 54.88 68.27
N ALA A 116 -9.50 55.71 68.54
CA ALA A 116 -9.46 57.09 68.07
C ALA A 116 -8.91 58.01 69.16
N GLY A 117 -8.65 57.42 70.32
CA GLY A 117 -7.97 58.10 71.41
C GLY A 117 -8.82 59.16 72.08
N TYR A 118 -8.18 60.02 72.87
CA TYR A 118 -8.87 61.11 73.58
C TYR A 118 -9.43 62.18 72.63
N PRO A 119 -10.69 62.58 72.87
CA PRO A 119 -11.60 62.16 73.91
C PRO A 119 -12.54 61.09 73.43
N TYR A 120 -12.46 60.77 72.14
CA TYR A 120 -13.34 59.80 71.47
C TYR A 120 -13.50 58.48 72.23
N VAL A 121 -12.56 58.23 73.13
CA VAL A 121 -12.47 56.98 73.86
C VAL A 121 -13.35 57.06 75.10
N ALA A 122 -13.61 58.27 75.58
CA ALA A 122 -14.55 58.48 76.67
C ALA A 122 -15.96 58.75 76.16
N MET A 123 -16.11 58.85 74.84
CA MET A 123 -17.41 59.09 74.22
C MET A 123 -17.90 57.84 73.51
N GLY A 124 -17.18 56.74 73.69
CA GLY A 124 -17.47 55.50 72.98
C GLY A 124 -17.65 55.74 71.49
N LYS A 125 -16.72 56.48 70.92
CA LYS A 125 -16.79 56.91 69.53
C LYS A 125 -15.59 56.30 68.80
N LYS A 126 -15.82 55.62 67.68
CA LYS A 126 -14.73 54.89 67.00
C LYS A 126 -14.36 55.44 65.63
N LYS A 127 -13.15 55.12 65.17
CA LYS A 127 -12.68 55.56 63.87
C LYS A 127 -13.62 55.19 62.72
N ARG A 128 -14.12 53.96 62.76
CA ARG A 128 -15.06 53.45 61.77
C ARG A 128 -16.30 54.33 61.69
N ASP A 129 -16.67 54.89 62.83
CA ASP A 129 -17.78 55.82 62.93
C ASP A 129 -17.48 57.12 62.20
N ILE A 130 -16.22 57.50 62.15
CA ILE A 130 -15.80 58.82 61.67
C ILE A 130 -15.25 58.73 60.26
N LEU A 131 -14.51 57.66 60.00
CA LEU A 131 -13.89 57.43 58.69
C LEU A 131 -14.62 56.41 57.81
N ASN A 132 -14.72 56.71 56.53
CA ASN A 132 -15.24 55.80 55.53
C ASN A 132 -14.27 55.68 54.37
N LYS A 133 -13.58 54.55 54.25
CA LYS A 133 -12.55 54.40 53.22
C LYS A 133 -13.13 54.43 51.81
N GLN A 134 -14.38 53.96 51.69
CA GLN A 134 -15.02 53.83 50.39
C GLN A 134 -15.42 55.18 49.75
N THR A 135 -16.03 56.05 50.55
CA THR A 135 -16.32 57.40 50.08
C THR A 135 -15.17 58.38 50.37
N ARG A 136 -14.25 58.00 51.24
CA ARG A 136 -13.15 58.88 51.59
C ARG A 136 -13.72 60.21 52.05
N ASP A 137 -14.65 60.16 52.99
CA ASP A 137 -15.37 61.35 53.41
C ASP A 137 -14.61 62.11 54.48
N THR A 138 -14.41 63.39 54.23
CA THR A 138 -13.66 64.23 55.16
C THR A 138 -14.58 65.05 56.09
N LYS A 139 -15.79 65.33 55.64
CA LYS A 139 -16.71 66.21 56.37
C LYS A 139 -16.79 65.97 57.88
N GLU A 140 -16.94 64.72 58.28
CA GLU A 140 -17.05 64.46 59.72
C GLU A 140 -15.73 64.73 60.49
N MET A 141 -14.60 64.36 59.91
CA MET A 141 -13.31 64.57 60.57
C MET A 141 -13.06 66.06 60.69
N GLN A 142 -13.29 66.77 59.59
CA GLN A 142 -13.12 68.19 59.56
C GLN A 142 -13.93 68.84 60.68
N LYS A 143 -15.12 68.30 60.92
CA LYS A 143 -16.00 68.82 61.93
C LYS A 143 -15.47 68.56 63.34
N LEU A 144 -14.85 67.39 63.53
CA LEU A 144 -14.20 67.06 64.81
C LEU A 144 -12.89 67.84 65.04
N LEU A 145 -12.22 68.24 63.96
CA LEU A 145 -11.00 69.03 64.13
C LEU A 145 -11.45 70.39 64.64
N ASP A 146 -12.45 70.97 63.98
CA ASP A 146 -13.03 72.24 64.35
C ASP A 146 -13.53 72.20 65.78
N THR A 147 -14.19 71.11 66.13
CA THR A 147 -14.78 71.00 67.46
C THR A 147 -13.78 70.81 68.59
N TYR A 148 -12.81 69.90 68.42
CA TYR A 148 -11.91 69.54 69.52
C TYR A 148 -10.48 70.03 69.34
N GLY A 149 -10.21 70.52 68.15
CA GLY A 149 -8.92 71.14 67.86
C GLY A 149 -7.83 70.10 67.89
N ILE A 150 -6.61 70.54 68.16
CA ILE A 150 -5.48 69.63 68.27
C ILE A 150 -4.75 69.81 69.58
N ASN A 151 -3.57 69.22 69.65
CA ASN A 151 -2.79 69.20 70.88
C ASN A 151 -3.49 68.56 72.06
N LEU A 152 -4.18 67.45 71.81
CA LEU A 152 -4.89 66.75 72.89
C LEU A 152 -3.92 65.89 73.70
N PRO A 153 -4.33 65.46 74.90
CA PRO A 153 -3.36 64.62 75.58
C PRO A 153 -3.37 63.19 75.01
N LEU A 154 -2.28 62.48 75.23
CA LEU A 154 -2.14 61.11 74.75
C LEU A 154 -2.51 60.15 75.86
N VAL A 155 -3.33 59.16 75.52
CA VAL A 155 -3.72 58.13 76.49
C VAL A 155 -2.67 57.06 76.60
N THR A 156 -2.29 56.76 77.83
CA THR A 156 -1.25 55.76 78.04
C THR A 156 -1.87 54.37 78.21
N TYR A 157 -1.21 53.37 77.62
CA TYR A 157 -1.56 51.97 77.82
C TYR A 157 -0.30 51.13 77.97
N VAL A 158 -0.36 50.06 78.76
CA VAL A 158 0.79 49.17 78.82
C VAL A 158 0.69 48.21 77.67
N LYS A 159 1.82 47.91 77.05
CA LYS A 159 1.83 47.08 75.86
C LYS A 159 1.68 45.59 76.20
N ASP A 160 0.58 45.01 75.74
CA ASP A 160 0.34 43.58 75.83
C ASP A 160 1.25 42.83 74.82
N GLU A 161 2.32 42.21 75.33
CA GLU A 161 3.35 41.64 74.48
C GLU A 161 4.22 40.69 75.29
N LEU A 162 5.00 39.84 74.63
CA LEU A 162 5.84 38.90 75.36
C LEU A 162 7.05 39.60 75.94
N ARG A 163 7.40 39.26 77.18
CA ARG A 163 8.54 39.85 77.84
C ARG A 163 9.39 38.76 78.53
N SER A 164 10.69 38.96 78.59
CA SER A 164 11.57 37.99 79.26
C SER A 164 11.24 37.89 80.75
N LYS A 165 12.05 37.11 81.47
CA LYS A 165 11.79 36.87 82.88
C LYS A 165 12.11 38.08 83.77
N THR A 166 13.33 38.60 83.68
CA THR A 166 13.70 39.70 84.55
C THR A 166 12.90 40.98 84.27
N LYS A 167 12.34 41.10 83.06
CA LYS A 167 11.53 42.27 82.71
C LYS A 167 10.11 42.10 83.22
N VAL A 168 9.75 40.87 83.56
CA VAL A 168 8.45 40.68 84.17
C VAL A 168 8.60 40.91 85.66
N GLU A 169 9.59 40.25 86.25
CA GLU A 169 9.88 40.40 87.66
C GLU A 169 10.12 41.87 87.97
N GLN A 170 10.73 42.57 87.02
CA GLN A 170 11.09 43.97 87.22
C GLN A 170 10.01 44.92 86.78
N GLY A 171 8.90 44.37 86.27
CA GLY A 171 7.81 45.17 85.75
C GLY A 171 8.24 46.17 84.68
N LYS A 172 9.31 45.84 83.97
CA LYS A 172 9.76 46.59 82.80
C LYS A 172 8.79 46.36 81.64
N SER A 173 7.55 46.79 81.82
CA SER A 173 6.56 46.67 80.77
C SER A 173 6.56 47.96 79.95
N ARG A 174 6.88 47.83 78.67
CA ARG A 174 6.95 48.99 77.77
C ARG A 174 5.60 49.70 77.67
N LEU A 175 5.67 51.00 77.45
CA LEU A 175 4.45 51.81 77.42
C LEU A 175 4.07 52.23 76.00
N ILE A 176 2.81 52.66 75.83
CA ILE A 176 2.31 53.16 74.56
C ILE A 176 1.49 54.42 74.79
N GLU A 177 1.70 55.44 73.97
CA GLU A 177 0.92 56.70 74.08
C GLU A 177 -0.06 56.90 72.92
N ALA A 178 -1.33 56.56 73.14
CA ALA A 178 -2.28 56.66 72.05
C ALA A 178 -2.50 58.11 71.63
N SER A 179 -1.86 58.50 70.52
CA SER A 179 -2.16 59.78 69.89
C SER A 179 -3.63 59.88 69.56
N SER A 180 -4.19 61.07 69.76
CA SER A 180 -5.56 61.37 69.37
C SER A 180 -5.69 61.35 67.85
N LEU A 181 -6.83 60.90 67.39
CA LEU A 181 -7.16 60.94 65.98
C LEU A 181 -6.98 62.34 65.36
N ASN A 182 -7.39 63.38 66.10
CA ASN A 182 -7.26 64.77 65.67
C ASN A 182 -5.82 65.09 65.37
N ASP A 183 -4.95 64.66 66.28
CA ASP A 183 -3.52 64.89 66.14
C ASP A 183 -2.82 64.08 65.05
N SER A 184 -3.19 62.80 64.85
CA SER A 184 -2.70 62.05 63.69
C SER A 184 -3.09 62.72 62.37
N VAL A 185 -4.33 63.20 62.30
CA VAL A 185 -4.76 63.84 61.07
C VAL A 185 -3.97 65.13 60.83
N ALA A 186 -3.84 65.92 61.88
CA ALA A 186 -3.05 67.16 61.84
C ALA A 186 -1.57 66.89 61.48
N MET A 187 -0.98 65.88 62.12
CA MET A 187 0.44 65.55 61.87
C MET A 187 0.64 65.09 60.43
N ARG A 188 -0.31 64.29 59.93
CA ARG A 188 -0.28 63.85 58.54
C ARG A 188 -0.57 64.96 57.49
N MET A 189 -1.39 65.95 57.83
CA MET A 189 -1.54 67.06 56.89
C MET A 189 -0.23 67.85 56.81
N ALA A 190 0.37 68.16 57.95
CA ALA A 190 1.67 68.83 57.97
C ALA A 190 2.82 68.04 57.33
N PHE A 191 2.90 66.76 57.62
CA PHE A 191 4.15 66.04 57.37
C PHE A 191 4.07 64.96 56.34
N GLY A 192 2.85 64.63 55.89
CA GLY A 192 2.61 63.48 55.02
C GLY A 192 3.50 63.34 53.78
N ASN A 193 3.85 64.45 53.16
CA ASN A 193 4.75 64.39 52.04
C ASN A 193 6.18 64.06 52.49
N LEU A 194 6.53 64.46 53.71
CA LEU A 194 7.79 64.04 54.28
C LEU A 194 7.80 62.53 54.52
N TYR A 195 6.80 62.03 55.26
CA TYR A 195 6.63 60.58 55.45
C TYR A 195 6.65 59.85 54.10
N ALA A 196 5.99 60.42 53.10
CA ALA A 196 5.92 59.69 51.85
C ALA A 196 7.32 59.59 51.23
N ALA A 197 8.04 60.71 51.22
CA ALA A 197 9.36 60.78 50.60
C ALA A 197 10.29 59.81 51.31
N PHE A 198 10.19 59.73 52.63
CA PHE A 198 10.96 58.77 53.37
C PHE A 198 10.62 57.33 53.00
N HIS A 199 9.32 57.01 52.96
CA HIS A 199 8.87 55.64 52.72
C HIS A 199 9.34 55.20 51.33
N LYS A 200 9.33 56.12 50.38
CA LYS A 200 9.72 55.76 49.03
C LYS A 200 11.23 55.64 48.85
N ASN A 201 12.02 56.08 49.84
CA ASN A 201 13.45 56.20 49.64
C ASN A 201 14.33 55.65 50.74
N PRO A 202 14.09 54.40 51.12
CA PRO A 202 14.94 53.78 52.13
C PRO A 202 16.34 53.58 51.54
N GLY A 203 17.36 53.87 52.35
CA GLY A 203 18.74 53.86 51.88
C GLY A 203 19.58 54.83 52.70
N VAL A 204 20.67 55.29 52.10
CA VAL A 204 21.66 56.12 52.78
C VAL A 204 21.51 57.63 52.56
N ILE A 205 20.63 58.03 51.64
CA ILE A 205 20.29 59.45 51.49
C ILE A 205 19.39 59.90 52.64
N THR A 206 18.33 59.15 52.91
CA THR A 206 17.43 59.44 54.02
C THR A 206 18.02 59.00 55.36
N GLY A 207 18.96 58.05 55.28
CA GLY A 207 19.50 57.40 56.47
C GLY A 207 18.45 56.63 57.24
N SER A 208 17.48 56.07 56.51
CA SER A 208 16.32 55.42 57.13
C SER A 208 15.94 54.13 56.40
N ALA A 209 15.51 53.12 57.14
CA ALA A 209 15.05 51.87 56.52
C ALA A 209 13.53 51.72 56.40
N VAL A 210 12.80 52.68 56.97
CA VAL A 210 11.34 52.70 56.82
C VAL A 210 10.98 52.57 55.35
N GLY A 211 10.14 51.59 55.03
CA GLY A 211 9.80 51.33 53.64
C GLY A 211 10.64 50.26 52.94
N CYS A 212 11.57 49.64 53.65
CA CYS A 212 12.35 48.56 53.05
C CYS A 212 11.67 47.21 53.31
N ASP A 213 12.03 46.23 52.49
CA ASP A 213 11.63 44.83 52.69
C ASP A 213 12.90 44.05 52.90
N PRO A 214 13.20 43.72 54.15
CA PRO A 214 14.48 43.06 54.47
C PRO A 214 14.81 41.85 53.56
N ASP A 215 13.82 41.13 53.02
CA ASP A 215 14.13 40.01 52.12
C ASP A 215 14.85 40.48 50.86
N LEU A 216 14.67 41.75 50.50
CA LEU A 216 15.25 42.32 49.27
C LEU A 216 16.32 43.38 49.51
N PHE A 217 16.20 44.07 50.63
CA PHE A 217 16.99 45.25 50.95
C PHE A 217 18.33 44.79 51.48
N TRP A 218 18.32 43.66 52.17
CA TRP A 218 19.57 43.07 52.63
C TRP A 218 20.61 42.93 51.52
N SER A 219 20.17 42.76 50.27
CA SER A 219 21.15 42.60 49.19
C SER A 219 21.68 43.94 48.70
N LYS A 220 21.01 45.03 49.08
CA LYS A 220 21.41 46.41 48.78
C LYS A 220 22.38 46.98 49.79
N ILE A 221 22.25 46.57 51.04
CA ILE A 221 22.95 47.24 52.12
C ILE A 221 24.48 47.17 52.11
N PRO A 222 25.07 45.99 51.89
CA PRO A 222 26.53 45.92 51.87
C PRO A 222 27.17 46.84 50.81
N VAL A 223 26.55 46.90 49.63
CA VAL A 223 26.91 47.84 48.58
C VAL A 223 26.81 49.28 49.07
N LEU A 224 25.71 49.62 49.72
CA LEU A 224 25.51 50.96 50.24
C LEU A 224 26.52 51.34 51.32
N MET A 225 27.00 50.37 52.09
CA MET A 225 27.91 50.67 53.20
C MET A 225 29.34 50.92 52.71
N GLU A 226 30.09 51.68 53.51
CA GLU A 226 31.50 51.94 53.25
C GLU A 226 32.25 50.70 53.69
N GLU A 227 33.58 50.75 53.71
CA GLU A 227 34.37 49.54 53.92
C GLU A 227 34.29 49.00 55.34
N LYS A 228 34.08 49.89 56.30
CA LYS A 228 34.23 49.53 57.71
C LYS A 228 32.97 49.86 58.51
N LEU A 229 32.45 48.87 59.23
CA LEU A 229 31.17 49.03 59.90
C LEU A 229 31.34 49.40 61.35
N PHE A 230 30.33 50.05 61.90
CA PHE A 230 30.28 50.26 63.32
C PHE A 230 28.84 50.40 63.72
N ALA A 231 28.58 50.05 64.98
CA ALA A 231 27.24 49.99 65.50
C ALA A 231 27.28 49.92 67.02
N PHE A 232 26.12 50.08 67.63
CA PHE A 232 25.97 50.08 69.08
C PHE A 232 24.47 50.07 69.38
N ASP A 233 24.10 49.89 70.64
CA ASP A 233 22.72 50.01 71.06
C ASP A 233 22.52 51.20 72.01
N TYR A 234 21.30 51.74 72.08
CA TYR A 234 20.94 52.71 73.11
C TYR A 234 20.15 52.01 74.20
N THR A 235 20.16 52.59 75.39
CA THR A 235 19.24 52.19 76.44
C THR A 235 18.23 53.30 76.57
N GLY A 236 16.95 52.95 76.60
CA GLY A 236 15.89 53.94 76.65
C GLY A 236 16.21 55.11 75.74
N TYR A 237 16.07 54.89 74.44
CA TYR A 237 16.43 55.91 73.46
C TYR A 237 15.44 57.07 73.43
N ASP A 238 14.19 56.76 73.13
CA ASP A 238 13.18 57.79 72.91
C ASP A 238 13.05 58.63 74.16
N ALA A 239 12.97 57.97 75.30
CA ALA A 239 12.88 58.64 76.60
C ALA A 239 14.16 59.38 77.02
N SER A 240 15.31 59.05 76.44
CA SER A 240 16.56 59.74 76.76
C SER A 240 16.76 60.95 75.86
N LEU A 241 15.84 61.19 74.94
CA LEU A 241 15.95 62.31 74.03
C LEU A 241 15.72 63.61 74.77
N SER A 242 16.69 64.51 74.68
CA SER A 242 16.61 65.79 75.36
C SER A 242 16.14 66.84 74.36
N PRO A 243 15.47 67.89 74.86
CA PRO A 243 14.94 68.98 74.03
C PRO A 243 15.89 69.48 72.91
N ALA A 244 17.19 69.44 73.15
CA ALA A 244 18.16 69.91 72.14
C ALA A 244 18.07 69.11 70.85
N TRP A 245 17.79 67.83 70.97
CA TRP A 245 17.66 66.97 69.80
C TRP A 245 16.43 67.36 69.00
N PHE A 246 15.34 67.65 69.71
CA PHE A 246 14.11 68.09 69.08
C PHE A 246 14.28 69.45 68.40
N GLU A 247 15.00 70.35 69.04
CA GLU A 247 15.25 71.64 68.42
C GLU A 247 15.99 71.41 67.13
N ALA A 248 16.90 70.43 67.15
CA ALA A 248 17.78 70.21 66.01
C ALA A 248 16.98 69.54 64.90
N LEU A 249 15.96 68.81 65.31
CA LEU A 249 15.00 68.22 64.37
C LEU A 249 14.27 69.36 63.62
N LYS A 250 13.72 70.28 64.41
CA LYS A 250 13.10 71.50 63.89
C LYS A 250 14.04 72.23 62.94
N MET A 251 15.33 72.29 63.28
CA MET A 251 16.30 72.93 62.40
C MET A 251 16.45 72.23 61.05
N VAL A 252 16.45 70.90 61.05
CA VAL A 252 16.44 70.16 59.81
C VAL A 252 15.14 70.44 59.06
N LEU A 253 14.03 70.50 59.80
CA LEU A 253 12.73 70.78 59.18
C LEU A 253 12.63 72.18 58.54
N GLU A 254 13.01 73.22 59.27
CA GLU A 254 13.15 74.54 58.65
C GLU A 254 14.00 74.43 57.37
N LYS A 255 15.12 73.75 57.48
CA LYS A 255 16.10 73.72 56.41
C LYS A 255 15.61 73.02 55.15
N ILE A 256 14.78 71.99 55.29
CA ILE A 256 14.25 71.33 54.10
C ILE A 256 12.91 71.87 53.64
N GLY A 257 12.38 72.86 54.36
CA GLY A 257 11.25 73.59 53.84
C GLY A 257 9.95 73.36 54.56
N PHE A 258 10.04 72.89 55.80
CA PHE A 258 8.86 72.63 56.65
C PHE A 258 8.79 73.63 57.81
N GLY A 259 9.52 74.74 57.69
CA GLY A 259 9.69 75.70 58.76
C GLY A 259 8.39 76.08 59.44
N ASP A 260 7.36 76.26 58.62
CA ASP A 260 6.08 76.74 59.10
C ASP A 260 5.31 75.80 60.01
N ARG A 261 5.68 74.51 60.05
CA ARG A 261 5.00 73.61 60.97
C ARG A 261 5.90 72.92 62.01
N VAL A 262 6.99 73.59 62.38
CA VAL A 262 7.91 73.04 63.36
C VAL A 262 7.36 73.18 64.76
N ASP A 263 6.29 73.96 64.89
CA ASP A 263 5.60 74.06 66.16
C ASP A 263 4.98 72.72 66.54
N TYR A 264 4.71 71.88 65.55
CA TYR A 264 4.17 70.55 65.80
C TYR A 264 5.16 69.79 66.64
N ILE A 265 6.46 70.02 66.39
CA ILE A 265 7.47 69.27 67.12
C ILE A 265 7.47 69.60 68.61
N ASP A 266 7.21 70.86 68.93
CA ASP A 266 7.14 71.31 70.32
C ASP A 266 6.11 70.49 71.09
N TYR A 267 5.04 70.12 70.41
CA TYR A 267 3.96 69.36 71.04
C TYR A 267 4.36 67.90 71.32
N LEU A 268 5.32 67.39 70.56
CA LEU A 268 5.90 66.10 70.87
C LEU A 268 6.81 66.19 72.10
N ASN A 269 7.21 67.42 72.43
CA ASN A 269 8.03 67.71 73.63
C ASN A 269 7.24 67.94 74.90
N HIS A 270 6.38 68.96 74.88
CA HIS A 270 5.55 69.22 76.03
C HIS A 270 4.24 68.46 75.84
N SER A 271 4.23 67.24 76.36
CA SER A 271 3.10 66.33 76.16
C SER A 271 2.37 65.98 77.44
N HIS A 272 1.04 65.93 77.35
CA HIS A 272 0.23 65.56 78.49
C HIS A 272 -0.35 64.20 78.24
N HIS A 273 -0.12 63.30 79.19
CA HIS A 273 -0.56 61.94 79.09
C HIS A 273 -1.59 61.69 80.17
N LEU A 274 -2.62 60.91 79.84
CA LEU A 274 -3.60 60.44 80.81
C LEU A 274 -3.40 58.95 80.96
N TYR A 275 -2.94 58.50 82.12
CA TYR A 275 -2.78 57.07 82.34
C TYR A 275 -3.67 56.58 83.47
N LYS A 276 -4.84 56.04 83.11
CA LYS A 276 -5.71 55.53 84.13
C LYS A 276 -6.18 56.70 85.00
N ASN A 277 -6.16 56.51 86.33
CA ASN A 277 -6.77 57.47 87.26
C ASN A 277 -5.96 58.74 87.49
N LYS A 278 -5.23 59.18 86.47
CA LYS A 278 -4.31 60.30 86.64
C LYS A 278 -4.13 61.16 85.40
N THR A 279 -3.06 61.94 85.42
CA THR A 279 -2.61 62.77 84.31
C THR A 279 -1.20 63.14 84.67
N TYR A 280 -0.30 63.15 83.68
CA TYR A 280 1.03 63.73 83.88
C TYR A 280 1.49 64.58 82.71
N CYS A 281 2.73 65.08 82.79
CA CYS A 281 3.26 65.99 81.78
C CYS A 281 4.76 65.79 81.63
N VAL A 282 5.21 65.59 80.39
CA VAL A 282 6.60 65.23 80.13
C VAL A 282 7.29 66.36 79.36
N LYS A 283 8.61 66.45 79.49
CA LYS A 283 9.39 67.47 78.81
C LYS A 283 10.50 66.82 78.00
N GLY A 284 10.44 66.98 76.69
CA GLY A 284 11.32 66.22 75.83
C GLY A 284 10.74 64.83 75.70
N GLY A 285 11.58 63.85 75.35
CA GLY A 285 11.11 62.51 75.08
C GLY A 285 10.11 62.46 73.94
N MET A 286 10.19 61.45 73.08
CA MET A 286 9.22 61.35 71.99
C MET A 286 8.15 60.29 72.20
N PRO A 287 6.88 60.73 72.28
CA PRO A 287 5.78 59.78 72.52
C PRO A 287 5.73 58.72 71.42
N SER A 288 5.75 57.43 71.78
CA SER A 288 5.81 56.36 70.81
C SER A 288 4.56 56.25 69.90
N GLY A 289 3.37 56.39 70.48
CA GLY A 289 2.16 56.28 69.72
C GLY A 289 1.76 57.52 68.93
N CYS A 290 2.73 58.35 68.56
CA CYS A 290 2.42 59.52 67.75
C CYS A 290 2.67 59.36 66.27
N SER A 291 2.18 60.33 65.50
CA SER A 291 2.34 60.22 64.05
C SER A 291 3.72 60.68 63.69
N GLY A 292 4.40 59.87 62.89
CA GLY A 292 5.72 60.23 62.44
C GLY A 292 6.84 59.89 63.40
N THR A 293 6.53 59.39 64.58
CA THR A 293 7.61 59.05 65.50
C THR A 293 8.66 58.21 64.82
N SER A 294 8.22 57.23 64.06
CA SER A 294 9.17 56.36 63.38
C SER A 294 10.15 57.11 62.49
N ILE A 295 9.67 58.06 61.71
CA ILE A 295 10.58 58.89 60.90
C ILE A 295 11.44 59.85 61.74
N PHE A 296 10.81 60.59 62.63
CA PHE A 296 11.52 61.52 63.49
C PHE A 296 12.60 60.84 64.31
N ASN A 297 12.31 59.68 64.92
CA ASN A 297 13.37 58.95 65.62
C ASN A 297 14.53 58.56 64.70
N SER A 298 14.23 58.08 63.50
CA SER A 298 15.28 57.79 62.54
C SER A 298 16.09 59.01 62.17
N MET A 299 15.43 60.16 62.05
CA MET A 299 16.08 61.40 61.64
C MET A 299 17.03 61.90 62.74
N ILE A 300 16.53 61.91 63.97
CA ILE A 300 17.35 62.29 65.09
C ILE A 300 18.57 61.37 65.16
N ASN A 301 18.32 60.06 65.11
CA ASN A 301 19.41 59.10 65.10
C ASN A 301 20.50 59.54 64.13
N ASN A 302 20.12 60.00 62.95
CA ASN A 302 21.08 60.51 61.96
C ASN A 302 21.84 61.75 62.42
N LEU A 303 21.22 62.52 63.31
CA LEU A 303 21.79 63.75 63.84
C LEU A 303 22.74 63.39 64.96
N ILE A 304 22.25 62.56 65.87
CA ILE A 304 23.10 61.98 66.89
C ILE A 304 24.42 61.39 66.37
N ILE A 305 24.35 60.55 65.35
CA ILE A 305 25.55 59.85 64.92
C ILE A 305 26.52 60.81 64.24
N ARG A 306 26.00 61.72 63.43
CA ARG A 306 26.82 62.77 62.86
C ARG A 306 27.51 63.60 63.95
N THR A 307 26.76 63.96 64.98
CA THR A 307 27.28 64.78 66.06
C THR A 307 28.50 64.16 66.72
N LEU A 308 28.39 62.87 67.04
CA LEU A 308 29.44 62.19 67.79
C LEU A 308 30.66 61.93 66.93
N LEU A 309 30.46 61.61 65.66
CA LEU A 309 31.61 61.44 64.78
C LEU A 309 32.42 62.76 64.64
N LEU A 310 31.73 63.89 64.71
CA LEU A 310 32.38 65.21 64.63
C LEU A 310 33.07 65.56 65.95
N LYS A 311 32.43 65.22 67.06
CA LYS A 311 33.01 65.42 68.38
C LYS A 311 34.30 64.59 68.53
N THR A 312 34.18 63.30 68.27
CA THR A 312 35.22 62.33 68.54
C THR A 312 36.36 62.42 67.53
N TYR A 313 36.04 62.19 66.26
CA TYR A 313 37.06 62.13 65.23
C TYR A 313 37.25 63.46 64.50
N LYS A 314 38.05 64.34 65.08
CA LYS A 314 38.31 65.62 64.46
C LYS A 314 38.64 65.40 62.99
N GLY A 315 38.14 66.29 62.14
CA GLY A 315 38.42 66.23 60.71
C GLY A 315 37.71 65.15 59.93
N ILE A 316 36.90 64.32 60.60
CA ILE A 316 36.14 63.27 59.90
C ILE A 316 35.28 63.85 58.79
N ASP A 317 35.23 63.14 57.66
CA ASP A 317 34.43 63.57 56.52
C ASP A 317 33.07 62.87 56.49
N LEU A 318 32.02 63.68 56.67
CA LEU A 318 30.67 63.15 56.76
C LEU A 318 30.11 62.70 55.42
N ASP A 319 30.74 63.13 54.33
CA ASP A 319 30.36 62.62 53.01
C ASP A 319 30.73 61.17 52.77
N HIS A 320 31.48 60.59 53.70
CA HIS A 320 31.84 59.17 53.62
C HIS A 320 31.22 58.38 54.78
N LEU A 321 30.31 59.03 55.49
CA LEU A 321 29.44 58.29 56.38
C LEU A 321 28.25 57.70 55.58
N LYS A 322 28.01 56.41 55.77
CA LYS A 322 26.89 55.73 55.15
C LYS A 322 26.22 55.01 56.29
N MET A 323 25.01 55.46 56.63
CA MET A 323 24.21 54.89 57.72
C MET A 323 22.71 54.74 57.38
N ILE A 324 22.10 53.69 57.95
CA ILE A 324 20.69 53.46 57.75
C ILE A 324 20.12 53.22 59.12
N ALA A 325 19.12 54.02 59.47
CA ALA A 325 18.48 53.90 60.75
C ALA A 325 17.00 53.44 60.61
N TYR A 326 16.52 52.76 61.65
CA TYR A 326 15.10 52.53 61.84
C TYR A 326 14.77 52.93 63.28
N GLY A 327 14.36 54.18 63.48
CA GLY A 327 14.20 54.67 64.84
C GLY A 327 15.55 54.57 65.54
N ASP A 328 15.61 53.95 66.70
CA ASP A 328 16.90 53.89 67.37
C ASP A 328 17.87 52.88 66.73
N ASP A 329 17.35 51.96 65.93
CA ASP A 329 18.19 50.94 65.37
C ASP A 329 18.97 51.56 64.24
N VAL A 330 20.20 51.09 64.07
CA VAL A 330 21.09 51.65 63.06
C VAL A 330 22.23 50.70 62.72
N ILE A 331 22.52 50.60 61.41
CA ILE A 331 23.75 50.01 60.91
C ILE A 331 24.52 51.16 60.22
N ALA A 332 25.81 51.27 60.50
CA ALA A 332 26.63 52.38 59.98
C ALA A 332 27.99 51.92 59.45
N SER A 333 28.51 52.64 58.48
CA SER A 333 29.82 52.36 57.93
C SER A 333 30.64 53.65 57.73
N TYR A 334 31.89 53.48 57.31
CA TYR A 334 32.85 54.57 57.07
C TYR A 334 34.10 53.95 56.44
N PRO A 335 34.81 54.71 55.59
CA PRO A 335 35.92 54.13 54.82
C PRO A 335 37.09 53.67 55.70
N HIS A 336 37.21 54.28 56.88
CA HIS A 336 38.20 53.86 57.85
C HIS A 336 37.47 53.56 59.14
N GLU A 337 38.10 52.77 60.00
CA GLU A 337 37.48 52.26 61.22
C GLU A 337 37.21 53.34 62.26
N VAL A 338 36.04 53.24 62.88
CA VAL A 338 35.67 54.11 63.99
C VAL A 338 35.25 53.29 65.21
N ASP A 339 35.68 53.76 66.38
CA ASP A 339 35.58 53.03 67.63
C ASP A 339 34.27 53.42 68.31
N ALA A 340 33.41 52.44 68.58
CA ALA A 340 32.10 52.74 69.12
C ALA A 340 32.17 53.09 70.60
N SER A 341 33.23 52.61 71.24
CA SER A 341 33.47 52.91 72.65
C SER A 341 33.79 54.38 72.79
N LEU A 342 34.44 54.95 71.78
CA LEU A 342 34.78 56.37 71.81
C LEU A 342 33.53 57.18 71.48
N LEU A 343 32.71 56.65 70.56
CA LEU A 343 31.42 57.26 70.26
C LEU A 343 30.46 57.18 71.45
N ALA A 344 30.45 56.05 72.14
CA ALA A 344 29.65 55.90 73.36
C ALA A 344 30.10 56.92 74.40
N GLN A 345 31.40 57.18 74.45
CA GLN A 345 31.98 58.16 75.38
C GLN A 345 31.36 59.56 75.22
N SER A 346 31.55 60.14 74.05
CA SER A 346 30.97 61.43 73.68
C SER A 346 29.44 61.40 73.86
N GLY A 347 28.87 60.20 73.73
CA GLY A 347 27.43 60.04 73.85
C GLY A 347 26.94 60.49 75.21
N LYS A 348 27.64 60.02 76.24
CA LYS A 348 27.35 60.33 77.63
C LYS A 348 26.94 61.79 77.86
N ASP A 349 27.61 62.69 77.16
CA ASP A 349 27.46 64.12 77.40
C ASP A 349 26.25 64.75 76.72
N TYR A 350 25.53 63.96 75.94
CA TYR A 350 24.28 64.44 75.34
C TYR A 350 23.09 63.65 75.87
N GLY A 351 23.26 62.97 77.00
CA GLY A 351 22.16 62.22 77.59
C GLY A 351 21.97 60.84 76.96
N LEU A 352 22.82 60.52 76.00
CA LEU A 352 22.72 59.25 75.29
C LEU A 352 23.46 58.12 76.00
N THR A 353 22.77 57.01 76.19
CA THR A 353 23.36 55.82 76.79
C THR A 353 23.65 54.74 75.73
N MET A 354 24.91 54.60 75.34
CA MET A 354 25.28 53.67 74.28
C MET A 354 26.06 52.44 74.74
N THR A 355 25.56 51.27 74.33
CA THR A 355 26.16 50.01 74.70
C THR A 355 26.56 49.19 73.45
N PRO A 356 27.46 48.20 73.62
CA PRO A 356 27.91 47.40 72.48
C PRO A 356 26.73 46.74 71.77
N ALA A 357 26.85 46.60 70.46
CA ALA A 357 25.77 46.03 69.67
C ALA A 357 25.38 44.64 70.15
N ASP A 358 24.09 44.40 70.29
CA ASP A 358 23.57 43.07 70.57
C ASP A 358 23.92 42.57 71.97
N LYS A 359 23.89 43.47 72.94
CA LYS A 359 23.99 43.09 74.34
C LYS A 359 25.30 42.38 74.70
N SER A 360 26.29 42.44 73.81
CA SER A 360 27.63 41.94 74.13
C SER A 360 28.24 42.77 75.26
N ALA A 361 29.07 42.13 76.08
CA ALA A 361 29.58 42.81 77.28
C ALA A 361 30.64 43.83 76.95
N THR A 362 31.35 43.60 75.85
CA THR A 362 32.41 44.51 75.44
C THR A 362 32.17 45.04 74.03
N PHE A 363 32.76 46.20 73.73
CA PHE A 363 32.68 46.77 72.39
C PHE A 363 33.64 46.04 71.48
N GLU A 364 33.14 45.45 70.41
CA GLU A 364 34.04 44.71 69.51
C GLU A 364 33.87 45.09 68.05
N THR A 365 34.88 44.77 67.26
CA THR A 365 34.82 45.09 65.84
C THR A 365 33.53 44.55 65.26
N VAL A 366 32.76 45.42 64.64
CA VAL A 366 31.51 45.01 64.02
C VAL A 366 31.82 44.56 62.63
N THR A 367 31.39 43.34 62.32
CA THR A 367 31.71 42.67 61.08
C THR A 367 30.46 42.15 60.38
N TRP A 368 30.53 42.04 59.06
CA TRP A 368 29.42 41.44 58.31
C TRP A 368 28.97 40.11 58.89
N GLU A 369 29.70 39.62 59.89
CA GLU A 369 29.41 38.33 60.48
C GLU A 369 28.58 38.48 61.74
N ASN A 370 28.78 39.56 62.47
CA ASN A 370 28.11 39.75 63.74
C ASN A 370 27.09 40.90 63.74
N VAL A 371 27.06 41.65 62.65
CA VAL A 371 26.23 42.84 62.57
C VAL A 371 24.77 42.46 62.49
N THR A 372 23.93 43.19 63.20
CA THR A 372 22.51 42.99 63.06
C THR A 372 21.74 44.29 62.86
N PHE A 373 20.67 44.20 62.08
CA PHE A 373 19.74 45.29 61.87
C PHE A 373 18.33 44.70 61.88
N LEU A 374 17.38 45.39 62.49
CA LEU A 374 16.02 44.87 62.57
C LEU A 374 16.01 43.41 63.03
N LYS A 375 16.92 43.12 63.95
CA LYS A 375 17.08 41.80 64.58
C LYS A 375 17.51 40.69 63.63
N ARG A 376 17.98 41.04 62.44
CA ARG A 376 18.40 40.00 61.50
C ARG A 376 19.88 40.07 61.21
N PHE A 377 20.47 38.90 60.95
CA PHE A 377 21.85 38.82 60.54
C PHE A 377 21.93 38.92 59.02
N PHE A 378 23.15 39.02 58.52
CA PHE A 378 23.40 39.12 57.09
C PHE A 378 24.23 37.90 56.68
N ARG A 379 23.73 37.14 55.70
CA ARG A 379 24.45 35.95 55.27
C ARG A 379 24.30 35.76 53.79
N ALA A 380 25.43 35.80 53.10
CA ALA A 380 25.44 35.62 51.66
C ALA A 380 24.91 34.25 51.29
N ASP A 381 24.10 34.22 50.25
CA ASP A 381 23.64 32.95 49.74
C ASP A 381 24.87 32.15 49.30
N GLU A 382 24.84 30.84 49.52
CA GLU A 382 25.97 30.01 49.13
C GLU A 382 26.04 29.90 47.63
N LYS A 383 24.88 29.83 46.99
CA LYS A 383 24.80 29.69 45.56
C LYS A 383 25.05 31.05 44.85
N TYR A 384 24.42 32.11 45.33
CA TYR A 384 24.59 33.42 44.74
C TYR A 384 25.07 34.44 45.76
N PRO A 385 26.40 34.63 45.88
CA PRO A 385 27.06 35.45 46.88
C PRO A 385 26.57 36.89 46.94
N PHE A 386 26.13 37.45 45.83
CA PHE A 386 25.66 38.84 45.84
C PHE A 386 24.29 39.04 46.53
N LEU A 387 23.49 37.97 46.58
CA LEU A 387 22.20 38.02 47.28
C LEU A 387 22.33 37.68 48.77
N ILE A 388 21.84 38.57 49.63
CA ILE A 388 22.02 38.39 51.07
C ILE A 388 20.71 38.03 51.77
N HIS A 389 20.80 37.05 52.68
CA HIS A 389 19.68 36.60 53.49
C HIS A 389 19.59 37.42 54.75
N PRO A 390 18.36 37.87 55.09
CA PRO A 390 18.14 38.43 56.43
C PRO A 390 17.93 37.25 57.37
N VAL A 391 18.86 37.03 58.30
CA VAL A 391 18.80 35.82 59.09
C VAL A 391 18.43 36.13 60.54
N MET A 392 17.16 35.93 60.85
CA MET A 392 16.65 36.09 62.21
C MET A 392 16.78 34.76 62.95
N PRO A 393 17.35 34.80 64.16
CA PRO A 393 17.63 33.54 64.82
C PRO A 393 16.37 32.81 65.24
N MET A 394 16.44 31.48 65.19
CA MET A 394 15.31 30.64 65.57
C MET A 394 14.82 30.95 66.98
N LYS A 395 15.73 31.36 67.84
CA LYS A 395 15.40 31.61 69.24
C LYS A 395 14.11 32.41 69.37
N GLU A 396 13.97 33.45 68.55
CA GLU A 396 12.87 34.38 68.74
C GLU A 396 11.65 33.91 68.00
N ILE A 397 11.86 33.05 67.02
CA ILE A 397 10.73 32.50 66.31
C ILE A 397 10.11 31.44 67.22
N HIS A 398 10.97 30.80 68.01
CA HIS A 398 10.50 29.83 68.99
C HIS A 398 9.67 30.49 70.08
N GLU A 399 10.10 31.65 70.57
CA GLU A 399 9.32 32.40 71.55
C GLU A 399 7.92 32.78 71.02
N SER A 400 7.88 33.29 69.79
CA SER A 400 6.64 33.74 69.19
C SER A 400 5.61 32.61 69.07
N ILE A 401 6.07 31.46 68.61
CA ILE A 401 5.19 30.36 68.25
C ILE A 401 4.51 29.71 69.46
N ARG A 402 5.13 29.85 70.63
CA ARG A 402 4.65 29.25 71.88
C ARG A 402 3.44 29.99 72.43
N TRP A 403 3.05 31.07 71.76
CA TRP A 403 1.90 31.87 72.19
C TRP A 403 0.99 32.25 71.03
N THR A 404 -0.26 32.58 71.37
CA THR A 404 -1.25 33.07 70.41
C THR A 404 -2.17 34.09 71.11
N LYS A 405 -2.69 35.04 70.34
CA LYS A 405 -3.66 36.02 70.86
C LYS A 405 -5.06 35.53 70.52
N ASP A 406 -5.11 34.55 69.65
CA ASP A 406 -6.34 33.94 69.20
C ASP A 406 -6.01 32.72 68.33
N PRO A 407 -6.21 31.51 68.88
CA PRO A 407 -5.85 30.27 68.17
C PRO A 407 -6.45 30.22 66.79
N ARG A 408 -7.48 31.02 66.54
CA ARG A 408 -8.02 31.14 65.19
C ARG A 408 -6.97 31.52 64.14
N ASN A 409 -5.82 31.98 64.63
CA ASN A 409 -4.80 32.58 63.77
C ASN A 409 -3.63 31.65 63.45
N THR A 410 -3.65 30.45 64.02
CA THR A 410 -2.53 29.54 63.97
C THR A 410 -1.91 29.33 62.58
N GLN A 411 -2.76 29.20 61.58
CA GLN A 411 -2.24 28.99 60.26
C GLN A 411 -1.39 30.21 59.87
N ASP A 412 -2.00 31.39 59.87
CA ASP A 412 -1.30 32.61 59.46
C ASP A 412 -0.03 32.81 60.26
N HIS A 413 -0.18 32.69 61.56
CA HIS A 413 0.90 32.96 62.49
C HIS A 413 2.09 32.08 62.12
N VAL A 414 1.91 30.77 62.22
CA VAL A 414 2.99 29.82 61.99
C VAL A 414 3.61 29.92 60.60
N ARG A 415 2.78 30.25 59.62
CA ARG A 415 3.29 30.32 58.28
C ARG A 415 4.13 31.61 58.15
N SER A 416 3.67 32.72 58.71
CA SER A 416 4.50 33.92 58.79
C SER A 416 5.87 33.70 59.45
N LEU A 417 5.93 32.92 60.52
CA LEU A 417 7.19 32.52 61.16
C LEU A 417 8.06 31.72 60.21
N CYS A 418 7.42 31.00 59.29
CA CYS A 418 8.16 30.19 58.33
C CYS A 418 8.95 31.07 57.38
N LEU A 419 8.40 32.26 57.10
CA LEU A 419 8.98 33.19 56.16
C LEU A 419 10.23 33.80 56.76
N LEU A 420 10.25 33.88 58.08
CA LEU A 420 11.39 34.43 58.81
C LEU A 420 12.44 33.34 59.00
N ALA A 421 12.00 32.10 59.19
CA ALA A 421 12.84 31.01 59.64
C ALA A 421 13.71 30.39 58.58
N TRP A 422 13.18 30.27 57.36
CA TRP A 422 13.86 29.51 56.31
C TRP A 422 15.19 30.11 55.91
N HIS A 423 15.35 31.40 56.15
CA HIS A 423 16.62 32.07 55.90
C HIS A 423 17.75 31.47 56.75
N ASN A 424 17.40 30.78 57.84
CA ASN A 424 18.38 30.09 58.66
C ASN A 424 19.00 28.85 57.99
N GLY A 425 18.49 28.50 56.81
CA GLY A 425 19.00 27.37 56.04
C GLY A 425 18.04 26.19 55.95
N GLU A 426 18.35 25.24 55.06
CA GLU A 426 17.42 24.14 54.77
C GLU A 426 17.37 23.12 55.87
N GLU A 427 18.49 22.93 56.55
CA GLU A 427 18.58 21.96 57.63
C GLU A 427 17.86 22.45 58.90
N GLU A 428 17.99 23.72 59.21
CA GLU A 428 17.29 24.30 60.36
C GLU A 428 15.80 24.45 60.06
N TYR A 429 15.47 24.84 58.84
CA TYR A 429 14.08 24.98 58.42
C TYR A 429 13.33 23.65 58.50
N ASN A 430 13.89 22.59 57.90
CA ASN A 430 13.22 21.29 57.91
C ASN A 430 13.03 20.72 59.31
N LYS A 431 13.92 21.07 60.22
CA LYS A 431 13.81 20.62 61.59
C LYS A 431 12.68 21.40 62.28
N PHE A 432 12.55 22.67 61.92
CA PHE A 432 11.43 23.49 62.36
C PHE A 432 10.09 22.81 62.01
N LEU A 433 9.86 22.54 60.72
CA LEU A 433 8.64 21.85 60.27
C LEU A 433 8.43 20.48 60.92
N ALA A 434 9.52 19.77 61.21
CA ALA A 434 9.41 18.49 61.92
C ALA A 434 8.72 18.78 63.25
N LYS A 435 9.34 19.59 64.09
CA LYS A 435 8.75 20.03 65.35
C LYS A 435 7.27 20.43 65.21
N ILE A 436 6.98 21.37 64.31
CA ILE A 436 5.60 21.85 64.16
C ILE A 436 4.69 20.64 63.95
N ARG A 437 5.12 19.74 63.08
CA ARG A 437 4.30 18.59 62.73
C ARG A 437 4.32 17.52 63.81
N SER A 438 5.06 17.78 64.88
CA SER A 438 5.19 16.79 65.94
C SER A 438 3.93 16.73 66.78
N VAL A 439 3.00 17.65 66.53
CA VAL A 439 1.69 17.61 67.19
C VAL A 439 0.56 17.67 66.16
N PRO A 440 -0.60 17.10 66.49
CA PRO A 440 -1.68 16.98 65.49
C PRO A 440 -2.06 18.31 64.84
N ILE A 441 -2.21 19.40 65.60
CA ILE A 441 -2.60 20.69 65.00
C ILE A 441 -1.60 21.12 63.92
N GLY A 442 -0.33 20.86 64.18
CA GLY A 442 0.72 21.12 63.20
C GLY A 442 0.53 20.41 61.87
N ARG A 443 -0.17 19.29 61.89
CA ARG A 443 -0.33 18.54 60.66
C ARG A 443 -1.56 19.03 59.96
N ALA A 444 -2.22 20.02 60.53
CA ALA A 444 -3.36 20.60 59.84
C ALA A 444 -2.94 21.83 59.08
N LEU A 445 -1.69 22.25 59.30
CA LEU A 445 -1.18 23.54 58.82
C LEU A 445 -0.47 23.40 57.47
N ASP A 446 -0.91 24.16 56.48
CA ASP A 446 -0.23 24.08 55.19
C ASP A 446 1.00 24.97 55.16
N LEU A 447 2.16 24.34 55.25
CA LEU A 447 3.44 25.01 55.32
C LEU A 447 4.27 24.82 54.03
N PRO A 448 4.95 25.87 53.56
CA PRO A 448 5.79 25.80 52.33
C PRO A 448 7.13 25.10 52.58
N GLU A 449 7.59 24.29 51.64
CA GLU A 449 8.90 23.66 51.83
C GLU A 449 10.02 24.66 51.49
N TYR A 450 11.21 24.38 52.01
CA TYR A 450 12.40 25.17 51.70
C TYR A 450 12.46 25.60 50.22
N SER A 451 12.46 24.63 49.34
CA SER A 451 12.74 24.89 47.94
C SER A 451 11.72 25.85 47.34
N THR A 452 10.50 25.87 47.85
CA THR A 452 9.54 26.82 47.30
C THR A 452 9.91 28.24 47.74
N LEU A 453 10.24 28.42 49.01
CA LEU A 453 10.61 29.74 49.53
C LEU A 453 11.88 30.28 48.88
N TYR A 454 12.87 29.39 48.74
CA TYR A 454 14.14 29.71 48.09
C TYR A 454 13.92 30.22 46.66
N ARG A 455 13.18 29.46 45.90
CA ARG A 455 12.89 29.84 44.53
C ARG A 455 12.10 31.12 44.52
N ARG A 456 11.20 31.27 45.49
CA ARG A 456 10.37 32.47 45.60
C ARG A 456 11.25 33.72 45.74
N TRP A 457 12.28 33.56 46.58
CA TRP A 457 13.20 34.63 46.91
C TRP A 457 14.00 34.99 45.68
N LEU A 458 14.77 34.04 45.15
CA LEU A 458 15.50 34.25 43.90
C LEU A 458 14.65 34.94 42.83
N ASP A 459 13.46 34.42 42.59
CA ASP A 459 12.57 35.07 41.63
C ASP A 459 12.28 36.52 41.99
N SER A 460 12.25 36.84 43.27
CA SER A 460 11.76 38.15 43.67
C SER A 460 12.76 39.27 43.30
N PHE A 461 13.94 38.85 42.87
CA PHE A 461 14.97 39.77 42.47
C PHE A 461 14.88 40.15 40.99
N GLY E 1 -11.25 17.45 -16.94
CA GLY E 1 -11.89 16.36 -16.22
C GLY E 1 -12.83 15.59 -17.11
N GLU E 2 -12.95 14.29 -16.89
CA GLU E 2 -13.82 13.49 -17.72
C GLU E 2 -14.02 12.09 -17.17
N ILE E 3 -15.26 11.62 -17.21
CA ILE E 3 -15.59 10.27 -16.78
C ILE E 3 -15.09 9.25 -17.79
N GLN E 4 -14.77 8.05 -17.29
CA GLN E 4 -14.27 6.99 -18.16
C GLN E 4 -15.23 5.82 -18.15
N TRP E 5 -16.15 5.79 -17.17
CA TRP E 5 -17.19 4.78 -17.15
C TRP E 5 -18.05 4.82 -15.90
N MET E 6 -19.15 4.07 -15.91
CA MET E 6 -20.03 3.93 -14.76
C MET E 6 -20.66 2.56 -14.80
N ARG E 7 -20.87 1.95 -13.63
CA ARG E 7 -21.41 0.61 -13.57
C ARG E 7 -21.70 0.17 -12.14
N PRO E 8 -22.79 -0.58 -11.95
CA PRO E 8 -23.11 -1.16 -10.64
C PRO E 8 -21.83 -1.59 -9.95
N SER E 9 -21.59 -1.07 -8.76
CA SER E 9 -20.34 -1.38 -8.09
C SER E 9 -20.26 -2.87 -7.83
N LYS E 10 -21.41 -3.55 -7.91
CA LYS E 10 -21.47 -5.00 -7.76
C LYS E 10 -20.51 -5.64 -8.76
N GLU E 11 -20.55 -5.10 -9.97
CA GLU E 11 -19.73 -5.60 -11.07
C GLU E 11 -18.25 -5.61 -10.71
N VAL E 12 -17.83 -4.69 -9.85
CA VAL E 12 -16.43 -4.54 -9.50
C VAL E 12 -16.12 -4.92 -8.03
N GLY E 13 -17.14 -5.40 -7.32
CA GLY E 13 -16.96 -5.87 -5.94
C GLY E 13 -16.92 -4.77 -4.88
N TYR E 14 -17.71 -3.72 -5.09
CA TYR E 14 -17.79 -2.62 -4.13
C TYR E 14 -19.17 -2.52 -3.51
N PRO E 15 -19.25 -2.12 -2.24
CA PRO E 15 -20.55 -2.05 -1.57
C PRO E 15 -21.39 -0.97 -2.19
N ILE E 16 -22.69 -1.05 -1.98
CA ILE E 16 -23.55 0.07 -2.28
C ILE E 16 -23.37 0.97 -1.07
N ILE E 17 -23.46 2.29 -1.28
CA ILE E 17 -23.29 3.23 -0.18
C ILE E 17 -24.51 4.10 -0.03
N ASN E 18 -24.96 4.24 1.21
CA ASN E 18 -26.26 4.83 1.49
C ASN E 18 -26.19 6.30 1.82
N ALA E 19 -26.21 7.14 0.79
CA ALA E 19 -26.33 8.58 1.00
C ALA E 19 -27.59 8.86 1.82
N PRO E 20 -27.56 9.91 2.65
CA PRO E 20 -28.82 10.40 3.25
C PRO E 20 -29.52 11.23 2.19
N SER E 21 -30.80 11.52 2.36
CA SER E 21 -31.54 12.14 1.25
C SER E 21 -32.40 13.33 1.62
N LYS E 22 -32.47 13.65 2.91
CA LYS E 22 -33.21 14.83 3.33
C LYS E 22 -32.23 15.96 3.65
N THR E 23 -32.55 17.17 3.20
CA THR E 23 -31.76 18.34 3.58
C THR E 23 -31.77 18.45 5.07
N LYS E 24 -30.82 19.21 5.61
CA LYS E 24 -30.77 19.41 7.04
C LYS E 24 -31.06 20.87 7.34
N LEU E 25 -31.16 21.65 6.27
CA LEU E 25 -31.53 23.06 6.37
C LEU E 25 -33.04 23.26 6.51
N GLU E 26 -33.45 23.89 7.60
CA GLU E 26 -34.85 24.30 7.77
C GLU E 26 -34.95 25.82 7.91
N PRO E 27 -36.15 26.37 7.68
CA PRO E 27 -36.34 27.82 7.84
C PRO E 27 -36.01 28.32 9.25
N SER E 28 -35.53 29.56 9.28
CA SER E 28 -35.03 30.20 10.48
C SER E 28 -36.12 31.00 11.19
N ALA E 29 -35.84 31.38 12.42
CA ALA E 29 -36.69 32.32 13.11
C ALA E 29 -36.71 33.63 12.31
N PHE E 30 -35.78 33.75 11.37
CA PHE E 30 -35.62 35.00 10.65
C PHE E 30 -35.92 34.82 9.17
N HIS E 31 -36.69 33.79 8.84
CA HIS E 31 -36.92 33.43 7.45
C HIS E 31 -37.77 34.47 6.74
N TYR E 32 -38.59 35.19 7.49
CA TYR E 32 -39.50 36.16 6.88
C TYR E 32 -39.07 37.59 7.18
N VAL E 33 -38.35 37.78 8.29
CA VAL E 33 -37.75 39.08 8.53
C VAL E 33 -36.95 39.50 7.30
N PHE E 34 -36.08 38.61 6.82
CA PHE E 34 -35.13 38.95 5.74
C PHE E 34 -35.52 38.28 4.45
N GLU E 35 -35.26 38.97 3.35
CA GLU E 35 -35.55 38.46 2.02
C GLU E 35 -34.42 37.55 1.50
N GLY E 36 -34.70 36.72 0.50
CA GLY E 36 -33.69 35.86 -0.10
C GLY E 36 -34.23 34.97 -1.21
N VAL E 37 -33.35 34.46 -2.06
CA VAL E 37 -33.78 33.62 -3.17
C VAL E 37 -33.28 32.19 -3.08
N LYS E 38 -32.36 31.92 -2.16
CA LYS E 38 -31.76 30.60 -2.09
C LYS E 38 -32.53 29.67 -1.18
N GLU E 39 -32.38 28.37 -1.48
CA GLU E 39 -32.98 27.29 -0.72
C GLU E 39 -32.11 26.05 -0.88
N PRO E 40 -32.29 25.06 0.01
CA PRO E 40 -31.44 23.86 -0.02
C PRO E 40 -31.33 23.29 -1.42
N ALA E 41 -30.18 22.71 -1.75
CA ALA E 41 -29.96 22.23 -3.10
C ALA E 41 -30.53 20.81 -3.25
N VAL E 42 -30.74 20.40 -4.50
CA VAL E 42 -31.26 19.07 -4.77
C VAL E 42 -30.33 17.95 -4.28
N LEU E 43 -30.89 17.05 -3.45
CA LEU E 43 -30.15 15.91 -2.90
C LEU E 43 -30.46 14.59 -3.62
N THR E 44 -31.61 14.51 -4.27
CA THR E 44 -32.02 13.28 -4.95
C THR E 44 -32.61 13.56 -6.34
N LYS E 45 -32.84 12.49 -7.10
CA LYS E 45 -33.54 12.62 -8.40
C LYS E 45 -35.06 12.80 -8.23
N ASN E 46 -35.61 12.24 -7.16
CA ASN E 46 -37.02 12.39 -6.85
C ASN E 46 -37.34 13.72 -6.16
N ASP E 47 -36.77 14.80 -6.67
CA ASP E 47 -37.01 16.11 -6.09
C ASP E 47 -37.96 16.85 -7.00
N PRO E 48 -39.06 17.36 -6.43
CA PRO E 48 -40.14 18.06 -7.13
C PRO E 48 -39.66 19.27 -7.92
N ARG E 49 -38.66 19.96 -7.39
CA ARG E 49 -38.23 21.22 -7.97
C ARG E 49 -37.43 21.06 -9.25
N LEU E 50 -37.11 19.80 -9.59
CA LEU E 50 -36.25 19.53 -10.73
C LEU E 50 -36.87 19.88 -12.10
N LYS E 51 -36.13 20.65 -12.87
CA LYS E 51 -36.57 21.16 -14.17
C LYS E 51 -35.73 20.49 -15.29
N THR E 52 -35.21 19.31 -14.98
CA THR E 52 -34.24 18.62 -15.82
C THR E 52 -33.72 17.40 -15.07
N ASP E 53 -32.94 16.54 -15.73
CA ASP E 53 -32.50 15.30 -15.08
C ASP E 53 -31.33 15.51 -14.12
N PHE E 54 -31.43 14.91 -12.94
CA PHE E 54 -30.45 15.16 -11.89
C PHE E 54 -29.07 14.60 -12.21
N GLU E 55 -28.93 13.28 -12.12
CA GLU E 55 -27.62 12.66 -12.23
C GLU E 55 -26.90 13.16 -13.48
N GLU E 56 -27.66 13.57 -14.48
CA GLU E 56 -27.07 14.11 -15.70
C GLU E 56 -26.45 15.47 -15.42
N ALA E 57 -27.13 16.26 -14.59
CA ALA E 57 -26.70 17.62 -14.27
C ALA E 57 -25.50 17.67 -13.33
N ILE E 58 -25.45 16.79 -12.34
CA ILE E 58 -24.35 16.83 -11.38
C ILE E 58 -23.03 16.32 -11.98
N PHE E 59 -23.12 15.39 -12.92
CA PHE E 59 -21.92 14.88 -13.56
C PHE E 59 -21.59 15.70 -14.80
N SER E 60 -22.37 16.73 -15.05
CA SER E 60 -22.21 17.57 -16.23
C SER E 60 -20.89 18.34 -16.26
N LYS E 61 -20.26 18.52 -15.11
CA LYS E 61 -19.11 19.41 -15.02
C LYS E 61 -17.85 18.85 -15.68
N TYR E 62 -17.74 17.53 -15.74
CA TYR E 62 -16.60 16.88 -16.41
C TYR E 62 -16.59 17.14 -17.92
N VAL E 63 -16.03 18.28 -18.32
CA VAL E 63 -16.12 18.79 -19.69
C VAL E 63 -15.08 18.27 -20.69
N GLY E 64 -14.34 17.21 -20.33
CA GLY E 64 -13.30 16.68 -21.19
C GLY E 64 -11.92 17.29 -20.95
N ASN E 65 -10.90 16.75 -21.62
CA ASN E 65 -9.53 17.22 -21.46
C ASN E 65 -8.93 17.85 -22.72
N LYS E 66 -8.63 19.14 -22.64
CA LYS E 66 -8.07 19.85 -23.78
C LYS E 66 -6.59 19.55 -23.98
N ILE E 67 -5.85 19.33 -22.91
CA ILE E 67 -4.43 19.10 -23.03
C ILE E 67 -3.87 18.02 -22.11
N THR E 68 -2.65 17.59 -22.40
CA THR E 68 -1.99 16.49 -21.70
C THR E 68 -0.49 16.74 -21.67
N GLU E 69 -0.02 17.70 -22.45
CA GLU E 69 1.41 17.96 -22.55
C GLU E 69 1.73 19.31 -21.96
N VAL E 70 2.94 19.45 -21.45
CA VAL E 70 3.31 20.69 -20.82
C VAL E 70 4.12 21.52 -21.81
N ASP E 71 3.46 22.44 -22.52
CA ASP E 71 4.18 23.30 -23.45
C ASP E 71 5.16 24.21 -22.73
N GLU E 72 5.91 24.97 -23.51
CA GLU E 72 7.06 25.72 -22.98
C GLU E 72 6.72 26.97 -22.19
N TYR E 73 5.49 27.46 -22.31
CA TYR E 73 5.05 28.54 -21.43
C TYR E 73 4.74 27.96 -20.05
N MET E 74 3.96 26.90 -20.03
CA MET E 74 3.75 26.17 -18.78
C MET E 74 5.12 25.87 -18.14
N LYS E 75 6.04 25.34 -18.94
CA LYS E 75 7.37 24.99 -18.43
C LYS E 75 8.04 26.16 -17.77
N GLU E 76 7.91 27.34 -18.37
CA GLU E 76 8.50 28.54 -17.81
C GLU E 76 7.70 28.99 -16.59
N ALA E 77 6.38 28.84 -16.69
CA ALA E 77 5.50 29.07 -15.56
C ALA E 77 6.07 28.29 -14.37
N VAL E 78 6.03 26.96 -14.48
CA VAL E 78 6.67 26.06 -13.52
C VAL E 78 8.01 26.58 -12.99
N ASP E 79 8.90 26.97 -13.89
CA ASP E 79 10.23 27.32 -13.45
C ASP E 79 10.17 28.54 -12.59
N HIS E 80 9.29 29.47 -12.96
CA HIS E 80 9.17 30.73 -12.22
C HIS E 80 8.52 30.55 -10.84
N TYR E 81 7.42 29.80 -10.81
CA TYR E 81 6.75 29.52 -9.55
C TYR E 81 7.65 28.74 -8.58
N ALA E 82 8.26 27.66 -9.06
CA ALA E 82 9.10 26.83 -8.20
C ALA E 82 10.20 27.67 -7.60
N GLY E 83 10.66 28.65 -8.36
CA GLY E 83 11.75 29.49 -7.94
C GLY E 83 11.34 30.34 -6.78
N GLN E 84 10.07 30.75 -6.79
CA GLN E 84 9.52 31.58 -5.71
C GLN E 84 9.42 30.74 -4.43
N LEU E 85 8.83 29.56 -4.58
CA LEU E 85 8.62 28.69 -3.44
C LEU E 85 9.96 28.36 -2.78
N MET E 86 11.03 28.23 -3.59
CA MET E 86 12.34 27.86 -3.05
C MET E 86 12.82 28.86 -2.02
N SER E 87 12.35 30.11 -2.13
CA SER E 87 12.74 31.16 -1.17
C SER E 87 12.17 30.96 0.24
N LEU E 88 11.12 30.16 0.34
CA LEU E 88 10.50 29.87 1.62
C LEU E 88 11.24 28.79 2.42
N ASP E 89 12.14 28.07 1.77
CA ASP E 89 12.94 27.03 2.44
C ASP E 89 12.08 25.94 3.04
N ILE E 90 11.17 25.40 2.24
CA ILE E 90 10.23 24.43 2.72
C ILE E 90 10.89 23.11 3.10
N ASN E 91 10.73 22.71 4.35
CA ASN E 91 11.17 21.40 4.82
C ASN E 91 10.54 20.31 3.93
N THR E 92 11.39 19.49 3.32
CA THR E 92 10.93 18.53 2.32
C THR E 92 10.84 17.11 2.84
N GLU E 93 10.94 16.96 4.16
CA GLU E 93 10.87 15.62 4.72
C GLU E 93 9.44 15.11 4.91
N GLN E 94 9.31 13.78 4.93
CA GLN E 94 8.07 13.15 5.35
C GLN E 94 7.73 13.69 6.72
N MET E 95 6.44 13.78 7.01
CA MET E 95 5.95 14.13 8.34
C MET E 95 5.61 12.83 9.05
N CYS E 96 5.95 12.75 10.35
CA CYS E 96 5.73 11.50 11.09
C CYS E 96 4.24 11.19 11.14
N LEU E 97 3.92 9.91 11.16
CA LEU E 97 2.54 9.47 11.21
C LEU E 97 1.73 10.19 12.28
N GLU E 98 2.33 10.43 13.44
CA GLU E 98 1.64 11.08 14.55
C GLU E 98 1.27 12.54 14.21
N ASP E 99 2.20 13.27 13.61
CA ASP E 99 1.92 14.66 13.32
C ASP E 99 0.93 14.71 12.18
N ALA E 100 1.07 13.77 11.25
CA ALA E 100 0.20 13.78 10.10
C ALA E 100 -1.22 13.52 10.60
N MET E 101 -1.37 12.61 11.56
CA MET E 101 -2.67 12.36 12.16
C MET E 101 -3.16 13.50 13.09
N TYR E 102 -2.29 13.93 14.00
CA TYR E 102 -2.75 14.75 15.11
C TYR E 102 -2.40 16.22 15.02
N GLY E 103 -1.52 16.58 14.09
CA GLY E 103 -1.18 17.97 13.93
C GLY E 103 0.19 18.33 14.48
N THR E 104 0.72 19.44 13.97
CA THR E 104 1.99 19.99 14.40
C THR E 104 1.85 21.50 14.14
N ASP E 105 2.91 22.26 14.37
CA ASP E 105 2.84 23.70 14.11
C ASP E 105 2.47 23.97 12.66
N GLY E 106 1.25 24.46 12.43
CA GLY E 106 0.83 24.87 11.09
C GLY E 106 -0.09 23.88 10.38
N LEU E 107 -0.29 22.72 10.97
CA LEU E 107 -1.19 21.73 10.41
C LEU E 107 -2.08 21.23 11.53
N GLU E 108 -3.37 21.37 11.33
CA GLU E 108 -4.39 20.94 12.28
C GLU E 108 -4.62 19.45 12.16
N ALA E 109 -5.09 18.83 13.24
CA ALA E 109 -5.39 17.42 13.25
C ALA E 109 -6.44 17.11 12.23
N LEU E 110 -6.55 15.82 11.92
CA LEU E 110 -7.67 15.34 11.12
C LEU E 110 -8.97 15.69 11.83
N ASP E 111 -10.04 15.84 11.07
CA ASP E 111 -11.33 16.21 11.62
C ASP E 111 -12.07 14.97 12.13
N LEU E 112 -12.21 14.85 13.44
CA LEU E 112 -12.82 13.64 14.02
C LEU E 112 -14.34 13.54 13.84
N SER E 113 -14.98 14.64 13.48
CA SER E 113 -16.45 14.67 13.44
C SER E 113 -16.97 14.40 12.04
N THR E 114 -16.06 14.24 11.10
CA THR E 114 -16.41 13.83 9.75
C THR E 114 -16.12 12.33 9.52
N SER E 115 -16.63 11.80 8.40
CA SER E 115 -16.48 10.39 8.04
C SER E 115 -15.03 9.90 7.85
N ALA E 116 -14.82 8.60 8.02
CA ALA E 116 -13.52 8.00 7.77
C ALA E 116 -13.48 7.43 6.35
N GLY E 117 -14.62 7.49 5.68
CA GLY E 117 -14.70 7.17 4.26
C GLY E 117 -14.58 5.70 3.99
N TYR E 118 -14.34 5.34 2.72
CA TYR E 118 -14.19 3.95 2.31
C TYR E 118 -12.92 3.29 2.87
N PRO E 119 -13.05 2.07 3.40
CA PRO E 119 -14.25 1.24 3.49
C PRO E 119 -14.91 1.39 4.84
N TYR E 120 -14.25 2.12 5.73
CA TYR E 120 -14.70 2.32 7.11
C TYR E 120 -16.18 2.68 7.24
N VAL E 121 -16.74 3.17 6.15
CA VAL E 121 -18.10 3.66 6.12
C VAL E 121 -19.08 2.50 5.87
N ALA E 122 -18.58 1.43 5.26
CA ALA E 122 -19.36 0.20 5.11
C ALA E 122 -19.13 -0.77 6.27
N MET E 123 -18.23 -0.41 7.18
CA MET E 123 -17.93 -1.24 8.34
C MET E 123 -18.46 -0.60 9.61
N GLY E 124 -19.20 0.50 9.45
CA GLY E 124 -19.68 1.28 10.57
C GLY E 124 -18.56 1.59 11.55
N LYS E 125 -17.45 2.05 11.01
CA LYS E 125 -16.23 2.29 11.77
C LYS E 125 -15.89 3.80 11.66
N LYS E 126 -15.71 4.46 12.80
CA LYS E 126 -15.54 5.92 12.81
C LYS E 126 -14.16 6.41 13.23
N LYS E 127 -13.83 7.63 12.84
CA LYS E 127 -12.54 8.23 13.17
C LYS E 127 -12.23 8.19 14.68
N ARG E 128 -13.25 8.56 15.47
CA ARG E 128 -13.14 8.57 16.92
C ARG E 128 -12.73 7.20 17.44
N ASP E 129 -13.19 6.17 16.75
CA ASP E 129 -12.83 4.80 17.06
C ASP E 129 -11.35 4.53 16.83
N ILE E 130 -10.77 5.26 15.88
CA ILE E 130 -9.42 4.98 15.39
C ILE E 130 -8.43 5.98 15.95
N LEU E 131 -8.86 7.23 16.03
CA LEU E 131 -8.02 8.30 16.56
C LEU E 131 -8.33 8.70 18.01
N ASN E 132 -7.28 8.94 18.79
CA ASN E 132 -7.40 9.50 20.12
C ASN E 132 -6.49 10.72 20.26
N LYS E 133 -7.07 11.92 20.31
CA LYS E 133 -6.26 13.14 20.33
C LYS E 133 -5.43 13.26 21.60
N GLN E 134 -5.94 12.69 22.70
CA GLN E 134 -5.32 12.82 24.00
C GLN E 134 -4.03 12.00 24.14
N THR E 135 -4.07 10.75 23.69
CA THR E 135 -2.86 9.93 23.67
C THR E 135 -2.09 10.08 22.36
N ARG E 136 -2.74 10.63 21.33
CA ARG E 136 -2.11 10.74 20.03
C ARG E 136 -1.58 9.38 19.60
N ASP E 137 -2.45 8.38 19.63
CA ASP E 137 -2.04 7.02 19.38
C ASP E 137 -2.04 6.72 17.90
N THR E 138 -0.92 6.20 17.42
CA THR E 138 -0.77 5.90 16.01
C THR E 138 -0.98 4.41 15.69
N LYS E 139 -0.75 3.55 16.68
CA LYS E 139 -0.81 2.10 16.48
C LYS E 139 -2.00 1.60 15.68
N GLU E 140 -3.21 2.05 16.00
CA GLU E 140 -4.36 1.56 15.26
C GLU E 140 -4.39 2.05 13.79
N MET E 141 -4.04 3.30 13.56
CA MET E 141 -4.04 3.84 12.21
C MET E 141 -3.00 3.12 11.36
N GLN E 142 -1.82 2.95 11.93
CA GLN E 142 -0.73 2.26 11.28
C GLN E 142 -1.19 0.86 10.86
N LYS E 143 -1.96 0.22 11.73
CA LYS E 143 -2.47 -1.09 11.45
C LYS E 143 -3.49 -1.09 10.31
N LEU E 144 -4.31 -0.04 10.22
CA LEU E 144 -5.25 0.11 9.11
C LEU E 144 -4.57 0.52 7.80
N LEU E 145 -3.43 1.18 7.89
CA LEU E 145 -2.71 1.52 6.67
C LEU E 145 -2.19 0.21 6.10
N ASP E 146 -1.58 -0.59 6.96
CA ASP E 146 -1.03 -1.88 6.60
C ASP E 146 -2.10 -2.79 6.05
N THR E 147 -3.26 -2.75 6.68
CA THR E 147 -4.34 -3.63 6.26
C THR E 147 -5.00 -3.25 4.94
N TYR E 148 -5.36 -1.97 4.78
CA TYR E 148 -6.14 -1.56 3.62
C TYR E 148 -5.37 -0.75 2.60
N GLY E 149 -4.18 -0.34 2.99
CA GLY E 149 -3.26 0.33 2.07
C GLY E 149 -3.79 1.69 1.72
N ILE E 150 -3.39 2.20 0.56
CA ILE E 150 -3.84 3.50 0.11
C ILE E 150 -4.41 3.41 -1.28
N ASN E 151 -4.61 4.57 -1.90
CA ASN E 151 -5.28 4.64 -3.19
C ASN E 151 -6.67 4.07 -3.23
N LEU E 152 -7.47 4.32 -2.19
CA LEU E 152 -8.83 3.81 -2.14
C LEU E 152 -9.78 4.68 -2.94
N PRO E 153 -10.97 4.16 -3.26
CA PRO E 153 -11.81 5.07 -4.01
C PRO E 153 -12.45 6.12 -3.09
N LEU E 154 -12.88 7.22 -3.68
CA LEU E 154 -13.51 8.31 -2.94
C LEU E 154 -15.01 8.15 -3.00
N VAL E 155 -15.67 8.28 -1.87
CA VAL E 155 -17.13 8.23 -1.82
C VAL E 155 -17.74 9.55 -2.17
N THR E 156 -18.67 9.52 -3.11
CA THR E 156 -19.33 10.75 -3.53
C THR E 156 -20.57 11.05 -2.68
N TYR E 157 -20.76 12.33 -2.36
CA TYR E 157 -21.95 12.82 -1.70
C TYR E 157 -22.38 14.14 -2.32
N VAL E 158 -23.68 14.42 -2.34
CA VAL E 158 -24.11 15.73 -2.81
C VAL E 158 -24.06 16.66 -1.63
N LYS E 159 -23.59 17.88 -1.87
CA LYS E 159 -23.41 18.84 -0.79
C LYS E 159 -24.73 19.46 -0.32
N ASP E 160 -25.07 19.20 0.93
CA ASP E 160 -26.21 19.82 1.58
C ASP E 160 -25.90 21.29 1.90
N GLU E 161 -26.44 22.22 1.11
CA GLU E 161 -26.07 23.63 1.19
C GLU E 161 -27.11 24.48 0.48
N LEU E 162 -27.09 25.79 0.70
CA LEU E 162 -28.07 26.65 0.04
C LEU E 162 -27.69 26.88 -1.41
N ARG E 163 -28.69 26.86 -2.28
CA ARG E 163 -28.45 27.06 -3.70
C ARG E 163 -29.49 28.03 -4.27
N SER E 164 -29.11 28.83 -5.26
CA SER E 164 -30.06 29.75 -5.88
C SER E 164 -31.20 29.00 -6.57
N LYS E 165 -32.05 29.75 -7.25
CA LYS E 165 -33.22 29.15 -7.89
C LYS E 165 -32.88 28.33 -9.16
N THR E 166 -32.17 28.93 -10.11
CA THR E 166 -31.88 28.22 -11.35
C THR E 166 -30.96 27.02 -11.14
N LYS E 167 -30.19 27.02 -10.04
CA LYS E 167 -29.29 25.90 -9.73
C LYS E 167 -30.06 24.78 -9.04
N VAL E 168 -31.24 25.10 -8.55
CA VAL E 168 -32.07 24.05 -7.99
C VAL E 168 -32.88 23.44 -9.13
N GLU E 169 -33.52 24.32 -9.90
CA GLU E 169 -34.28 23.87 -11.06
C GLU E 169 -33.38 23.07 -11.99
N GLN E 170 -32.11 23.46 -12.05
CA GLN E 170 -31.18 22.84 -12.98
C GLN E 170 -30.45 21.67 -12.34
N GLY E 171 -30.74 21.40 -11.07
CA GLY E 171 -30.04 20.35 -10.34
C GLY E 171 -28.52 20.50 -10.35
N LYS E 172 -28.05 21.74 -10.48
CA LYS E 172 -26.65 22.09 -10.30
C LYS E 172 -26.27 21.98 -8.83
N SER E 173 -26.37 20.78 -8.28
CA SER E 173 -25.93 20.55 -6.91
C SER E 173 -24.47 20.12 -6.89
N ARG E 174 -23.64 20.93 -6.25
CA ARG E 174 -22.21 20.65 -6.16
C ARG E 174 -21.92 19.32 -5.47
N LEU E 175 -20.81 18.70 -5.87
CA LEU E 175 -20.48 17.37 -5.39
C LEU E 175 -19.33 17.41 -4.39
N ILE E 176 -19.18 16.34 -3.61
CA ILE E 176 -18.09 16.18 -2.66
C ILE E 176 -17.52 14.78 -2.76
N GLU E 177 -16.20 14.65 -2.76
CA GLU E 177 -15.55 13.32 -2.81
C GLU E 177 -14.86 12.97 -1.50
N ALA E 178 -15.52 12.19 -0.65
CA ALA E 178 -14.94 11.84 0.62
C ALA E 178 -13.65 11.01 0.45
N SER E 179 -12.51 11.67 0.64
CA SER E 179 -11.24 10.96 0.70
C SER E 179 -11.28 9.96 1.85
N SER E 180 -10.68 8.79 1.62
CA SER E 180 -10.50 7.79 2.67
C SER E 180 -9.53 8.30 3.73
N LEU E 181 -9.76 7.90 4.96
CA LEU E 181 -8.90 8.23 6.06
C LEU E 181 -7.45 7.79 5.80
N ASN E 182 -7.28 6.61 5.19
CA ASN E 182 -5.96 6.06 4.85
C ASN E 182 -5.21 7.01 3.97
N ASP E 183 -5.93 7.51 2.97
CA ASP E 183 -5.36 8.47 2.01
C ASP E 183 -5.07 9.88 2.57
N SER E 184 -5.93 10.43 3.43
CA SER E 184 -5.60 11.67 4.13
C SER E 184 -4.33 11.51 4.98
N VAL E 185 -4.23 10.38 5.67
CA VAL E 185 -3.04 10.18 6.47
C VAL E 185 -1.78 10.09 5.59
N ALA E 186 -1.89 9.31 4.51
CA ALA E 186 -0.81 9.18 3.54
C ALA E 186 -0.45 10.53 2.91
N MET E 187 -1.47 11.29 2.52
CA MET E 187 -1.23 12.58 1.87
C MET E 187 -0.53 13.55 2.81
N ARG E 188 -1.00 13.57 4.07
CA ARG E 188 -0.37 14.38 5.11
C ARG E 188 1.06 13.94 5.52
N MET E 189 1.35 12.64 5.49
CA MET E 189 2.74 12.24 5.73
C MET E 189 3.64 12.76 4.62
N ALA E 190 3.21 12.59 3.37
CA ALA E 190 3.96 13.11 2.22
C ALA E 190 4.11 14.63 2.19
N PHE E 191 3.00 15.33 2.45
CA PHE E 191 2.93 16.74 2.07
C PHE E 191 2.79 17.72 3.20
N GLY E 192 2.60 17.20 4.41
CA GLY E 192 2.31 18.04 5.56
C GLY E 192 3.23 19.24 5.82
N ASN E 193 4.50 19.06 5.53
CA ASN E 193 5.42 20.18 5.69
C ASN E 193 5.21 21.22 4.59
N LEU E 194 4.77 20.76 3.42
CA LEU E 194 4.35 21.69 2.38
C LEU E 194 3.11 22.48 2.85
N TYR E 195 2.06 21.78 3.24
CA TYR E 195 0.85 22.42 3.76
C TYR E 195 1.21 23.38 4.89
N ALA E 196 2.11 22.96 5.75
CA ALA E 196 2.42 23.83 6.88
C ALA E 196 3.07 25.13 6.38
N ALA E 197 4.05 25.00 5.49
CA ALA E 197 4.79 26.14 4.97
C ALA E 197 3.81 27.09 4.28
N PHE E 198 2.87 26.53 3.53
CA PHE E 198 1.85 27.38 2.93
C PHE E 198 0.99 28.10 3.95
N HIS E 199 0.49 27.38 4.96
CA HIS E 199 -0.40 27.95 5.96
C HIS E 199 0.29 29.07 6.71
N LYS E 200 1.59 28.91 6.96
CA LYS E 200 2.33 29.92 7.69
C LYS E 200 2.68 31.15 6.86
N ASN E 201 2.52 31.07 5.54
CA ASN E 201 3.05 32.10 4.66
C ASN E 201 2.12 32.60 3.59
N PRO E 202 0.92 33.02 3.97
CA PRO E 202 -0.01 33.60 3.01
C PRO E 202 0.55 34.94 2.54
N GLY E 203 0.42 35.21 1.24
CA GLY E 203 1.04 36.37 0.63
C GLY E 203 1.36 36.08 -0.82
N VAL E 204 2.33 36.81 -1.36
CA VAL E 204 2.67 36.79 -2.78
C VAL E 204 3.85 35.88 -3.12
N ILE E 205 4.57 35.38 -2.12
CA ILE E 205 5.62 34.39 -2.33
C ILE E 205 5.00 33.04 -2.63
N THR E 206 4.06 32.59 -1.80
CA THR E 206 3.34 31.36 -2.04
C THR E 206 2.26 31.53 -3.11
N GLY E 207 1.83 32.78 -3.30
CA GLY E 207 0.70 33.08 -4.17
C GLY E 207 -0.58 32.47 -3.66
N SER E 208 -0.71 32.37 -2.34
CA SER E 208 -1.85 31.69 -1.71
C SER E 208 -2.38 32.46 -0.48
N ALA E 209 -3.69 32.43 -0.27
CA ALA E 209 -4.28 33.09 0.91
C ALA E 209 -4.63 32.12 2.05
N VAL E 210 -4.47 30.82 1.81
CA VAL E 210 -4.71 29.82 2.84
C VAL E 210 -3.89 30.22 4.07
N GLY E 211 -4.54 30.31 5.21
CA GLY E 211 -3.87 30.75 6.43
C GLY E 211 -4.01 32.24 6.73
N CYS E 212 -4.72 32.98 5.89
CA CYS E 212 -4.94 34.39 6.17
C CYS E 212 -6.22 34.62 6.99
N ASP E 213 -6.28 35.75 7.69
CA ASP E 213 -7.50 36.20 8.34
C ASP E 213 -7.92 37.49 7.66
N PRO E 214 -8.92 37.41 6.80
CA PRO E 214 -9.34 38.58 6.01
C PRO E 214 -9.51 39.87 6.84
N ASP E 215 -9.89 39.80 8.13
CA ASP E 215 -10.04 41.03 8.92
C ASP E 215 -8.70 41.74 9.06
N LEU E 216 -7.60 41.00 8.90
CA LEU E 216 -6.24 41.56 9.10
C LEU E 216 -5.40 41.63 7.84
N PHE E 217 -5.68 40.72 6.92
CA PHE E 217 -4.87 40.48 5.75
C PHE E 217 -5.27 41.50 4.71
N TRP E 218 -6.53 41.89 4.74
CA TRP E 218 -7.00 42.92 3.83
C TRP E 218 -6.13 44.18 3.88
N SER E 219 -5.52 44.47 5.02
CA SER E 219 -4.71 45.69 5.12
C SER E 219 -3.29 45.48 4.57
N LYS E 220 -2.91 44.21 4.38
CA LYS E 220 -1.64 43.83 3.74
C LYS E 220 -1.69 43.78 2.23
N ILE E 221 -2.85 43.43 1.68
CA ILE E 221 -2.94 43.11 0.26
C ILE E 221 -2.65 44.26 -0.73
N PRO E 222 -3.22 45.45 -0.50
CA PRO E 222 -2.94 46.55 -1.44
C PRO E 222 -1.45 46.89 -1.55
N VAL E 223 -0.76 46.86 -0.42
CA VAL E 223 0.70 47.01 -0.36
C VAL E 223 1.40 45.89 -1.15
N LEU E 224 0.95 44.66 -0.98
CA LEU E 224 1.53 43.54 -1.71
C LEU E 224 1.29 43.60 -3.21
N MET E 225 0.20 44.22 -3.64
CA MET E 225 -0.13 44.25 -5.08
C MET E 225 0.69 45.33 -5.80
N GLU E 226 0.86 45.12 -7.11
CA GLU E 226 1.52 46.09 -7.98
C GLU E 226 0.51 47.16 -8.27
N GLU E 227 0.82 48.06 -9.18
CA GLU E 227 -0.02 49.25 -9.37
C GLU E 227 -1.36 48.96 -10.01
N LYS E 228 -1.40 47.93 -10.85
CA LYS E 228 -2.56 47.69 -11.70
C LYS E 228 -3.13 46.27 -11.51
N LEU E 229 -4.42 46.20 -11.21
CA LEU E 229 -5.04 44.93 -10.86
C LEU E 229 -5.69 44.26 -12.04
N PHE E 230 -5.83 42.95 -11.97
CA PHE E 230 -6.62 42.25 -12.93
C PHE E 230 -7.11 40.98 -12.28
N ALA E 231 -8.24 40.49 -12.79
CA ALA E 231 -8.93 39.36 -12.21
C ALA E 231 -9.98 38.85 -13.16
N PHE E 232 -10.54 37.69 -12.85
CA PHE E 232 -11.52 37.03 -13.67
C PHE E 232 -12.05 35.85 -12.86
N ASP E 233 -13.09 35.19 -13.36
CA ASP E 233 -13.60 33.96 -12.75
C ASP E 233 -13.41 32.75 -13.67
N TYR E 234 -13.33 31.54 -13.11
CA TYR E 234 -13.42 30.33 -13.92
C TYR E 234 -14.81 29.74 -13.81
N THR E 235 -15.17 28.94 -14.81
CA THR E 235 -16.35 28.12 -14.71
C THR E 235 -15.87 26.69 -14.56
N GLY E 236 -16.43 25.97 -13.59
CA GLY E 236 -15.98 24.62 -13.30
C GLY E 236 -14.48 24.53 -13.39
N TYR E 237 -13.79 25.06 -12.38
CA TYR E 237 -12.33 25.11 -12.40
C TYR E 237 -11.69 23.76 -12.18
N ASP E 238 -11.96 23.15 -11.02
CA ASP E 238 -11.32 21.91 -10.62
C ASP E 238 -11.58 20.83 -11.66
N ALA E 239 -12.83 20.72 -12.09
CA ALA E 239 -13.23 19.77 -13.12
C ALA E 239 -12.71 20.08 -14.53
N SER E 240 -12.31 21.33 -14.77
CA SER E 240 -11.75 21.69 -16.07
C SER E 240 -10.25 21.48 -16.12
N LEU E 241 -9.66 21.06 -14.99
CA LEU E 241 -8.23 20.84 -14.94
C LEU E 241 -7.84 19.62 -15.78
N SER E 242 -6.92 19.84 -16.71
CA SER E 242 -6.47 18.77 -17.58
C SER E 242 -5.16 18.20 -17.04
N PRO E 243 -4.89 16.93 -17.34
CA PRO E 243 -3.67 16.24 -16.87
C PRO E 243 -2.37 17.06 -16.99
N ALA E 244 -2.27 17.92 -17.99
CA ALA E 244 -1.06 18.73 -18.17
C ALA E 244 -0.78 19.65 -16.97
N TRP E 245 -1.86 20.14 -16.37
CA TRP E 245 -1.71 21.01 -15.21
C TRP E 245 -1.17 20.22 -14.04
N PHE E 246 -1.69 19.01 -13.86
CA PHE E 246 -1.21 18.10 -12.83
C PHE E 246 0.25 17.72 -13.04
N GLU E 247 0.62 17.44 -14.27
CA GLU E 247 2.01 17.10 -14.53
C GLU E 247 2.87 18.27 -14.12
N ALA E 248 2.37 19.49 -14.36
CA ALA E 248 3.15 20.70 -14.12
C ALA E 248 3.24 20.94 -12.63
N LEU E 249 2.22 20.47 -11.90
CA LEU E 249 2.21 20.50 -10.46
C LEU E 249 3.34 19.61 -9.96
N LYS E 250 3.38 18.38 -10.48
CA LYS E 250 4.45 17.43 -10.19
C LYS E 250 5.82 18.03 -10.49
N MET E 251 5.90 18.79 -11.57
CA MET E 251 7.15 19.46 -11.91
C MET E 251 7.59 20.49 -10.87
N VAL E 252 6.63 21.23 -10.32
CA VAL E 252 6.94 22.18 -9.26
C VAL E 252 7.35 21.38 -8.04
N LEU E 253 6.66 20.26 -7.80
CA LEU E 253 6.98 19.42 -6.65
C LEU E 253 8.39 18.80 -6.71
N GLU E 254 8.74 18.15 -7.82
CA GLU E 254 10.13 17.74 -8.03
C GLU E 254 11.08 18.91 -7.74
N LYS E 255 10.76 20.07 -8.30
CA LYS E 255 11.67 21.20 -8.26
C LYS E 255 11.90 21.75 -6.86
N ILE E 256 10.89 21.69 -5.99
CA ILE E 256 11.09 22.17 -4.63
C ILE E 256 11.49 21.08 -3.64
N GLY E 257 11.60 19.85 -4.13
CA GLY E 257 12.22 18.81 -3.34
C GLY E 257 11.30 17.72 -2.86
N PHE E 258 10.17 17.56 -3.53
CA PHE E 258 9.16 16.54 -3.19
C PHE E 258 9.07 15.46 -4.27
N GLY E 259 10.12 15.38 -5.09
CA GLY E 259 10.13 14.53 -6.27
C GLY E 259 9.67 13.13 -5.98
N ASP E 260 10.11 12.61 -4.85
CA ASP E 260 9.87 11.23 -4.49
C ASP E 260 8.40 10.87 -4.20
N ARG E 261 7.53 11.86 -4.00
CA ARG E 261 6.13 11.53 -3.76
C ARG E 261 5.15 12.16 -4.74
N VAL E 262 5.60 12.41 -5.97
CA VAL E 262 4.76 13.03 -6.98
C VAL E 262 3.82 12.00 -7.55
N ASP E 263 4.07 10.74 -7.22
CA ASP E 263 3.16 9.68 -7.62
C ASP E 263 1.80 9.87 -6.94
N TYR E 264 1.81 10.55 -5.79
CA TYR E 264 0.56 10.82 -5.09
C TYR E 264 -0.33 11.66 -5.99
N ILE E 265 0.27 12.56 -6.76
CA ILE E 265 -0.53 13.44 -7.62
C ILE E 265 -1.29 12.66 -8.70
N ASP E 266 -0.65 11.61 -9.22
CA ASP E 266 -1.24 10.75 -10.23
C ASP E 266 -2.57 10.20 -9.74
N TYR E 267 -2.63 9.93 -8.44
CA TYR E 267 -3.81 9.35 -7.83
C TYR E 267 -4.95 10.36 -7.70
N LEU E 268 -4.61 11.64 -7.67
CA LEU E 268 -5.63 12.68 -7.73
C LEU E 268 -6.18 12.79 -9.16
N ASN E 269 -5.44 12.24 -10.12
CA ASN E 269 -5.83 12.19 -11.53
C ASN E 269 -6.68 11.00 -11.90
N HIS E 270 -6.13 9.80 -11.70
CA HIS E 270 -6.88 8.60 -12.00
C HIS E 270 -7.59 8.19 -10.73
N SER E 271 -8.81 8.68 -10.56
CA SER E 271 -9.56 8.48 -9.33
C SER E 271 -10.82 7.66 -9.53
N HIS E 272 -11.08 6.77 -8.58
CA HIS E 272 -12.29 5.97 -8.63
C HIS E 272 -13.23 6.44 -7.54
N HIS E 273 -14.45 6.76 -7.96
CA HIS E 273 -15.46 7.27 -7.05
C HIS E 273 -16.58 6.25 -6.98
N LEU E 274 -17.12 6.07 -5.77
CA LEU E 274 -18.32 5.27 -5.58
C LEU E 274 -19.44 6.24 -5.23
N TYR E 275 -20.44 6.37 -6.08
CA TYR E 275 -21.57 7.22 -5.76
C TYR E 275 -22.87 6.43 -5.70
N LYS E 276 -23.27 6.04 -4.50
CA LYS E 276 -24.51 5.32 -4.37
C LYS E 276 -24.35 3.97 -5.06
N ASN E 277 -25.36 3.57 -5.84
CA ASN E 277 -25.43 2.22 -6.42
C ASN E 277 -24.48 1.97 -7.59
N LYS E 278 -23.33 2.64 -7.60
CA LYS E 278 -22.45 2.58 -8.75
C LYS E 278 -20.98 2.70 -8.41
N THR E 279 -20.19 3.00 -9.45
CA THR E 279 -18.76 3.27 -9.36
C THR E 279 -18.44 3.94 -10.66
N TYR E 280 -17.57 4.95 -10.64
CA TYR E 280 -17.01 5.50 -11.88
C TYR E 280 -15.52 5.80 -11.77
N CYS E 281 -14.95 6.35 -12.83
CA CYS E 281 -13.51 6.61 -12.89
C CYS E 281 -13.23 7.84 -13.71
N VAL E 282 -12.45 8.77 -13.15
CA VAL E 282 -12.22 10.06 -13.77
C VAL E 282 -10.75 10.19 -14.18
N LYS E 283 -10.49 11.03 -15.17
CA LYS E 283 -9.14 11.28 -15.66
C LYS E 283 -8.83 12.77 -15.62
N GLY E 284 -7.86 13.15 -14.80
CA GLY E 284 -7.64 14.55 -14.54
C GLY E 284 -8.70 14.99 -13.55
N GLY E 285 -8.96 16.29 -13.49
CA GLY E 285 -9.84 16.85 -12.48
C GLY E 285 -9.32 16.60 -11.06
N MET E 286 -9.48 17.57 -10.18
CA MET E 286 -9.03 17.37 -8.79
C MET E 286 -10.17 17.14 -7.80
N PRO E 287 -10.18 15.95 -7.19
CA PRO E 287 -11.26 15.61 -6.24
C PRO E 287 -11.30 16.63 -5.11
N SER E 288 -12.45 17.24 -4.86
CA SER E 288 -12.57 18.29 -3.84
C SER E 288 -12.30 17.79 -2.39
N GLY E 289 -12.87 16.66 -2.03
CA GLY E 289 -12.69 16.15 -0.68
C GLY E 289 -11.38 15.43 -0.43
N CYS E 290 -10.32 15.82 -1.14
CA CYS E 290 -9.00 15.22 -0.88
C CYS E 290 -8.07 16.08 -0.04
N SER E 291 -6.99 15.47 0.43
CA SER E 291 -6.06 16.20 1.28
C SER E 291 -5.21 17.07 0.40
N GLY E 292 -5.06 18.33 0.79
CA GLY E 292 -4.24 19.25 0.05
C GLY E 292 -4.89 19.88 -1.18
N THR E 293 -6.10 19.46 -1.53
CA THR E 293 -6.73 20.07 -2.70
C THR E 293 -6.64 21.58 -2.65
N SER E 294 -6.92 22.14 -1.48
CA SER E 294 -6.89 23.58 -1.34
C SER E 294 -5.54 24.20 -1.71
N ILE E 295 -4.45 23.61 -1.26
CA ILE E 295 -3.12 24.09 -1.66
C ILE E 295 -2.81 23.82 -3.14
N PHE E 296 -3.04 22.59 -3.58
CA PHE E 296 -2.78 22.23 -4.98
C PHE E 296 -3.58 23.08 -5.96
N ASN E 297 -4.86 23.32 -5.68
CA ASN E 297 -5.62 24.23 -6.56
C ASN E 297 -5.01 25.64 -6.59
N SER E 298 -4.62 26.15 -5.44
CA SER E 298 -3.97 27.45 -5.40
C SER E 298 -2.68 27.47 -6.19
N MET E 299 -1.90 26.40 -6.10
CA MET E 299 -0.62 26.29 -6.78
C MET E 299 -0.79 26.25 -8.31
N ILE E 300 -1.68 25.37 -8.77
CA ILE E 300 -2.00 25.32 -10.17
C ILE E 300 -2.45 26.71 -10.65
N ASN E 301 -3.39 27.32 -9.94
CA ASN E 301 -3.83 28.66 -10.29
C ASN E 301 -2.65 29.55 -10.56
N ASN E 302 -1.61 29.48 -9.73
CA ASN E 302 -0.39 30.25 -9.95
C ASN E 302 0.36 29.91 -11.22
N LEU E 303 0.18 28.66 -11.68
CA LEU E 303 0.83 28.15 -12.89
C LEU E 303 0.04 28.61 -14.08
N ILE E 304 -1.27 28.39 -14.03
CA ILE E 304 -2.19 28.93 -15.01
C ILE E 304 -1.97 30.42 -15.33
N ILE E 305 -1.90 31.26 -14.31
CA ILE E 305 -1.84 32.68 -14.58
C ILE E 305 -0.49 33.08 -15.15
N ARG E 306 0.57 32.49 -14.63
CA ARG E 306 1.89 32.70 -15.22
C ARG E 306 1.91 32.28 -16.70
N THR E 307 1.31 31.13 -16.98
CA THR E 307 1.29 30.60 -18.35
C THR E 307 0.67 31.58 -19.33
N LEU E 308 -0.48 32.13 -18.96
CA LEU E 308 -1.24 33.00 -19.87
C LEU E 308 -0.59 34.37 -20.04
N LEU E 309 -0.02 34.90 -18.96
CA LEU E 309 0.70 36.15 -19.10
C LEU E 309 1.90 36.03 -20.06
N LEU E 310 2.51 34.84 -20.10
CA LEU E 310 3.65 34.58 -21.00
C LEU E 310 3.19 34.34 -22.44
N LYS E 311 2.06 33.65 -22.59
CA LYS E 311 1.46 33.44 -23.89
C LYS E 311 1.04 34.78 -24.53
N THR E 312 0.28 35.55 -23.77
CA THR E 312 -0.38 36.75 -24.25
C THR E 312 0.61 37.92 -24.40
N TYR E 313 1.22 38.32 -23.29
CA TYR E 313 2.07 39.49 -23.29
C TYR E 313 3.54 39.14 -23.46
N LYS E 314 3.96 38.96 -24.71
CA LYS E 314 5.34 38.65 -24.98
C LYS E 314 6.25 39.59 -24.19
N GLY E 315 7.33 39.04 -23.64
CA GLY E 315 8.30 39.83 -22.91
C GLY E 315 7.89 40.25 -21.51
N ILE E 316 6.69 39.90 -21.08
CA ILE E 316 6.22 40.23 -19.73
C ILE E 316 7.19 39.73 -18.67
N ASP E 317 7.42 40.53 -17.64
CA ASP E 317 8.31 40.16 -16.55
C ASP E 317 7.53 39.59 -15.36
N LEU E 318 7.75 38.30 -15.09
CA LEU E 318 7.04 37.60 -14.04
C LEU E 318 7.49 38.00 -12.64
N ASP E 319 8.65 38.63 -12.54
CA ASP E 319 9.08 39.16 -11.25
C ASP E 319 8.27 40.36 -10.77
N HIS E 320 7.42 40.89 -11.64
CA HIS E 320 6.53 41.99 -11.27
C HIS E 320 5.06 41.55 -11.29
N LEU E 321 4.86 40.24 -11.38
CA LEU E 321 3.54 39.69 -11.08
C LEU E 321 3.39 39.50 -9.54
N LYS E 322 2.29 40.01 -9.01
CA LYS E 322 1.97 39.85 -7.61
C LYS E 322 0.54 39.33 -7.59
N MET E 323 0.39 38.07 -7.20
CA MET E 323 -0.91 37.41 -7.13
C MET E 323 -1.13 36.55 -5.86
N ILE E 324 -2.38 36.49 -5.44
CA ILE E 324 -2.74 35.70 -4.28
C ILE E 324 -3.94 34.88 -4.68
N ALA E 325 -3.83 33.59 -4.49
CA ALA E 325 -4.90 32.70 -4.87
C ALA E 325 -5.44 31.97 -3.63
N TYR E 326 -6.72 31.61 -3.70
CA TYR E 326 -7.32 30.65 -2.79
C TYR E 326 -8.04 29.62 -3.65
N GLY E 327 -7.36 28.54 -4.01
CA GLY E 327 -7.93 27.59 -4.96
C GLY E 327 -8.21 28.34 -6.25
N ASP E 328 -9.40 28.26 -6.79
CA ASP E 328 -9.60 28.99 -8.05
C ASP E 328 -9.69 30.52 -7.88
N ASP E 329 -9.94 30.99 -6.66
CA ASP E 329 -10.11 32.41 -6.47
C ASP E 329 -8.75 33.06 -6.52
N VAL E 330 -8.71 34.28 -7.04
CA VAL E 330 -7.45 34.97 -7.18
C VAL E 330 -7.66 36.47 -7.36
N ILE E 331 -6.79 37.24 -6.72
CA ILE E 331 -6.63 38.65 -6.99
C ILE E 331 -5.19 38.82 -7.49
N ALA E 332 -5.00 39.57 -8.58
CA ALA E 332 -3.67 39.70 -9.20
C ALA E 332 -3.36 41.14 -9.59
N SER E 333 -2.08 41.49 -9.60
CA SER E 333 -1.64 42.79 -10.01
C SER E 333 -0.42 42.72 -10.93
N TYR E 334 0.00 43.88 -11.45
CA TYR E 334 1.16 44.01 -12.34
C TYR E 334 1.42 45.52 -12.52
N PRO E 335 2.68 45.93 -12.74
CA PRO E 335 3.00 47.36 -12.76
C PRO E 335 2.35 48.11 -13.91
N HIS E 336 2.04 47.40 -15.00
CA HIS E 336 1.30 47.96 -16.11
C HIS E 336 0.08 47.10 -16.34
N GLU E 337 -0.92 47.68 -17.00
CA GLU E 337 -2.23 47.06 -17.15
C GLU E 337 -2.22 45.84 -18.05
N VAL E 338 -2.96 44.81 -17.64
CA VAL E 338 -3.14 43.61 -18.44
C VAL E 338 -4.63 43.31 -18.62
N ASP E 339 -4.98 42.92 -19.83
CA ASP E 339 -6.36 42.76 -20.27
C ASP E 339 -6.81 41.33 -19.99
N ALA E 340 -7.87 41.18 -19.21
CA ALA E 340 -8.31 39.84 -18.81
C ALA E 340 -9.04 39.13 -19.93
N SER E 341 -9.57 39.92 -20.85
CA SER E 341 -10.24 39.37 -22.02
C SER E 341 -9.20 38.67 -22.91
N LEU E 342 -7.99 39.21 -22.94
CA LEU E 342 -6.91 38.61 -23.72
C LEU E 342 -6.39 37.38 -23.00
N LEU E 343 -6.33 37.46 -21.66
CA LEU E 343 -5.98 36.31 -20.85
C LEU E 343 -7.04 35.20 -20.96
N ALA E 344 -8.31 35.59 -20.97
CA ALA E 344 -9.39 34.63 -21.13
C ALA E 344 -9.25 33.94 -22.48
N GLN E 345 -8.82 34.70 -23.48
CA GLN E 345 -8.62 34.19 -24.83
C GLN E 345 -7.64 32.98 -24.86
N SER E 346 -6.39 33.24 -24.48
CA SER E 346 -5.36 32.23 -24.33
C SER E 346 -5.82 31.10 -23.42
N GLY E 347 -6.72 31.41 -22.50
CA GLY E 347 -7.23 30.42 -21.58
C GLY E 347 -7.91 29.29 -22.31
N LYS E 348 -8.78 29.67 -23.24
CA LYS E 348 -9.57 28.73 -24.03
C LYS E 348 -8.76 27.51 -24.48
N ASP E 349 -7.50 27.75 -24.84
CA ASP E 349 -6.67 26.71 -25.44
C ASP E 349 -6.03 25.74 -24.45
N TYR E 350 -6.23 25.97 -23.16
CA TYR E 350 -5.78 25.04 -22.15
C TYR E 350 -6.94 24.42 -21.39
N GLY E 351 -8.14 24.51 -21.94
CA GLY E 351 -9.31 23.93 -21.30
C GLY E 351 -9.93 24.85 -20.24
N LEU E 352 -9.34 26.02 -20.08
CA LEU E 352 -9.80 26.96 -19.06
C LEU E 352 -10.92 27.85 -19.57
N THR E 353 -11.98 27.95 -18.79
CA THR E 353 -13.11 28.83 -19.10
C THR E 353 -13.11 30.07 -18.21
N MET E 354 -12.69 31.21 -18.74
CA MET E 354 -12.55 32.41 -17.93
C MET E 354 -13.56 33.51 -18.25
N THR E 355 -14.24 33.99 -17.21
CA THR E 355 -15.25 35.01 -17.35
C THR E 355 -14.92 36.25 -16.50
N PRO E 356 -15.56 37.39 -16.82
CA PRO E 356 -15.27 38.62 -16.09
C PRO E 356 -15.52 38.45 -14.59
N ALA E 357 -14.71 39.11 -13.78
CA ALA E 357 -14.84 38.99 -12.34
C ALA E 357 -16.25 39.34 -11.84
N ASP E 358 -16.79 38.49 -10.99
CA ASP E 358 -18.05 38.79 -10.31
C ASP E 358 -19.25 38.78 -11.23
N LYS E 359 -19.26 37.85 -12.18
CA LYS E 359 -20.43 37.60 -12.99
C LYS E 359 -20.88 38.80 -13.81
N SER E 360 -20.04 39.83 -13.92
CA SER E 360 -20.33 40.95 -14.81
C SER E 360 -20.36 40.46 -16.26
N ALA E 361 -21.18 41.09 -17.08
CA ALA E 361 -21.38 40.60 -18.45
C ALA E 361 -20.19 40.91 -19.35
N THR E 362 -19.47 41.97 -19.03
CA THR E 362 -18.32 42.36 -19.83
C THR E 362 -17.06 42.46 -18.98
N PHE E 363 -15.91 42.30 -19.62
CA PHE E 363 -14.64 42.44 -18.94
C PHE E 363 -14.35 43.91 -18.72
N GLU E 364 -14.15 44.32 -17.47
CA GLU E 364 -13.89 45.72 -17.21
C GLU E 364 -12.69 45.97 -16.32
N THR E 365 -12.17 47.18 -16.36
CA THR E 365 -11.01 47.49 -15.54
C THR E 365 -11.30 47.12 -14.10
N VAL E 366 -10.44 46.28 -13.54
CA VAL E 366 -10.57 45.88 -12.15
C VAL E 366 -9.90 46.93 -11.29
N THR E 367 -10.66 47.44 -10.34
CA THR E 367 -10.24 48.55 -9.50
C THR E 367 -10.44 48.23 -8.02
N TRP E 368 -9.63 48.85 -7.17
CA TRP E 368 -9.78 48.69 -5.74
C TRP E 368 -11.23 48.92 -5.28
N GLU E 369 -12.07 49.35 -6.20
CA GLU E 369 -13.46 49.66 -5.88
C GLU E 369 -14.37 48.48 -6.20
N ASN E 370 -14.02 47.71 -7.22
CA ASN E 370 -14.89 46.62 -7.65
C ASN E 370 -14.29 45.23 -7.43
N VAL E 371 -13.03 45.20 -7.04
CA VAL E 371 -12.31 43.94 -6.88
C VAL E 371 -12.84 43.14 -5.71
N THR E 372 -12.99 41.85 -5.90
CA THR E 372 -13.35 40.99 -4.78
C THR E 372 -12.44 39.78 -4.65
N PHE E 373 -12.22 39.36 -3.41
CA PHE E 373 -11.50 38.13 -3.09
C PHE E 373 -12.24 37.48 -1.92
N LEU E 374 -12.36 36.16 -1.95
CA LEU E 374 -13.08 35.45 -0.88
C LEU E 374 -14.45 36.10 -0.63
N LYS E 375 -15.07 36.59 -1.70
CA LYS E 375 -16.38 37.21 -1.65
C LYS E 375 -16.47 38.54 -0.91
N ARG E 376 -15.33 39.16 -0.61
CA ARG E 376 -15.34 40.42 0.12
C ARG E 376 -14.78 41.54 -0.71
N PHE E 377 -15.31 42.74 -0.49
CA PHE E 377 -14.80 43.93 -1.11
C PHE E 377 -13.71 44.53 -0.22
N PHE E 378 -13.01 45.52 -0.75
CA PHE E 378 -11.94 46.20 -0.03
C PHE E 378 -12.36 47.65 0.15
N ARG E 379 -12.39 48.14 1.38
CA ARG E 379 -12.78 49.52 1.63
C ARG E 379 -11.95 50.08 2.75
N ALA E 380 -11.20 51.13 2.45
CA ALA E 380 -10.41 51.80 3.43
C ALA E 380 -11.26 52.36 4.56
N ASP E 381 -10.76 52.22 5.78
CA ASP E 381 -11.42 52.82 6.89
C ASP E 381 -11.43 54.34 6.68
N GLU E 382 -12.52 54.99 7.06
CA GLU E 382 -12.62 56.43 6.88
C GLU E 382 -11.69 57.14 7.85
N LYS E 383 -11.58 56.60 9.05
CA LYS E 383 -10.74 57.19 10.07
C LYS E 383 -9.24 56.86 9.84
N TYR E 384 -8.94 55.60 9.53
CA TYR E 384 -7.56 55.19 9.28
C TYR E 384 -7.41 54.54 7.90
N PRO E 385 -7.08 55.35 6.88
CA PRO E 385 -7.01 54.94 5.47
C PRO E 385 -6.13 53.73 5.21
N PHE E 386 -5.06 53.53 5.99
CA PHE E 386 -4.19 52.40 5.75
C PHE E 386 -4.80 51.04 6.13
N LEU E 387 -5.78 51.06 7.03
CA LEU E 387 -6.48 49.83 7.42
C LEU E 387 -7.69 49.52 6.53
N ILE E 388 -7.71 48.32 5.97
CA ILE E 388 -8.77 47.98 5.01
C ILE E 388 -9.77 46.99 5.57
N HIS E 389 -11.06 47.28 5.35
CA HIS E 389 -12.17 46.42 5.74
C HIS E 389 -12.43 45.37 4.67
N PRO E 390 -12.61 44.10 5.09
CA PRO E 390 -13.15 43.11 4.15
C PRO E 390 -14.66 43.27 4.15
N VAL E 391 -15.23 43.71 3.03
CA VAL E 391 -16.65 44.06 3.04
C VAL E 391 -17.47 43.04 2.24
N MET E 392 -18.09 42.12 2.97
CA MET E 392 -18.98 41.15 2.37
C MET E 392 -20.42 41.72 2.32
N PRO E 393 -21.05 41.63 1.16
CA PRO E 393 -22.34 42.32 1.03
C PRO E 393 -23.41 41.67 1.89
N MET E 394 -24.33 42.49 2.38
CA MET E 394 -25.42 42.03 3.23
C MET E 394 -26.25 40.95 2.54
N LYS E 395 -26.33 41.03 1.22
CA LYS E 395 -27.14 40.10 0.44
C LYS E 395 -26.94 38.68 0.92
N GLU E 396 -25.68 38.28 1.14
CA GLU E 396 -25.37 36.88 1.38
C GLU E 396 -25.48 36.56 2.84
N ILE E 397 -25.37 37.59 3.67
CA ILE E 397 -25.55 37.39 5.09
C ILE E 397 -27.06 37.21 5.33
N HIS E 398 -27.85 37.87 4.50
CA HIS E 398 -29.30 37.72 4.57
C HIS E 398 -29.73 36.32 4.18
N GLU E 399 -29.13 35.78 3.12
CA GLU E 399 -29.42 34.39 2.72
C GLU E 399 -29.11 33.38 3.84
N SER E 400 -27.94 33.55 4.46
CA SER E 400 -27.50 32.62 5.47
C SER E 400 -28.45 32.60 6.67
N ILE E 401 -28.87 33.77 7.11
CA ILE E 401 -29.59 33.92 8.35
C ILE E 401 -31.01 33.33 8.30
N ARG E 402 -31.57 33.25 7.08
CA ARG E 402 -32.93 32.76 6.84
C ARG E 402 -33.03 31.24 7.00
N TRP E 403 -31.89 30.60 7.27
CA TRP E 403 -31.84 29.15 7.44
C TRP E 403 -31.01 28.72 8.64
N THR E 404 -31.27 27.52 9.12
CA THR E 404 -30.49 26.89 10.19
C THR E 404 -30.42 25.37 9.96
N LYS E 405 -29.34 24.75 10.42
CA LYS E 405 -29.20 23.28 10.36
C LYS E 405 -29.60 22.70 11.70
N ASP E 406 -29.74 23.59 12.67
CA ASP E 406 -30.15 23.22 14.02
C ASP E 406 -30.38 24.50 14.83
N PRO E 407 -31.66 24.83 15.07
CA PRO E 407 -32.00 26.07 15.77
C PRO E 407 -31.23 26.24 17.07
N ARG E 408 -30.72 25.15 17.62
CA ARG E 408 -29.91 25.28 18.84
C ARG E 408 -28.67 26.15 18.62
N ASN E 409 -28.41 26.53 17.36
CA ASN E 409 -27.19 27.23 16.97
C ASN E 409 -27.38 28.71 16.74
N THR E 410 -28.63 29.17 16.85
CA THR E 410 -29.01 30.52 16.50
C THR E 410 -28.11 31.64 17.07
N GLN E 411 -27.71 31.51 18.32
CA GLN E 411 -26.89 32.52 18.92
C GLN E 411 -25.55 32.57 18.15
N ASP E 412 -24.85 31.44 18.07
CA ASP E 412 -23.54 31.39 17.40
C ASP E 412 -23.65 31.85 15.95
N HIS E 413 -24.64 31.29 15.26
CA HIS E 413 -24.83 31.58 13.85
C HIS E 413 -24.96 33.09 13.65
N VAL E 414 -26.00 33.68 14.20
CA VAL E 414 -26.28 35.09 14.01
C VAL E 414 -25.16 36.01 14.45
N ARG E 415 -24.46 35.61 15.50
CA ARG E 415 -23.41 36.45 16.00
C ARG E 415 -22.23 36.37 15.00
N SER E 416 -21.89 35.16 14.54
CA SER E 416 -20.90 35.04 13.45
C SER E 416 -21.21 35.88 12.21
N LEU E 417 -22.48 35.96 11.81
CA LEU E 417 -22.91 36.85 10.72
C LEU E 417 -22.65 38.30 11.03
N CYS E 418 -22.70 38.64 12.33
CA CYS E 418 -22.47 40.02 12.76
C CYS E 418 -21.03 40.43 12.50
N LEU E 419 -20.13 39.46 12.61
CA LEU E 419 -18.71 39.70 12.45
C LEU E 419 -18.41 40.02 10.99
N LEU E 420 -19.23 39.47 10.11
CA LEU E 420 -19.07 39.69 8.66
C LEU E 420 -19.75 40.99 8.27
N ALA E 421 -20.85 41.32 8.94
CA ALA E 421 -21.75 42.38 8.49
C ALA E 421 -21.28 43.77 8.84
N TRP E 422 -20.66 43.93 10.01
CA TRP E 422 -20.37 45.26 10.54
C TRP E 422 -19.39 46.02 9.67
N HIS E 423 -18.59 45.28 8.91
CA HIS E 423 -17.68 45.91 7.97
C HIS E 423 -18.44 46.74 6.93
N ASN E 424 -19.73 46.47 6.75
CA ASN E 424 -20.57 47.25 5.83
C ASN E 424 -20.87 48.66 6.34
N GLY E 425 -20.46 48.96 7.57
CA GLY E 425 -20.62 50.27 8.15
C GLY E 425 -21.62 50.33 9.30
N GLU E 426 -21.61 51.42 10.06
CA GLU E 426 -22.42 51.53 11.27
C GLU E 426 -23.92 51.65 10.98
N GLU E 427 -24.25 52.31 9.89
CA GLU E 427 -25.64 52.50 9.53
C GLU E 427 -26.30 51.22 8.99
N GLU E 428 -25.55 50.45 8.20
CA GLU E 428 -26.03 49.16 7.72
C GLU E 428 -26.05 48.12 8.83
N TYR E 429 -25.04 48.14 9.69
CA TYR E 429 -24.97 47.23 10.83
C TYR E 429 -26.15 47.42 11.79
N ASN E 430 -26.39 48.66 12.23
CA ASN E 430 -27.48 48.93 13.16
C ASN E 430 -28.84 48.59 12.62
N LYS E 431 -29.01 48.69 11.31
CA LYS E 431 -30.26 48.32 10.68
C LYS E 431 -30.40 46.80 10.69
N PHE E 432 -29.27 46.11 10.52
CA PHE E 432 -29.24 44.65 10.66
C PHE E 432 -29.79 44.22 12.02
N LEU E 433 -29.17 44.68 13.10
CA LEU E 433 -29.63 44.40 14.46
C LEU E 433 -31.10 44.80 14.72
N ALA E 434 -31.56 45.86 14.06
CA ALA E 434 -32.96 46.27 14.20
C ALA E 434 -33.80 45.10 13.71
N LYS E 435 -33.61 44.74 12.43
CA LYS E 435 -34.27 43.56 11.87
C LYS E 435 -34.21 42.33 12.78
N ILE E 436 -33.01 41.91 13.17
CA ILE E 436 -32.87 40.73 14.02
C ILE E 436 -33.79 40.87 15.22
N ARG E 437 -33.77 42.04 15.83
CA ARG E 437 -34.52 42.25 17.05
C ARG E 437 -36.00 42.46 16.77
N SER E 438 -36.38 42.41 15.50
CA SER E 438 -37.77 42.67 15.12
C SER E 438 -38.64 41.47 15.44
N VAL E 439 -38.01 40.36 15.85
CA VAL E 439 -38.75 39.19 16.33
C VAL E 439 -38.27 38.75 17.72
N PRO E 440 -39.15 38.11 18.49
CA PRO E 440 -38.81 37.80 19.88
C PRO E 440 -37.50 37.02 20.04
N ILE E 441 -37.28 35.98 19.24
CA ILE E 441 -36.04 35.20 19.39
C ILE E 441 -34.78 36.06 19.22
N GLY E 442 -34.85 37.03 18.31
CA GLY E 442 -33.78 38.01 18.15
C GLY E 442 -33.46 38.84 19.39
N ARG E 443 -34.44 39.01 20.27
CA ARG E 443 -34.20 39.80 21.45
C ARG E 443 -33.65 38.90 22.53
N ALA E 444 -33.48 37.62 22.23
CA ALA E 444 -32.85 36.74 23.20
C ALA E 444 -31.37 36.62 22.90
N LEU E 445 -30.95 37.20 21.77
CA LEU E 445 -29.59 36.99 21.26
C LEU E 445 -28.64 38.10 21.70
N ASP E 446 -27.54 37.75 22.35
CA ASP E 446 -26.59 38.77 22.75
C ASP E 446 -25.65 39.15 21.60
N LEU E 447 -25.90 40.31 21.01
CA LEU E 447 -25.19 40.80 19.84
C LEU E 447 -24.31 42.02 20.20
N PRO E 448 -23.10 42.09 19.62
CA PRO E 448 -22.16 43.21 19.86
C PRO E 448 -22.55 44.46 19.11
N GLU E 449 -22.37 45.63 19.71
CA GLU E 449 -22.66 46.85 18.96
C GLU E 449 -21.47 47.21 18.05
N TYR E 450 -21.75 48.01 17.03
CA TYR E 450 -20.73 48.52 16.14
C TYR E 450 -19.43 48.90 16.87
N SER E 451 -19.54 49.84 17.80
CA SER E 451 -18.36 50.41 18.44
C SER E 451 -17.51 49.37 19.13
N THR E 452 -18.11 48.28 19.59
CA THR E 452 -17.28 47.24 20.19
C THR E 452 -16.45 46.52 19.12
N LEU E 453 -17.09 46.16 18.01
CA LEU E 453 -16.40 45.44 16.94
C LEU E 453 -15.31 46.30 16.32
N TYR E 454 -15.64 47.58 16.09
CA TYR E 454 -14.71 48.55 15.53
C TYR E 454 -13.44 48.66 16.37
N ARG E 455 -13.64 48.87 17.66
CA ARG E 455 -12.53 48.96 18.57
C ARG E 455 -11.76 47.66 18.59
N ARG E 456 -12.51 46.55 18.51
CA ARG E 456 -11.91 45.22 18.54
C ARG E 456 -10.92 45.09 17.37
N TRP E 457 -11.38 45.57 16.22
CA TRP E 457 -10.62 45.47 14.99
C TRP E 457 -9.37 46.31 15.11
N LEU E 458 -9.54 47.63 15.30
CA LEU E 458 -8.39 48.53 15.52
C LEU E 458 -7.37 47.93 16.49
N ASP E 459 -7.83 47.50 17.65
CA ASP E 459 -6.92 46.85 18.59
C ASP E 459 -6.19 45.67 17.99
N SER E 460 -6.82 44.96 17.06
CA SER E 460 -6.25 43.68 16.61
C SER E 460 -5.00 43.89 15.75
N PHE E 461 -4.76 45.14 15.41
CA PHE E 461 -3.60 45.51 14.62
C PHE E 461 -2.38 45.82 15.48
N GLY I 1 13.56 -14.67 13.96
CA GLY I 1 12.68 -13.64 14.47
C GLY I 1 12.46 -13.79 15.96
N GLU I 2 11.79 -12.84 16.57
CA GLU I 2 11.55 -12.88 18.00
C GLU I 2 10.15 -12.39 18.36
N ILE I 3 9.57 -12.98 19.39
CA ILE I 3 8.20 -12.66 19.76
C ILE I 3 8.15 -11.34 20.53
N GLN I 4 7.34 -10.40 20.06
CA GLN I 4 7.22 -9.08 20.69
C GLN I 4 6.12 -9.04 21.72
N TRP I 5 5.19 -10.00 21.65
CA TRP I 5 4.22 -10.21 22.72
C TRP I 5 3.41 -11.50 22.56
N MET I 6 2.41 -11.69 23.41
CA MET I 6 1.56 -12.87 23.34
C MET I 6 0.38 -12.74 24.29
N ARG I 7 -0.72 -12.17 23.80
CA ARG I 7 -1.94 -12.02 24.58
C ARG I 7 -3.05 -12.93 24.05
N PRO I 8 -4.08 -13.19 24.88
CA PRO I 8 -5.26 -13.94 24.43
C PRO I 8 -5.90 -13.30 23.20
N SER I 9 -6.67 -14.08 22.46
CA SER I 9 -7.20 -13.65 21.17
C SER I 9 -8.37 -12.69 21.28
N LYS I 10 -9.41 -13.12 21.98
CA LYS I 10 -10.59 -12.28 22.20
C LYS I 10 -10.14 -10.91 22.68
N GLU I 11 -9.10 -10.94 23.52
CA GLU I 11 -8.47 -9.75 24.06
C GLU I 11 -7.94 -8.81 22.97
N VAL I 12 -8.02 -9.22 21.71
CA VAL I 12 -7.46 -8.47 20.58
C VAL I 12 -8.33 -8.57 19.32
N GLY I 13 -9.52 -9.15 19.46
CA GLY I 13 -10.48 -9.18 18.37
C GLY I 13 -10.50 -10.46 17.54
N TYR I 14 -9.41 -11.23 17.63
CA TYR I 14 -9.27 -12.47 16.87
C TYR I 14 -10.02 -13.63 17.51
N PRO I 15 -10.28 -14.69 16.73
CA PRO I 15 -10.98 -15.83 17.31
C PRO I 15 -10.00 -16.89 17.76
N ILE I 16 -10.53 -17.94 18.39
CA ILE I 16 -9.72 -19.07 18.75
C ILE I 16 -9.81 -20.05 17.59
N ILE I 17 -8.66 -20.60 17.18
CA ILE I 17 -8.63 -21.65 16.18
C ILE I 17 -8.10 -22.92 16.81
N ASN I 18 -8.84 -24.01 16.66
CA ASN I 18 -8.38 -25.27 17.23
C ASN I 18 -7.95 -26.28 16.17
N ALA I 19 -6.70 -26.72 16.28
CA ALA I 19 -6.14 -27.68 15.34
C ALA I 19 -6.28 -29.07 15.92
N PRO I 20 -6.48 -30.07 15.03
CA PRO I 20 -6.68 -31.46 15.44
C PRO I 20 -5.62 -31.89 16.44
N SER I 21 -5.98 -32.85 17.28
CA SER I 21 -5.12 -33.25 18.39
C SER I 21 -4.62 -34.67 18.17
N LYS I 22 -4.65 -35.11 16.93
CA LYS I 22 -4.30 -36.48 16.61
C LYS I 22 -3.66 -36.64 15.25
N THR I 23 -2.49 -37.29 15.23
CA THR I 23 -1.80 -37.64 14.01
C THR I 23 -2.72 -38.37 13.05
N LYS I 24 -2.58 -38.09 11.76
CA LYS I 24 -3.27 -38.88 10.73
C LYS I 24 -2.42 -40.07 10.31
N LEU I 25 -1.19 -40.13 10.85
CA LEU I 25 -0.21 -41.15 10.51
C LEU I 25 -0.38 -42.46 11.28
N GLU I 26 -0.74 -43.53 10.58
CA GLU I 26 -0.86 -44.83 11.22
C GLU I 26 0.09 -45.87 10.61
N PRO I 27 0.43 -46.93 11.36
CA PRO I 27 1.26 -48.00 10.83
C PRO I 27 0.69 -48.63 9.57
N SER I 28 1.63 -49.02 8.71
CA SER I 28 1.38 -49.48 7.37
C SER I 28 1.44 -51.00 7.34
N ALA I 29 0.88 -51.61 6.30
CA ALA I 29 1.10 -53.05 6.09
C ALA I 29 2.58 -53.39 6.27
N PHE I 30 3.45 -52.45 5.87
CA PHE I 30 4.87 -52.72 5.83
C PHE I 30 5.63 -52.22 7.06
N HIS I 31 4.91 -51.95 8.14
CA HIS I 31 5.50 -51.38 9.34
C HIS I 31 6.52 -52.32 9.99
N TYR I 32 6.33 -53.63 9.81
CA TYR I 32 7.22 -54.60 10.47
C TYR I 32 8.15 -55.27 9.48
N VAL I 33 7.79 -55.24 8.20
CA VAL I 33 8.70 -55.69 7.17
C VAL I 33 10.02 -54.93 7.29
N PHE I 34 9.96 -53.60 7.24
CA PHE I 34 11.15 -52.76 7.35
C PHE I 34 11.21 -52.09 8.70
N GLU I 35 12.41 -51.62 9.06
CA GLU I 35 12.57 -50.89 10.32
C GLU I 35 12.80 -49.39 10.15
N GLY I 36 12.79 -48.67 11.27
CA GLY I 36 13.03 -47.25 11.27
C GLY I 36 13.30 -46.74 12.66
N VAL I 37 13.17 -45.43 12.84
CA VAL I 37 13.31 -44.82 14.16
C VAL I 37 12.30 -43.70 14.31
N LYS I 38 11.63 -43.36 13.21
CA LYS I 38 10.69 -42.24 13.19
C LYS I 38 9.26 -42.63 13.51
N GLU I 39 8.52 -41.67 14.04
CA GLU I 39 7.10 -41.83 14.33
C GLU I 39 6.49 -40.45 14.35
N PRO I 40 5.15 -40.38 14.31
CA PRO I 40 4.43 -39.11 14.29
C PRO I 40 5.04 -38.13 15.27
N ALA I 41 5.00 -36.85 14.94
CA ALA I 41 5.55 -35.83 15.81
C ALA I 41 4.57 -35.49 16.92
N VAL I 42 5.09 -34.91 17.99
CA VAL I 42 4.25 -34.46 19.08
C VAL I 42 3.32 -33.36 18.57
N LEU I 43 2.02 -33.56 18.77
CA LEU I 43 0.99 -32.62 18.32
C LEU I 43 0.41 -31.75 19.44
N THR I 44 0.36 -32.29 20.65
CA THR I 44 -0.20 -31.54 21.78
C THR I 44 0.62 -31.67 23.05
N LYS I 45 0.16 -31.00 24.10
CA LYS I 45 0.88 -30.88 25.36
C LYS I 45 0.76 -32.16 26.16
N ASN I 46 -0.45 -32.71 26.18
CA ASN I 46 -0.71 -33.96 26.86
C ASN I 46 -0.23 -35.14 26.02
N ASP I 47 1.08 -35.34 25.95
CA ASP I 47 1.63 -36.46 25.20
C ASP I 47 2.68 -37.21 25.98
N PRO I 48 2.50 -38.52 26.14
CA PRO I 48 3.30 -39.39 26.99
C PRO I 48 4.77 -39.43 26.60
N ARG I 49 5.06 -39.16 25.34
CA ARG I 49 6.41 -39.32 24.83
C ARG I 49 7.33 -38.16 25.22
N LEU I 50 6.75 -37.09 25.76
CA LEU I 50 7.50 -35.89 26.08
C LEU I 50 8.33 -36.02 27.36
N LYS I 51 9.63 -35.77 27.25
CA LYS I 51 10.45 -35.57 28.45
C LYS I 51 10.96 -34.12 28.53
N THR I 52 10.05 -33.16 28.33
CA THR I 52 10.38 -31.74 28.32
C THR I 52 9.12 -30.93 28.03
N ASP I 53 9.16 -29.63 28.28
CA ASP I 53 7.97 -28.81 28.08
C ASP I 53 7.69 -28.57 26.59
N PHE I 54 6.45 -28.79 26.18
CA PHE I 54 6.09 -28.64 24.77
C PHE I 54 6.26 -27.21 24.24
N GLU I 55 5.30 -26.35 24.57
CA GLU I 55 5.29 -24.98 24.06
C GLU I 55 6.63 -24.28 24.25
N GLU I 56 7.37 -24.68 25.27
CA GLU I 56 8.72 -24.16 25.45
C GLU I 56 9.63 -24.60 24.30
N ALA I 57 9.49 -25.85 23.87
CA ALA I 57 10.38 -26.41 22.86
C ALA I 57 10.00 -26.01 21.45
N ILE I 58 8.69 -25.83 21.19
CA ILE I 58 8.23 -25.50 19.85
C ILE I 58 8.41 -24.03 19.50
N PHE I 59 8.42 -23.16 20.50
CA PHE I 59 8.74 -21.75 20.28
C PHE I 59 10.19 -21.43 20.66
N SER I 60 10.97 -22.46 20.95
CA SER I 60 12.34 -22.26 21.40
C SER I 60 13.19 -21.58 20.34
N LYS I 61 12.70 -21.61 19.10
CA LYS I 61 13.47 -21.12 17.96
C LYS I 61 13.47 -19.60 17.82
N TYR I 62 12.34 -18.98 18.16
CA TYR I 62 12.19 -17.54 18.03
C TYR I 62 13.19 -16.76 18.91
N VAL I 63 14.46 -16.74 18.50
CA VAL I 63 15.51 -15.98 19.20
C VAL I 63 15.72 -14.53 18.70
N GLY I 64 16.24 -13.67 19.56
CA GLY I 64 16.31 -12.24 19.31
C GLY I 64 17.07 -11.69 18.12
N ASN I 65 16.51 -10.62 17.55
CA ASN I 65 17.09 -9.89 16.42
C ASN I 65 18.50 -9.38 16.71
N LYS I 66 19.42 -9.66 15.80
CA LYS I 66 20.81 -9.28 16.00
C LYS I 66 21.29 -8.23 15.03
N ILE I 67 22.14 -8.66 14.10
CA ILE I 67 22.76 -7.73 13.18
C ILE I 67 21.69 -7.07 12.30
N THR I 68 21.87 -5.77 12.09
CA THR I 68 20.92 -4.99 11.31
C THR I 68 21.66 -4.25 10.20
N GLU I 69 22.99 -4.22 10.29
CA GLU I 69 23.72 -3.43 9.31
C GLU I 69 24.33 -4.27 8.20
N VAL I 70 23.92 -3.93 7.00
CA VAL I 70 24.48 -4.46 5.78
C VAL I 70 25.91 -3.95 5.59
N ASP I 71 26.88 -4.70 6.12
CA ASP I 71 28.27 -4.36 5.87
C ASP I 71 28.58 -4.42 4.39
N GLU I 72 29.83 -4.17 4.05
CA GLU I 72 30.20 -3.91 2.68
C GLU I 72 30.43 -5.21 1.96
N TYR I 73 30.56 -6.30 2.70
CA TYR I 73 30.66 -7.61 2.08
C TYR I 73 29.26 -8.00 1.60
N MET I 74 28.26 -7.87 2.48
CA MET I 74 26.87 -8.02 2.05
C MET I 74 26.62 -7.16 0.83
N LYS I 75 27.03 -5.89 0.86
CA LYS I 75 26.85 -5.00 -0.29
C LYS I 75 27.40 -5.53 -1.62
N GLU I 76 28.61 -6.08 -1.64
CA GLU I 76 29.16 -6.64 -2.89
C GLU I 76 28.42 -7.93 -3.27
N ALA I 77 28.11 -8.73 -2.25
CA ALA I 77 27.24 -9.89 -2.41
C ALA I 77 26.00 -9.49 -3.21
N VAL I 78 25.18 -8.64 -2.60
CA VAL I 78 24.02 -8.04 -3.23
C VAL I 78 24.26 -7.64 -4.67
N ASP I 79 25.35 -6.90 -4.91
CA ASP I 79 25.65 -6.36 -6.23
C ASP I 79 25.92 -7.45 -7.27
N HIS I 80 26.59 -8.51 -6.84
CA HIS I 80 27.00 -9.57 -7.75
C HIS I 80 25.83 -10.53 -8.03
N TYR I 81 25.07 -10.84 -6.99
CA TYR I 81 23.91 -11.67 -7.19
C TYR I 81 22.91 -10.90 -8.06
N ALA I 82 22.72 -9.63 -7.73
CA ALA I 82 21.70 -8.83 -8.41
C ALA I 82 22.01 -8.72 -9.89
N GLY I 83 23.29 -8.62 -10.20
CA GLY I 83 23.74 -8.51 -11.58
C GLY I 83 23.58 -9.83 -12.31
N GLN I 84 23.62 -10.92 -11.56
CA GLN I 84 23.48 -12.25 -12.16
C GLN I 84 22.03 -12.41 -12.61
N LEU I 85 21.11 -12.12 -11.71
CA LEU I 85 19.67 -12.16 -12.01
C LEU I 85 19.31 -11.23 -13.16
N MET I 86 20.09 -10.16 -13.31
CA MET I 86 19.84 -9.12 -14.30
C MET I 86 19.93 -9.67 -15.71
N SER I 87 20.76 -10.70 -15.89
CA SER I 87 20.90 -11.38 -17.16
C SER I 87 19.68 -12.21 -17.58
N LEU I 88 18.82 -12.58 -16.63
CA LEU I 88 17.64 -13.39 -16.98
C LEU I 88 16.51 -12.57 -17.60
N ASP I 89 16.63 -11.25 -17.52
CA ASP I 89 15.62 -10.34 -18.03
C ASP I 89 14.22 -10.61 -17.44
N ILE I 90 14.15 -10.53 -16.12
CA ILE I 90 12.94 -10.86 -15.39
C ILE I 90 11.86 -9.79 -15.56
N ASN I 91 10.64 -10.19 -15.92
CA ASN I 91 9.52 -9.25 -16.04
C ASN I 91 9.12 -8.68 -14.68
N THR I 92 9.12 -7.36 -14.57
CA THR I 92 9.04 -6.70 -13.29
C THR I 92 7.62 -6.23 -13.00
N GLU I 93 6.73 -6.49 -13.93
CA GLU I 93 5.36 -6.04 -13.80
C GLU I 93 4.58 -6.82 -12.75
N GLN I 94 3.60 -6.15 -12.15
CA GLN I 94 2.60 -6.84 -11.36
C GLN I 94 1.99 -7.95 -12.22
N MET I 95 1.75 -9.10 -11.64
CA MET I 95 0.96 -10.15 -12.27
C MET I 95 -0.52 -9.87 -11.99
N CYS I 96 -1.38 -10.04 -13.00
CA CYS I 96 -2.82 -9.80 -12.83
C CYS I 96 -3.45 -10.73 -11.80
N LEU I 97 -4.55 -10.29 -11.22
CA LEU I 97 -5.21 -11.07 -10.19
C LEU I 97 -5.52 -12.48 -10.66
N GLU I 98 -5.91 -12.60 -11.93
CA GLU I 98 -6.28 -13.89 -12.49
C GLU I 98 -5.12 -14.89 -12.46
N ASP I 99 -3.99 -14.50 -13.04
CA ASP I 99 -2.84 -15.38 -13.09
C ASP I 99 -2.27 -15.61 -11.70
N ALA I 100 -2.46 -14.64 -10.82
CA ALA I 100 -1.93 -14.78 -9.48
C ALA I 100 -2.70 -15.88 -8.78
N MET I 101 -3.98 -15.98 -9.09
CA MET I 101 -4.88 -16.96 -8.47
C MET I 101 -4.83 -18.30 -9.15
N TYR I 102 -4.87 -18.26 -10.49
CA TYR I 102 -5.15 -19.46 -11.27
C TYR I 102 -3.92 -20.06 -11.95
N GLY I 103 -2.85 -19.28 -11.98
CA GLY I 103 -1.62 -19.76 -12.58
C GLY I 103 -1.38 -19.17 -13.94
N THR I 104 -0.13 -19.22 -14.38
CA THR I 104 0.23 -18.89 -15.75
C THR I 104 1.50 -19.66 -16.03
N ASP I 105 2.11 -19.44 -17.18
CA ASP I 105 3.31 -20.21 -17.49
C ASP I 105 4.42 -20.03 -16.45
N GLY I 106 4.62 -21.05 -15.62
CA GLY I 106 5.70 -21.04 -14.65
C GLY I 106 5.25 -20.91 -13.20
N LEU I 107 3.95 -20.71 -13.00
CA LEU I 107 3.40 -20.64 -11.66
C LEU I 107 2.08 -21.43 -11.55
N GLU I 108 2.06 -22.46 -10.71
CA GLU I 108 0.86 -23.25 -10.46
C GLU I 108 -0.21 -22.41 -9.79
N ALA I 109 -1.46 -22.81 -9.87
CA ALA I 109 -2.53 -22.04 -9.25
C ALA I 109 -2.34 -22.22 -7.78
N LEU I 110 -3.08 -21.46 -6.98
CA LEU I 110 -3.14 -21.66 -5.55
C LEU I 110 -3.68 -23.05 -5.27
N ASP I 111 -3.25 -23.66 -4.16
CA ASP I 111 -3.65 -25.02 -3.81
C ASP I 111 -5.04 -25.02 -3.17
N LEU I 112 -6.00 -25.64 -3.84
CA LEU I 112 -7.40 -25.56 -3.40
C LEU I 112 -7.71 -26.60 -2.34
N SER I 113 -6.76 -27.49 -2.09
CA SER I 113 -7.00 -28.57 -1.15
C SER I 113 -6.44 -28.20 0.21
N THR I 114 -5.92 -26.99 0.32
CA THR I 114 -5.43 -26.50 1.58
C THR I 114 -6.27 -25.30 2.05
N SER I 115 -6.16 -24.99 3.34
CA SER I 115 -6.95 -23.99 4.02
C SER I 115 -6.82 -22.58 3.42
N ALA I 116 -7.86 -21.77 3.58
CA ALA I 116 -7.78 -20.39 3.16
C ALA I 116 -7.21 -19.49 4.25
N GLY I 117 -6.77 -20.09 5.36
CA GLY I 117 -6.27 -19.32 6.48
C GLY I 117 -7.21 -18.23 7.00
N TYR I 118 -6.69 -17.30 7.81
CA TYR I 118 -7.53 -16.22 8.34
C TYR I 118 -8.03 -15.19 7.30
N PRO I 119 -9.29 -14.74 7.42
CA PRO I 119 -10.27 -15.10 8.46
C PRO I 119 -11.19 -16.22 8.00
N TYR I 120 -10.94 -16.77 6.81
CA TYR I 120 -11.85 -17.74 6.19
C TYR I 120 -11.94 -19.04 6.98
N VAL I 121 -10.90 -19.31 7.74
CA VAL I 121 -10.84 -20.55 8.48
C VAL I 121 -11.78 -20.49 9.68
N ALA I 122 -12.25 -19.30 10.01
CA ALA I 122 -13.14 -19.13 11.15
C ALA I 122 -14.59 -18.89 10.75
N MET I 123 -14.80 -18.43 9.52
CA MET I 123 -16.16 -18.29 9.01
C MET I 123 -16.60 -19.53 8.23
N GLY I 124 -15.81 -20.59 8.31
CA GLY I 124 -16.13 -21.85 7.64
C GLY I 124 -16.03 -21.82 6.13
N LYS I 125 -15.30 -20.85 5.60
CA LYS I 125 -15.14 -20.67 4.16
C LYS I 125 -13.86 -21.38 3.67
N LYS I 126 -13.91 -21.95 2.46
CA LYS I 126 -12.76 -22.69 1.93
C LYS I 126 -12.32 -22.04 0.63
N LYS I 127 -11.11 -22.35 0.18
CA LYS I 127 -10.62 -21.79 -1.07
C LYS I 127 -11.61 -22.12 -2.17
N ARG I 128 -12.02 -23.39 -2.21
CA ARG I 128 -12.91 -23.90 -3.25
C ARG I 128 -14.20 -23.09 -3.31
N ASP I 129 -14.61 -22.57 -2.16
CA ASP I 129 -15.78 -21.70 -2.09
C ASP I 129 -15.50 -20.42 -2.86
N ILE I 130 -14.23 -20.02 -2.90
CA ILE I 130 -13.86 -18.72 -3.43
C ILE I 130 -13.31 -18.76 -4.83
N LEU I 131 -12.54 -19.81 -5.14
CA LEU I 131 -11.91 -19.98 -6.46
C LEU I 131 -12.63 -20.98 -7.36
N ASN I 132 -12.40 -20.84 -8.65
CA ASN I 132 -13.00 -21.72 -9.63
C ASN I 132 -12.09 -21.87 -10.83
N LYS I 133 -11.30 -22.95 -10.86
CA LYS I 133 -10.31 -23.08 -11.91
C LYS I 133 -10.94 -23.09 -13.27
N GLN I 134 -12.21 -23.47 -13.31
CA GLN I 134 -12.94 -23.59 -14.56
C GLN I 134 -13.32 -22.23 -15.13
N THR I 135 -13.92 -21.37 -14.30
CA THR I 135 -14.23 -20.01 -14.76
C THR I 135 -13.02 -19.08 -14.64
N ARG I 136 -12.10 -19.41 -13.75
CA ARG I 136 -10.97 -18.53 -13.47
C ARG I 136 -11.53 -17.18 -13.07
N ASP I 137 -12.53 -17.22 -12.19
CA ASP I 137 -13.25 -16.02 -11.81
C ASP I 137 -12.56 -15.31 -10.67
N THR I 138 -12.49 -13.98 -10.76
CA THR I 138 -11.81 -13.21 -9.75
C THR I 138 -12.73 -12.30 -8.96
N LYS I 139 -13.96 -12.09 -9.42
CA LYS I 139 -14.86 -11.15 -8.74
C LYS I 139 -14.93 -11.37 -7.24
N GLU I 140 -15.03 -12.63 -6.83
CA GLU I 140 -15.16 -12.92 -5.41
C GLU I 140 -13.87 -12.65 -4.64
N MET I 141 -12.73 -12.96 -5.24
CA MET I 141 -11.45 -12.72 -4.57
C MET I 141 -11.25 -11.23 -4.33
N GLN I 142 -11.39 -10.47 -5.42
CA GLN I 142 -11.31 -9.02 -5.38
C GLN I 142 -12.17 -8.44 -4.25
N LYS I 143 -13.42 -8.88 -4.17
CA LYS I 143 -14.32 -8.42 -3.13
C LYS I 143 -13.80 -8.78 -1.73
N LEU I 144 -13.18 -9.94 -1.60
CA LEU I 144 -12.58 -10.31 -0.34
C LEU I 144 -11.27 -9.57 -0.09
N LEU I 145 -10.56 -9.21 -1.16
CA LEU I 145 -9.36 -8.40 -0.99
C LEU I 145 -9.81 -7.06 -0.41
N ASP I 146 -10.75 -6.43 -1.09
CA ASP I 146 -11.35 -5.16 -0.69
C ASP I 146 -11.97 -5.20 0.69
N THR I 147 -12.57 -6.32 1.06
CA THR I 147 -13.19 -6.43 2.38
C THR I 147 -12.21 -6.62 3.54
N TYR I 148 -11.27 -7.54 3.41
CA TYR I 148 -10.41 -7.87 4.53
C TYR I 148 -9.00 -7.30 4.41
N GLY I 149 -8.62 -6.90 3.21
CA GLY I 149 -7.30 -6.36 2.97
C GLY I 149 -6.20 -7.41 3.16
N ILE I 150 -4.98 -6.95 3.42
CA ILE I 150 -3.84 -7.83 3.53
C ILE I 150 -3.12 -7.58 4.83
N ASN I 151 -1.95 -8.18 4.99
CA ASN I 151 -1.26 -8.17 6.26
C ASN I 151 -2.10 -8.77 7.39
N LEU I 152 -2.77 -9.87 7.10
CA LEU I 152 -3.64 -10.52 8.08
C LEU I 152 -2.80 -11.50 8.86
N PRO I 153 -3.27 -11.92 10.04
CA PRO I 153 -2.43 -12.85 10.79
C PRO I 153 -2.38 -14.27 10.20
N LEU I 154 -1.25 -14.94 10.35
CA LEU I 154 -1.10 -16.32 9.93
C LEU I 154 -1.49 -17.25 11.06
N VAL I 155 -2.25 -18.29 10.75
CA VAL I 155 -2.64 -19.29 11.76
C VAL I 155 -1.54 -20.34 11.96
N THR I 156 -1.13 -20.54 13.21
CA THR I 156 -0.10 -21.51 13.54
C THR I 156 -0.67 -22.92 13.76
N TYR I 157 -0.02 -23.88 13.13
CA TYR I 157 -0.42 -25.28 13.28
C TYR I 157 0.88 -26.02 13.50
N VAL I 158 0.80 -27.22 14.07
CA VAL I 158 1.98 -28.07 14.16
C VAL I 158 1.88 -29.07 13.02
N LYS I 159 3.03 -29.43 12.46
CA LYS I 159 3.05 -30.23 11.26
C LYS I 159 2.95 -31.70 11.57
N ASP I 160 1.89 -32.33 11.09
CA ASP I 160 1.74 -33.78 11.14
C ASP I 160 2.81 -34.45 10.26
N GLU I 161 3.84 -35.04 10.88
CA GLU I 161 4.89 -35.66 10.09
C GLU I 161 5.80 -36.56 10.92
N LEU I 162 6.58 -37.40 10.26
CA LEU I 162 7.43 -38.34 10.97
C LEU I 162 8.64 -37.60 11.49
N ARG I 163 8.98 -37.85 12.76
CA ARG I 163 10.17 -37.25 13.36
C ARG I 163 10.93 -38.34 14.07
N SER I 164 12.24 -38.16 14.20
CA SER I 164 13.06 -39.12 14.93
C SER I 164 12.66 -39.18 16.41
N LYS I 165 13.47 -39.86 17.22
CA LYS I 165 13.16 -40.00 18.64
C LYS I 165 13.48 -38.75 19.44
N THR I 166 14.74 -38.34 19.42
CA THR I 166 15.18 -37.17 20.18
C THR I 166 14.41 -35.89 19.80
N LYS I 167 13.74 -35.92 18.65
CA LYS I 167 12.91 -34.80 18.20
C LYS I 167 11.49 -34.94 18.74
N VAL I 168 11.13 -36.15 19.17
CA VAL I 168 9.84 -36.34 19.80
C VAL I 168 9.97 -36.22 21.31
N GLU I 169 10.99 -36.86 21.87
CA GLU I 169 11.28 -36.75 23.29
C GLU I 169 11.42 -35.28 23.67
N GLN I 170 12.15 -34.53 22.86
CA GLN I 170 12.39 -33.11 23.13
C GLN I 170 11.28 -32.22 22.57
N GLY I 171 10.19 -32.82 22.13
CA GLY I 171 9.03 -32.08 21.63
C GLY I 171 9.37 -31.12 20.51
N LYS I 172 10.41 -31.46 19.75
CA LYS I 172 10.83 -30.66 18.62
C LYS I 172 9.98 -30.87 17.38
N SER I 173 8.68 -30.56 17.47
CA SER I 173 7.82 -30.60 16.30
C SER I 173 7.97 -29.31 15.49
N ARG I 174 8.01 -29.44 14.16
CA ARG I 174 8.08 -28.27 13.28
C ARG I 174 6.76 -27.52 13.23
N LEU I 175 6.85 -26.19 13.21
CA LEU I 175 5.66 -25.33 13.15
C LEU I 175 5.34 -24.87 11.72
N ILE I 176 4.09 -24.49 11.52
CA ILE I 176 3.65 -24.02 10.21
C ILE I 176 2.74 -22.81 10.38
N GLU I 177 3.00 -21.79 9.59
CA GLU I 177 2.16 -20.58 9.62
C GLU I 177 1.30 -20.54 8.37
N ALA I 178 0.02 -20.86 8.52
CA ALA I 178 -0.93 -20.80 7.42
C ALA I 178 -1.20 -19.36 6.97
N SER I 179 -0.56 -18.96 5.88
CA SER I 179 -0.84 -17.66 5.26
C SER I 179 -2.31 -17.50 4.85
N SER I 180 -2.83 -16.29 5.01
CA SER I 180 -4.18 -15.98 4.60
C SER I 180 -4.24 -16.05 3.08
N LEU I 181 -5.40 -16.39 2.55
CA LEU I 181 -5.60 -16.42 1.10
C LEU I 181 -5.28 -15.04 0.54
N ASN I 182 -5.68 -14.00 1.28
CA ASN I 182 -5.49 -12.63 0.85
C ASN I 182 -4.04 -12.31 0.72
N ASP I 183 -3.22 -12.78 1.64
CA ASP I 183 -1.79 -12.50 1.55
C ASP I 183 -1.04 -13.28 0.46
N SER I 184 -1.46 -14.53 0.18
CA SER I 184 -0.89 -15.31 -0.93
C SER I 184 -1.29 -14.68 -2.23
N VAL I 185 -2.51 -14.20 -2.34
CA VAL I 185 -2.90 -13.55 -3.58
C VAL I 185 -2.07 -12.28 -3.82
N ALA I 186 -1.92 -11.47 -2.78
CA ALA I 186 -1.15 -10.24 -2.85
C ALA I 186 0.28 -10.56 -3.14
N MET I 187 0.84 -11.55 -2.46
CA MET I 187 2.24 -11.91 -2.69
C MET I 187 2.49 -12.26 -4.14
N ARG I 188 1.60 -13.09 -4.71
CA ARG I 188 1.70 -13.54 -6.12
C ARG I 188 1.48 -12.43 -7.16
N MET I 189 0.67 -11.43 -6.83
CA MET I 189 0.54 -10.26 -7.70
C MET I 189 1.82 -9.40 -7.73
N ALA I 190 2.42 -9.13 -6.58
CA ALA I 190 3.75 -8.48 -6.56
C ALA I 190 4.90 -9.27 -7.22
N PHE I 191 5.00 -10.56 -6.91
CA PHE I 191 6.23 -11.31 -7.18
C PHE I 191 6.07 -12.48 -8.14
N GLY I 192 4.85 -12.68 -8.64
CA GLY I 192 4.57 -13.85 -9.46
C GLY I 192 5.52 -14.00 -10.63
N ASN I 193 5.90 -12.87 -11.20
CA ASN I 193 6.80 -12.89 -12.35
C ASN I 193 8.23 -13.15 -11.95
N LEU I 194 8.58 -12.82 -10.71
CA LEU I 194 9.86 -13.22 -10.20
C LEU I 194 9.81 -14.73 -9.89
N TYR I 195 8.70 -15.19 -9.31
CA TYR I 195 8.56 -16.62 -9.08
C TYR I 195 8.65 -17.37 -10.40
N ALA I 196 7.98 -16.85 -11.42
CA ALA I 196 7.92 -17.59 -12.68
C ALA I 196 9.30 -17.74 -13.27
N ALA I 197 9.96 -16.60 -13.48
CA ALA I 197 11.35 -16.58 -13.95
C ALA I 197 12.25 -17.59 -13.20
N PHE I 198 12.16 -17.62 -11.88
CA PHE I 198 12.92 -18.62 -11.13
C PHE I 198 12.56 -20.07 -11.42
N HIS I 199 11.28 -20.39 -11.52
CA HIS I 199 10.87 -21.78 -11.75
C HIS I 199 11.34 -22.24 -13.14
N LYS I 200 11.27 -21.33 -14.12
CA LYS I 200 11.69 -21.69 -15.46
C LYS I 200 13.20 -21.79 -15.62
N ASN I 201 13.98 -21.37 -14.63
CA ASN I 201 15.44 -21.31 -14.80
C ASN I 201 16.25 -21.90 -13.63
N PRO I 202 16.01 -23.16 -13.28
CA PRO I 202 16.85 -23.73 -12.23
C PRO I 202 18.30 -23.84 -12.73
N GLY I 203 19.26 -23.57 -11.85
CA GLY I 203 20.64 -23.55 -12.26
C GLY I 203 21.48 -22.53 -11.51
N VAL I 204 22.62 -22.19 -12.08
CA VAL I 204 23.60 -21.36 -11.38
C VAL I 204 23.53 -19.90 -11.78
N ILE I 205 22.59 -19.55 -12.65
CA ILE I 205 22.32 -18.16 -12.94
C ILE I 205 21.42 -17.63 -11.83
N THR I 206 20.32 -18.35 -11.56
CA THR I 206 19.49 -18.04 -10.39
C THR I 206 20.09 -18.53 -9.08
N GLY I 207 21.01 -19.50 -9.16
CA GLY I 207 21.52 -20.16 -7.96
C GLY I 207 20.44 -20.90 -7.17
N SER I 208 19.49 -21.49 -7.90
CA SER I 208 18.30 -22.10 -7.29
C SER I 208 17.93 -23.41 -8.00
N ALA I 209 17.52 -24.44 -7.24
CA ALA I 209 17.00 -25.67 -7.87
C ALA I 209 15.47 -25.75 -8.00
N VAL I 210 14.76 -24.72 -7.56
CA VAL I 210 13.31 -24.71 -7.62
C VAL I 210 12.89 -24.87 -9.05
N GLY I 211 12.03 -25.84 -9.32
CA GLY I 211 11.68 -26.14 -10.69
C GLY I 211 12.51 -27.22 -11.35
N CYS I 212 13.51 -27.78 -10.67
CA CYS I 212 14.24 -28.89 -11.24
C CYS I 212 13.56 -30.24 -11.04
N ASP I 213 13.90 -31.20 -11.90
CA ASP I 213 13.50 -32.59 -11.76
C ASP I 213 14.79 -33.35 -11.49
N PRO I 214 15.05 -33.68 -10.24
CA PRO I 214 16.33 -34.34 -9.94
C PRO I 214 16.66 -35.53 -10.86
N ASP I 215 15.68 -36.25 -11.40
CA ASP I 215 16.01 -37.36 -12.29
C ASP I 215 16.75 -36.91 -13.55
N LEU I 216 16.56 -35.65 -13.93
CA LEU I 216 17.13 -35.13 -15.17
C LEU I 216 18.21 -34.09 -14.89
N PHE I 217 18.07 -33.42 -13.75
CA PHE I 217 18.85 -32.24 -13.45
C PHE I 217 20.21 -32.63 -12.88
N TRP I 218 20.25 -33.73 -12.16
CA TRP I 218 21.48 -34.27 -11.64
C TRP I 218 22.55 -34.44 -12.73
N SER I 219 22.16 -34.74 -13.96
CA SER I 219 23.17 -34.92 -15.01
C SER I 219 23.70 -33.59 -15.54
N LYS I 220 23.02 -32.50 -15.17
CA LYS I 220 23.36 -31.14 -15.59
C LYS I 220 24.32 -30.51 -14.59
N ILE I 221 24.24 -30.95 -13.35
CA ILE I 221 24.89 -30.25 -12.24
C ILE I 221 26.43 -30.30 -12.22
N PRO I 222 27.01 -31.51 -12.33
CA PRO I 222 28.48 -31.64 -12.40
C PRO I 222 29.10 -30.78 -13.51
N VAL I 223 28.38 -30.59 -14.60
CA VAL I 223 28.82 -29.71 -15.69
C VAL I 223 28.79 -28.26 -15.22
N LEU I 224 27.71 -27.89 -14.55
CA LEU I 224 27.55 -26.53 -14.08
C LEU I 224 28.57 -26.12 -13.01
N MET I 225 29.00 -27.07 -12.17
CA MET I 225 29.87 -26.74 -11.04
C MET I 225 31.30 -26.49 -11.48
N GLU I 226 32.05 -25.80 -10.62
CA GLU I 226 33.48 -25.64 -10.86
C GLU I 226 34.20 -26.98 -10.64
N GLU I 227 35.47 -26.95 -10.29
CA GLU I 227 36.23 -28.20 -10.12
C GLU I 227 36.20 -28.69 -8.68
N LYS I 228 35.92 -27.80 -7.76
CA LYS I 228 36.06 -28.13 -6.37
C LYS I 228 34.83 -27.70 -5.62
N LEU I 229 34.22 -28.65 -4.92
CA LEU I 229 32.95 -28.43 -4.27
C LEU I 229 33.16 -28.08 -2.82
N PHE I 230 32.16 -27.43 -2.24
CA PHE I 230 32.10 -27.28 -0.82
C PHE I 230 30.63 -27.10 -0.47
N ALA I 231 30.30 -27.33 0.79
CA ALA I 231 28.95 -27.32 1.25
C ALA I 231 28.96 -27.35 2.76
N PHE I 232 27.79 -27.27 3.35
CA PHE I 232 27.68 -27.22 4.80
C PHE I 232 26.20 -27.17 5.14
N ASP I 233 25.86 -27.52 6.37
CA ASP I 233 24.48 -27.42 6.84
C ASP I 233 24.26 -26.10 7.61
N TYR I 234 23.00 -25.78 7.93
CA TYR I 234 22.65 -24.67 8.82
C TYR I 234 21.84 -25.24 9.96
N THR I 235 21.88 -24.57 11.11
CA THR I 235 20.98 -24.88 12.19
C THR I 235 19.99 -23.74 12.32
N GLY I 236 18.71 -24.08 12.44
CA GLY I 236 17.65 -23.08 12.43
C GLY I 236 17.92 -21.95 11.45
N TYR I 237 17.89 -22.28 10.16
CA TYR I 237 18.23 -21.31 9.13
C TYR I 237 17.30 -20.11 9.18
N ASP I 238 16.04 -20.37 8.88
CA ASP I 238 15.01 -19.36 8.93
C ASP I 238 15.14 -18.62 10.25
N ALA I 239 15.02 -19.35 11.34
CA ALA I 239 15.02 -18.76 12.68
C ALA I 239 16.17 -17.77 12.87
N SER I 240 17.31 -18.07 12.28
CA SER I 240 18.51 -17.25 12.49
C SER I 240 18.67 -16.16 11.43
N LEU I 241 17.73 -16.07 10.49
CA LEU I 241 17.78 -14.98 9.53
C LEU I 241 17.61 -13.64 10.24
N SER I 242 18.63 -12.79 10.11
CA SER I 242 18.67 -11.51 10.80
C SER I 242 18.27 -10.37 9.85
N PRO I 243 17.72 -9.28 10.40
CA PRO I 243 17.26 -8.10 9.65
C PRO I 243 18.15 -7.68 8.50
N ALA I 244 19.47 -7.75 8.67
CA ALA I 244 20.37 -7.30 7.60
C ALA I 244 20.17 -8.10 6.31
N TRP I 245 19.93 -9.39 6.48
CA TRP I 245 19.79 -10.31 5.36
C TRP I 245 18.54 -10.00 4.55
N PHE I 246 17.46 -9.75 5.28
CA PHE I 246 16.21 -9.31 4.69
C PHE I 246 16.35 -7.97 4.02
N GLU I 247 17.16 -7.11 4.62
CA GLU I 247 17.47 -5.83 4.02
C GLU I 247 18.23 -5.99 2.70
N ALA I 248 19.24 -6.84 2.69
CA ALA I 248 19.99 -7.08 1.45
C ALA I 248 19.10 -7.74 0.38
N LEU I 249 18.15 -8.58 0.80
CA LEU I 249 17.13 -9.12 -0.09
C LEU I 249 16.41 -7.97 -0.80
N LYS I 250 15.77 -7.10 -0.03
CA LYS I 250 15.15 -5.88 -0.57
C LYS I 250 16.07 -5.12 -1.53
N MET I 251 17.37 -5.06 -1.20
CA MET I 251 18.33 -4.40 -2.06
C MET I 251 18.51 -5.14 -3.39
N VAL I 252 18.46 -6.47 -3.35
CA VAL I 252 18.46 -7.21 -4.60
C VAL I 252 17.15 -6.93 -5.32
N LEU I 253 16.06 -6.88 -4.57
CA LEU I 253 14.76 -6.66 -5.18
C LEU I 253 14.71 -5.31 -5.87
N GLU I 254 15.25 -4.25 -5.26
CA GLU I 254 15.31 -2.94 -5.96
C GLU I 254 16.23 -2.97 -7.19
N LYS I 255 17.37 -3.63 -7.08
CA LYS I 255 18.27 -3.71 -8.23
C LYS I 255 17.70 -4.43 -9.43
N ILE I 256 16.77 -5.36 -9.22
CA ILE I 256 16.22 -6.08 -10.37
C ILE I 256 14.87 -5.56 -10.86
N GLY I 257 14.32 -4.55 -10.20
CA GLY I 257 13.17 -3.86 -10.77
C GLY I 257 11.88 -3.95 -9.98
N PHE I 258 11.99 -4.36 -8.72
CA PHE I 258 10.86 -4.68 -7.87
C PHE I 258 10.88 -3.77 -6.66
N GLY I 259 11.72 -2.73 -6.72
CA GLY I 259 11.86 -1.76 -5.64
C GLY I 259 10.53 -1.30 -5.04
N ASP I 260 9.54 -1.12 -5.87
CA ASP I 260 8.25 -0.66 -5.39
C ASP I 260 7.50 -1.63 -4.48
N ARG I 261 7.94 -2.89 -4.40
CA ARG I 261 7.29 -3.80 -3.43
C ARG I 261 8.20 -4.46 -2.39
N VAL I 262 9.34 -3.85 -2.11
CA VAL I 262 10.21 -4.34 -1.05
C VAL I 262 9.49 -4.18 0.29
N ASP I 263 8.55 -3.24 0.32
CA ASP I 263 7.71 -3.07 1.49
C ASP I 263 7.17 -4.41 1.90
N TYR I 264 6.73 -5.20 0.93
CA TYR I 264 6.16 -6.53 1.19
C TYR I 264 7.11 -7.36 2.04
N ILE I 265 8.40 -7.23 1.78
CA ILE I 265 9.37 -7.90 2.60
C ILE I 265 9.26 -7.45 4.05
N ASP I 266 9.10 -6.15 4.29
CA ASP I 266 8.93 -5.64 5.64
C ASP I 266 7.74 -6.26 6.31
N TYR I 267 6.59 -6.23 5.63
CA TYR I 267 5.42 -6.96 6.12
C TYR I 267 5.77 -8.37 6.57
N LEU I 268 6.34 -9.19 5.68
CA LEU I 268 6.81 -10.52 6.08
C LEU I 268 7.49 -10.53 7.46
N ASN I 269 8.53 -9.71 7.60
CA ASN I 269 9.29 -9.52 8.86
C ASN I 269 8.48 -9.13 10.09
N HIS I 270 7.30 -8.56 9.89
CA HIS I 270 6.50 -8.10 11.00
C HIS I 270 5.16 -8.83 10.99
N SER I 271 5.18 -10.07 11.47
CA SER I 271 4.04 -10.97 11.35
C SER I 271 3.31 -11.25 12.65
N HIS I 272 1.99 -11.24 12.55
CA HIS I 272 1.15 -11.61 13.67
C HIS I 272 0.59 -13.01 13.44
N HIS I 273 0.76 -13.87 14.44
CA HIS I 273 0.37 -15.26 14.32
C HIS I 273 -0.70 -15.65 15.33
N LEU I 274 -1.68 -16.42 14.90
CA LEU I 274 -2.73 -16.93 15.78
C LEU I 274 -2.45 -18.36 16.17
N TYR I 275 -2.38 -18.65 17.46
CA TYR I 275 -2.17 -20.02 17.93
C TYR I 275 -3.16 -20.45 19.01
N LYS I 276 -4.17 -21.20 18.61
CA LYS I 276 -5.21 -21.64 19.54
C LYS I 276 -6.04 -20.47 20.06
N ASN I 277 -5.87 -20.13 21.34
CA ASN I 277 -6.57 -19.01 21.95
C ASN I 277 -5.67 -17.78 22.09
N LYS I 278 -4.40 -17.96 21.74
CA LYS I 278 -3.42 -16.88 21.86
C LYS I 278 -3.18 -16.18 20.53
N THR I 279 -2.47 -15.05 20.59
CA THR I 279 -2.10 -14.26 19.43
C THR I 279 -0.77 -13.60 19.72
N TYR I 280 0.28 -13.99 19.00
CA TYR I 280 1.59 -13.34 19.19
C TYR I 280 2.03 -12.46 18.01
N CYS I 281 3.07 -11.65 18.25
CA CYS I 281 3.69 -10.83 17.20
C CYS I 281 5.15 -11.22 17.08
N VAL I 282 5.70 -11.12 15.87
CA VAL I 282 7.09 -11.48 15.63
C VAL I 282 7.77 -10.38 14.80
N LYS I 283 8.91 -9.92 15.26
CA LYS I 283 9.75 -9.02 14.48
C LYS I 283 10.94 -9.79 13.99
N GLY I 284 11.34 -9.53 12.74
CA GLY I 284 12.39 -10.31 12.11
C GLY I 284 11.83 -11.64 11.65
N GLY I 285 12.61 -12.37 10.85
CA GLY I 285 12.16 -13.64 10.33
C GLY I 285 11.09 -13.57 9.25
N MET I 286 10.94 -14.69 8.54
CA MET I 286 9.95 -14.84 7.49
C MET I 286 9.21 -16.15 7.77
N PRO I 287 7.87 -16.07 7.94
CA PRO I 287 7.07 -17.26 8.23
C PRO I 287 7.09 -18.25 7.05
N SER I 288 7.38 -19.51 7.35
CA SER I 288 7.44 -20.59 6.35
C SER I 288 6.18 -20.70 5.43
N GLY I 289 5.00 -20.56 6.04
CA GLY I 289 3.77 -20.66 5.29
C GLY I 289 3.45 -19.53 4.33
N CYS I 290 4.37 -18.59 4.14
CA CYS I 290 4.10 -17.47 3.25
C CYS I 290 4.40 -17.82 1.82
N SER I 291 3.79 -17.07 0.89
CA SER I 291 4.15 -17.16 -0.53
C SER I 291 5.55 -16.61 -0.77
N GLY I 292 6.35 -17.37 -1.53
CA GLY I 292 7.68 -16.96 -1.92
C GLY I 292 8.83 -17.41 -1.06
N THR I 293 8.54 -17.96 0.12
CA THR I 293 9.61 -18.24 1.06
C THR I 293 10.67 -19.11 0.43
N SER I 294 10.26 -20.09 -0.34
CA SER I 294 11.21 -21.04 -0.91
C SER I 294 12.19 -20.35 -1.86
N ILE I 295 11.72 -19.32 -2.55
CA ILE I 295 12.58 -18.52 -3.42
C ILE I 295 13.38 -17.41 -2.70
N PHE I 296 12.75 -16.73 -1.74
CA PHE I 296 13.42 -15.72 -0.90
C PHE I 296 14.52 -16.35 -0.05
N ASN I 297 14.25 -17.52 0.51
CA ASN I 297 15.29 -18.29 1.20
C ASN I 297 16.41 -18.74 0.26
N SER I 298 16.08 -19.17 -0.96
CA SER I 298 17.14 -19.47 -1.92
C SER I 298 17.97 -18.24 -2.29
N MET I 299 17.30 -17.12 -2.57
CA MET I 299 18.02 -15.88 -2.88
C MET I 299 18.94 -15.44 -1.74
N ILE I 300 18.42 -15.42 -0.52
CA ILE I 300 19.24 -15.09 0.62
C ILE I 300 20.46 -16.02 0.73
N ASN I 301 20.24 -17.33 0.70
CA ASN I 301 21.35 -18.27 0.66
C ASN I 301 22.44 -17.81 -0.29
N ASN I 302 22.06 -17.39 -1.49
CA ASN I 302 23.04 -16.90 -2.47
C ASN I 302 23.83 -15.68 -1.98
N LEU I 303 23.19 -14.80 -1.22
CA LEU I 303 23.86 -13.61 -0.71
C LEU I 303 24.75 -14.02 0.44
N ILE I 304 24.23 -14.84 1.34
CA ILE I 304 25.01 -15.39 2.45
C ILE I 304 26.32 -16.02 1.96
N ILE I 305 26.25 -16.90 0.97
CA ILE I 305 27.47 -17.57 0.58
C ILE I 305 28.45 -16.58 -0.05
N ARG I 306 27.96 -15.77 -0.98
CA ARG I 306 28.78 -14.73 -1.55
C ARG I 306 29.49 -13.93 -0.46
N THR I 307 28.79 -13.65 0.62
CA THR I 307 29.29 -12.76 1.65
C THR I 307 30.50 -13.34 2.39
N LEU I 308 30.44 -14.64 2.67
CA LEU I 308 31.51 -15.32 3.39
C LEU I 308 32.73 -15.55 2.48
N LEU I 309 32.48 -15.97 1.26
CA LEU I 309 33.56 -16.04 0.30
C LEU I 309 34.35 -14.73 0.22
N LEU I 310 33.66 -13.61 0.41
CA LEU I 310 34.25 -12.29 0.23
C LEU I 310 35.00 -11.88 1.48
N LYS I 311 34.37 -12.11 2.62
CA LYS I 311 35.03 -11.97 3.89
C LYS I 311 36.32 -12.76 3.90
N THR I 312 36.19 -14.09 3.79
CA THR I 312 37.30 -15.01 4.00
C THR I 312 38.42 -14.93 2.94
N TYR I 313 38.08 -15.23 1.70
CA TYR I 313 39.09 -15.37 0.66
C TYR I 313 39.33 -14.07 -0.10
N LYS I 314 40.12 -13.17 0.49
CA LYS I 314 40.38 -11.88 -0.14
C LYS I 314 40.64 -12.13 -1.61
N GLY I 315 40.15 -11.24 -2.47
CA GLY I 315 40.37 -11.33 -3.90
C GLY I 315 39.90 -12.63 -4.53
N ILE I 316 38.80 -13.18 -4.02
CA ILE I 316 38.17 -14.31 -4.68
C ILE I 316 37.32 -13.77 -5.84
N ASP I 317 37.27 -14.50 -6.95
CA ASP I 317 36.42 -14.06 -8.05
C ASP I 317 35.04 -14.73 -8.08
N LEU I 318 34.00 -13.89 -8.04
CA LEU I 318 32.65 -14.38 -7.88
C LEU I 318 32.04 -14.95 -9.16
N ASP I 319 32.57 -14.53 -10.32
CA ASP I 319 32.13 -15.11 -11.58
C ASP I 319 32.59 -16.57 -11.74
N HIS I 320 33.25 -17.08 -10.71
CA HIS I 320 33.70 -18.46 -10.67
C HIS I 320 33.13 -19.15 -9.42
N LEU I 321 32.16 -18.49 -8.82
CA LEU I 321 31.32 -19.18 -7.85
C LEU I 321 30.15 -19.77 -8.61
N LYS I 322 30.05 -21.10 -8.58
CA LYS I 322 28.94 -21.83 -9.17
C LYS I 322 28.17 -22.50 -8.04
N MET I 323 27.01 -21.94 -7.69
CA MET I 323 26.20 -22.53 -6.60
C MET I 323 24.72 -22.67 -6.96
N ILE I 324 24.08 -23.65 -6.34
CA ILE I 324 22.66 -23.89 -6.52
C ILE I 324 22.05 -24.11 -5.16
N ALA I 325 21.14 -23.22 -4.76
CA ALA I 325 20.40 -23.38 -3.52
C ALA I 325 18.94 -23.90 -3.74
N TYR I 326 18.42 -24.52 -2.68
CA TYR I 326 17.01 -24.80 -2.55
C TYR I 326 16.68 -24.44 -1.10
N GLY I 327 16.23 -23.21 -0.88
CA GLY I 327 16.07 -22.74 0.50
C GLY I 327 17.43 -22.77 1.17
N ASP I 328 17.53 -23.41 2.33
CA ASP I 328 18.80 -23.51 3.03
C ASP I 328 19.73 -24.59 2.46
N ASP I 329 19.15 -25.57 1.76
CA ASP I 329 19.97 -26.56 1.11
C ASP I 329 20.80 -25.89 0.04
N VAL I 330 22.03 -26.37 -0.17
CA VAL I 330 22.91 -25.82 -1.18
C VAL I 330 24.05 -26.76 -1.53
N ILE I 331 24.44 -26.71 -2.79
CA ILE I 331 25.63 -27.36 -3.25
C ILE I 331 26.44 -26.27 -3.93
N ALA I 332 27.70 -26.13 -3.52
CA ALA I 332 28.52 -25.03 -4.04
C ALA I 332 29.85 -25.51 -4.56
N SER I 333 30.37 -24.76 -5.52
CA SER I 333 31.64 -25.11 -6.11
C SER I 333 32.47 -23.83 -6.35
N TYR I 334 33.69 -24.00 -6.88
CA TYR I 334 34.66 -22.93 -7.13
C TYR I 334 35.96 -23.58 -7.62
N PRO I 335 36.68 -22.93 -8.57
CA PRO I 335 37.73 -23.63 -9.35
C PRO I 335 38.98 -23.99 -8.54
N HIS I 336 39.19 -23.30 -7.41
CA HIS I 336 40.19 -23.69 -6.42
C HIS I 336 39.43 -23.94 -5.14
N GLU I 337 39.98 -24.75 -4.25
CA GLU I 337 39.24 -25.19 -3.08
C GLU I 337 38.98 -24.08 -2.10
N VAL I 338 37.88 -24.20 -1.36
CA VAL I 338 37.59 -23.32 -0.24
C VAL I 338 37.23 -24.21 0.94
N ASP I 339 37.71 -23.81 2.11
CA ASP I 339 37.52 -24.56 3.32
C ASP I 339 36.24 -24.04 3.95
N ALA I 340 35.33 -24.93 4.30
CA ALA I 340 34.06 -24.50 4.88
C ALA I 340 34.12 -24.33 6.39
N SER I 341 35.15 -24.90 7.02
CA SER I 341 35.40 -24.60 8.42
C SER I 341 35.65 -23.10 8.60
N LEU I 342 36.34 -22.52 7.61
CA LEU I 342 36.58 -21.09 7.59
C LEU I 342 35.26 -20.34 7.36
N LEU I 343 34.57 -20.67 6.26
CA LEU I 343 33.31 -19.99 5.94
C LEU I 343 32.32 -20.03 7.11
N ALA I 344 32.33 -21.12 7.86
CA ALA I 344 31.41 -21.25 8.99
C ALA I 344 31.86 -20.33 10.10
N GLN I 345 33.16 -20.04 10.09
CA GLN I 345 33.80 -19.15 11.05
C GLN I 345 33.24 -17.74 10.91
N SER I 346 33.52 -17.12 9.76
CA SER I 346 32.91 -15.84 9.41
C SER I 346 31.40 -15.90 9.64
N GLY I 347 30.82 -17.06 9.41
CA GLY I 347 29.39 -17.26 9.61
C GLY I 347 28.92 -16.76 10.96
N LYS I 348 29.67 -17.08 12.01
CA LYS I 348 29.27 -16.72 13.36
C LYS I 348 29.05 -15.20 13.52
N ASP I 349 29.78 -14.42 12.74
CA ASP I 349 29.69 -12.97 12.80
C ASP I 349 28.32 -12.43 12.39
N TYR I 350 27.58 -13.23 11.63
CA TYR I 350 26.29 -12.79 11.11
C TYR I 350 25.13 -13.55 11.73
N GLY I 351 25.39 -14.28 12.80
CA GLY I 351 24.33 -14.98 13.51
C GLY I 351 24.01 -16.33 12.88
N LEU I 352 24.86 -16.74 11.94
CA LEU I 352 24.67 -18.01 11.24
C LEU I 352 25.36 -19.20 11.91
N THR I 353 24.62 -20.31 12.02
CA THR I 353 25.17 -21.53 12.59
C THR I 353 25.44 -22.61 11.55
N MET I 354 26.64 -22.57 10.97
CA MET I 354 27.03 -23.48 9.91
C MET I 354 27.82 -24.69 10.42
N THR I 355 27.24 -25.87 10.24
CA THR I 355 27.92 -27.12 10.56
C THR I 355 28.31 -27.88 9.29
N PRO I 356 29.05 -28.98 9.43
CA PRO I 356 29.55 -29.66 8.24
C PRO I 356 28.45 -30.43 7.50
N ALA I 357 28.67 -30.69 6.22
CA ALA I 357 27.60 -31.26 5.42
C ALA I 357 27.13 -32.66 5.88
N ASP I 358 25.83 -32.80 6.08
CA ASP I 358 25.21 -34.09 6.39
C ASP I 358 25.56 -34.60 7.78
N LYS I 359 25.64 -33.69 8.74
CA LYS I 359 25.85 -34.07 10.13
C LYS I 359 27.16 -34.82 10.41
N SER I 360 28.05 -34.86 9.43
CA SER I 360 29.40 -35.34 9.69
C SER I 360 29.90 -34.60 10.92
N ALA I 361 30.75 -35.24 11.72
CA ALA I 361 31.22 -34.59 12.95
C ALA I 361 32.32 -33.59 12.66
N THR I 362 33.01 -33.79 11.54
CA THR I 362 34.12 -32.93 11.16
C THR I 362 33.96 -32.37 9.74
N PHE I 363 34.59 -31.23 9.47
CA PHE I 363 34.49 -30.60 8.17
C PHE I 363 35.38 -31.26 7.15
N GLU I 364 34.91 -32.32 6.50
CA GLU I 364 35.75 -33.00 5.51
C GLU I 364 35.55 -32.51 4.07
N THR I 365 36.55 -32.74 3.24
CA THR I 365 36.41 -32.34 1.85
C THR I 365 35.16 -32.94 1.25
N VAL I 366 34.36 -32.08 0.61
CA VAL I 366 33.19 -32.55 -0.12
C VAL I 366 33.61 -32.99 -1.51
N THR I 367 33.15 -34.18 -1.89
CA THR I 367 33.52 -34.79 -3.16
C THR I 367 32.29 -35.30 -3.87
N TRP I 368 32.36 -35.44 -5.18
CA TRP I 368 31.25 -36.00 -5.92
C TRP I 368 30.72 -37.29 -5.33
N GLU I 369 31.52 -37.91 -4.46
CA GLU I 369 31.13 -39.18 -3.84
C GLU I 369 30.40 -39.03 -2.50
N ASN I 370 30.62 -37.93 -1.81
CA ASN I 370 29.91 -37.74 -0.55
C ASN I 370 28.96 -36.52 -0.53
N VAL I 371 28.90 -35.77 -1.62
CA VAL I 371 28.06 -34.58 -1.68
C VAL I 371 26.60 -34.98 -1.80
N THR I 372 25.73 -34.26 -1.06
CA THR I 372 24.29 -34.43 -1.23
C THR I 372 23.51 -33.13 -1.42
N PHE I 373 22.40 -33.24 -2.13
CA PHE I 373 21.53 -32.11 -2.39
C PHE I 373 20.13 -32.73 -2.43
N LEU I 374 19.14 -32.05 -1.86
CA LEU I 374 17.76 -32.56 -1.90
C LEU I 374 17.74 -34.00 -1.38
N LYS I 375 18.63 -34.28 -0.44
CA LYS I 375 18.75 -35.58 0.24
C LYS I 375 19.24 -36.77 -0.63
N ARG I 376 19.69 -36.44 -1.83
CA ARG I 376 20.15 -37.41 -2.81
C ARG I 376 21.66 -37.30 -3.06
N PHE I 377 22.31 -38.45 -3.23
CA PHE I 377 23.69 -38.52 -3.68
C PHE I 377 23.78 -38.44 -5.22
N PHE I 378 25.01 -38.42 -5.73
CA PHE I 378 25.26 -38.34 -7.15
C PHE I 378 26.08 -39.58 -7.52
N ARG I 379 25.64 -40.30 -8.54
CA ARG I 379 26.36 -41.48 -8.99
C ARG I 379 26.19 -41.58 -10.48
N ALA I 380 27.29 -41.51 -11.20
CA ALA I 380 27.22 -41.67 -12.64
C ALA I 380 26.73 -43.07 -12.94
N ASP I 381 26.00 -43.18 -14.03
CA ASP I 381 25.55 -44.48 -14.47
C ASP I 381 26.75 -45.35 -14.95
N GLU I 382 26.66 -46.65 -14.71
CA GLU I 382 27.72 -47.58 -15.12
C GLU I 382 27.84 -47.62 -16.61
N LYS I 383 26.72 -47.54 -17.31
CA LYS I 383 26.77 -47.70 -18.74
C LYS I 383 27.03 -46.36 -19.39
N TYR I 384 26.32 -45.34 -18.93
CA TYR I 384 26.47 -44.02 -19.52
C TYR I 384 27.00 -43.00 -18.53
N PRO I 385 28.32 -42.97 -18.32
CA PRO I 385 28.88 -42.23 -17.19
C PRO I 385 28.51 -40.75 -17.17
N PHE I 386 28.10 -40.17 -18.30
CA PHE I 386 27.64 -38.78 -18.29
C PHE I 386 26.22 -38.57 -17.73
N LEU I 387 25.49 -39.64 -17.50
CA LEU I 387 24.18 -39.56 -16.90
C LEU I 387 24.27 -39.85 -15.41
N ILE I 388 23.80 -38.90 -14.60
CA ILE I 388 23.93 -39.04 -13.15
C ILE I 388 22.63 -39.42 -12.46
N HIS I 389 22.70 -40.47 -11.64
CA HIS I 389 21.61 -40.94 -10.81
C HIS I 389 21.54 -40.10 -9.55
N PRO I 390 20.35 -39.57 -9.26
CA PRO I 390 20.00 -39.04 -7.93
C PRO I 390 19.84 -40.18 -6.95
N VAL I 391 20.79 -40.44 -6.06
CA VAL I 391 20.55 -41.55 -5.18
C VAL I 391 20.22 -41.16 -3.74
N MET I 392 18.94 -41.33 -3.45
CA MET I 392 18.42 -41.20 -2.11
C MET I 392 18.61 -42.54 -1.43
N PRO I 393 19.14 -42.51 -0.21
CA PRO I 393 19.39 -43.71 0.57
C PRO I 393 18.10 -44.46 0.90
N MET I 394 18.18 -45.78 0.98
CA MET I 394 17.03 -46.63 1.27
C MET I 394 16.50 -46.38 2.67
N LYS I 395 17.39 -45.97 3.56
CA LYS I 395 17.06 -45.64 4.93
C LYS I 395 15.77 -44.83 5.06
N GLU I 396 15.59 -43.83 4.20
CA GLU I 396 14.51 -42.88 4.42
C GLU I 396 13.27 -43.33 3.69
N ILE I 397 13.49 -44.14 2.65
CA ILE I 397 12.41 -44.81 1.95
C ILE I 397 11.82 -45.88 2.85
N HIS I 398 12.67 -46.51 3.66
CA HIS I 398 12.18 -47.47 4.65
C HIS I 398 11.36 -46.78 5.74
N GLU I 399 11.79 -45.59 6.16
CA GLU I 399 10.99 -44.81 7.11
C GLU I 399 9.62 -44.46 6.55
N SER I 400 9.58 -43.94 5.32
CA SER I 400 8.31 -43.50 4.76
C SER I 400 7.25 -44.61 4.63
N ILE I 401 7.70 -45.80 4.28
CA ILE I 401 6.80 -46.87 3.92
C ILE I 401 6.20 -47.53 5.15
N ARG I 402 6.91 -47.46 6.26
CA ARG I 402 6.41 -47.99 7.53
C ARG I 402 5.14 -47.29 8.01
N TRP I 403 4.69 -46.26 7.28
CA TRP I 403 3.53 -45.48 7.70
C TRP I 403 2.64 -45.07 6.54
N THR I 404 1.38 -44.75 6.86
CA THR I 404 0.43 -44.28 5.87
C THR I 404 -0.53 -43.30 6.56
N LYS I 405 -1.10 -42.40 5.77
CA LYS I 405 -2.09 -41.46 6.28
C LYS I 405 -3.47 -41.89 5.80
N ASP I 406 -3.49 -42.93 4.98
CA ASP I 406 -4.73 -43.51 4.49
C ASP I 406 -4.43 -44.71 3.62
N PRO I 407 -4.60 -45.91 4.17
CA PRO I 407 -4.27 -47.16 3.48
C PRO I 407 -4.79 -47.13 2.07
N ARG I 408 -5.86 -46.39 1.80
CA ARG I 408 -6.34 -46.26 0.42
C ARG I 408 -5.28 -45.83 -0.57
N ASN I 409 -4.19 -45.24 -0.08
CA ASN I 409 -3.12 -44.73 -0.95
C ASN I 409 -1.94 -45.65 -1.13
N THR I 410 -2.05 -46.90 -0.67
CA THR I 410 -0.87 -47.75 -0.61
C THR I 410 -0.22 -47.95 -1.97
N GLN I 411 -1.02 -48.20 -2.99
CA GLN I 411 -0.46 -48.40 -4.31
C GLN I 411 0.38 -47.17 -4.72
N ASP I 412 -0.21 -45.98 -4.65
CA ASP I 412 0.48 -44.74 -5.05
C ASP I 412 1.72 -44.48 -4.21
N HIS I 413 1.56 -44.52 -2.89
CA HIS I 413 2.65 -44.32 -1.98
C HIS I 413 3.82 -45.23 -2.36
N VAL I 414 3.59 -46.54 -2.32
CA VAL I 414 4.66 -47.50 -2.55
C VAL I 414 5.31 -47.39 -3.91
N ARG I 415 4.51 -47.16 -4.95
CA ARG I 415 5.12 -46.98 -6.25
C ARG I 415 6.04 -45.76 -6.26
N SER I 416 5.58 -44.63 -5.71
CA SER I 416 6.38 -43.41 -5.58
C SER I 416 7.74 -43.71 -4.97
N LEU I 417 7.76 -44.53 -3.94
CA LEU I 417 9.00 -44.94 -3.32
C LEU I 417 9.89 -45.73 -4.29
N CYS I 418 9.27 -46.52 -5.17
CA CYS I 418 10.02 -47.25 -6.22
C CYS I 418 10.75 -46.33 -7.22
N LEU I 419 10.13 -45.19 -7.49
CA LEU I 419 10.71 -44.14 -8.32
C LEU I 419 11.93 -43.52 -7.65
N LEU I 420 11.94 -43.51 -6.32
CA LEU I 420 13.07 -42.96 -5.59
C LEU I 420 14.12 -44.05 -5.34
N ALA I 421 13.66 -45.27 -5.07
CA ALA I 421 14.54 -46.36 -4.65
C ALA I 421 15.42 -46.97 -5.75
N TRP I 422 14.90 -47.12 -6.96
CA TRP I 422 15.59 -47.92 -7.97
C TRP I 422 16.97 -47.37 -8.32
N HIS I 423 17.16 -46.07 -8.07
CA HIS I 423 18.44 -45.42 -8.31
C HIS I 423 19.57 -46.01 -7.48
N ASN I 424 19.23 -46.66 -6.38
CA ASN I 424 20.22 -47.33 -5.56
C ASN I 424 20.84 -48.52 -6.26
N GLY I 425 20.31 -48.88 -7.43
CA GLY I 425 20.88 -49.95 -8.23
C GLY I 425 20.05 -51.22 -8.26
N GLU I 426 20.20 -51.99 -9.33
CA GLU I 426 19.39 -53.21 -9.57
C GLU I 426 19.36 -54.19 -8.40
N GLU I 427 20.49 -54.41 -7.74
CA GLU I 427 20.54 -55.37 -6.65
C GLU I 427 19.70 -54.91 -5.44
N GLU I 428 19.80 -53.64 -5.07
CA GLU I 428 19.04 -53.12 -3.96
C GLU I 428 17.54 -53.03 -4.29
N TYR I 429 17.22 -52.48 -5.46
CA TYR I 429 15.82 -52.35 -5.86
C TYR I 429 15.12 -53.70 -5.76
N ASN I 430 15.70 -54.74 -6.35
CA ASN I 430 15.07 -56.07 -6.31
C ASN I 430 14.92 -56.65 -4.90
N LYS I 431 15.83 -56.29 -3.99
CA LYS I 431 15.71 -56.68 -2.60
C LYS I 431 14.55 -55.92 -1.96
N PHE I 432 14.41 -54.66 -2.34
CA PHE I 432 13.31 -53.82 -1.88
C PHE I 432 11.98 -54.46 -2.27
N LEU I 433 11.80 -54.68 -3.57
CA LEU I 433 10.61 -55.35 -4.06
C LEU I 433 10.34 -56.72 -3.43
N ALA I 434 11.39 -57.41 -2.96
CA ALA I 434 11.19 -58.68 -2.25
C ALA I 434 10.50 -58.44 -0.92
N LYS I 435 11.08 -57.59 -0.07
CA LYS I 435 10.47 -57.30 1.22
C LYS I 435 9.03 -56.81 1.06
N ILE I 436 8.77 -55.99 0.07
CA ILE I 436 7.40 -55.52 -0.09
C ILE I 436 6.51 -56.72 -0.32
N ARG I 437 6.95 -57.62 -1.18
CA ARG I 437 6.14 -58.77 -1.54
C ARG I 437 6.11 -59.88 -0.48
N SER I 438 6.87 -59.68 0.61
CA SER I 438 6.92 -60.64 1.70
C SER I 438 5.64 -60.62 2.52
N VAL I 439 4.67 -59.80 2.10
CA VAL I 439 3.37 -59.76 2.76
C VAL I 439 2.21 -59.67 1.75
N PRO I 440 1.04 -60.16 2.15
CA PRO I 440 -0.02 -60.34 1.16
C PRO I 440 -0.38 -59.04 0.47
N ILE I 441 -0.52 -57.95 1.23
CA ILE I 441 -0.89 -56.66 0.65
C ILE I 441 0.13 -56.22 -0.42
N GLY I 442 1.42 -56.36 -0.10
CA GLY I 442 2.49 -56.14 -1.08
C GLY I 442 2.37 -56.90 -2.39
N ARG I 443 1.83 -58.13 -2.36
CA ARG I 443 1.68 -58.91 -3.58
C ARG I 443 0.51 -58.42 -4.41
N ALA I 444 -0.28 -57.51 -3.83
CA ALA I 444 -1.35 -56.89 -4.60
C ALA I 444 -0.92 -55.63 -5.35
N LEU I 445 0.30 -55.14 -5.12
CA LEU I 445 0.72 -53.87 -5.70
C LEU I 445 1.35 -54.05 -7.09
N ASP I 446 0.95 -53.19 -8.02
CA ASP I 446 1.53 -53.17 -9.35
C ASP I 446 2.80 -52.30 -9.31
N LEU I 447 3.93 -52.97 -9.17
CA LEU I 447 5.23 -52.36 -9.02
C LEU I 447 6.08 -52.58 -10.28
N PRO I 448 6.82 -51.54 -10.71
CA PRO I 448 7.60 -51.62 -11.95
C PRO I 448 8.97 -52.31 -11.71
N GLU I 449 9.42 -53.04 -12.72
CA GLU I 449 10.69 -53.74 -12.60
C GLU I 449 11.83 -52.77 -12.91
N TYR I 450 12.99 -53.02 -12.32
CA TYR I 450 14.20 -52.24 -12.58
C TYR I 450 14.37 -51.84 -14.05
N SER I 451 14.42 -52.85 -14.90
CA SER I 451 14.74 -52.63 -16.29
C SER I 451 13.75 -51.65 -16.88
N THR I 452 12.56 -51.60 -16.31
CA THR I 452 11.51 -50.74 -16.88
C THR I 452 11.83 -49.32 -16.51
N LEU I 453 12.17 -49.13 -15.23
CA LEU I 453 12.49 -47.82 -14.67
C LEU I 453 13.71 -47.24 -15.37
N TYR I 454 14.74 -48.06 -15.53
CA TYR I 454 15.99 -47.72 -16.20
C TYR I 454 15.79 -47.27 -17.64
N ARG I 455 14.98 -48.02 -18.37
CA ARG I 455 14.74 -47.69 -19.76
C ARG I 455 14.01 -46.37 -19.83
N ARG I 456 13.07 -46.18 -18.91
CA ARG I 456 12.29 -44.95 -18.86
C ARG I 456 13.18 -43.73 -18.62
N TRP I 457 14.13 -43.89 -17.69
CA TRP I 457 15.07 -42.84 -17.34
C TRP I 457 15.87 -42.47 -18.58
N LEU I 458 16.48 -43.46 -19.23
CA LEU I 458 17.25 -43.22 -20.45
C LEU I 458 16.46 -42.54 -21.55
N ASP I 459 15.23 -42.96 -21.75
CA ASP I 459 14.39 -42.30 -22.73
C ASP I 459 14.11 -40.86 -22.33
N SER I 460 14.02 -40.59 -21.03
CA SER I 460 13.64 -39.25 -20.57
C SER I 460 14.68 -38.18 -20.94
N PHE I 461 15.88 -38.65 -21.31
CA PHE I 461 16.93 -37.79 -21.84
C PHE I 461 16.82 -37.57 -23.34
N GLY M 1 -9.72 -61.69 -79.34
CA GLY M 1 -9.51 -63.12 -79.48
C GLY M 1 -10.66 -63.76 -80.22
N GLU M 2 -10.52 -65.04 -80.54
CA GLU M 2 -11.55 -65.74 -81.28
C GLU M 2 -11.75 -67.16 -80.75
N ILE M 3 -12.98 -67.64 -80.78
CA ILE M 3 -13.29 -68.95 -80.26
C ILE M 3 -12.88 -70.05 -81.23
N GLN M 4 -12.08 -71.00 -80.76
CA GLN M 4 -11.58 -72.08 -81.61
C GLN M 4 -12.48 -73.29 -81.54
N TRP M 5 -13.31 -73.37 -80.51
CA TRP M 5 -14.38 -74.36 -80.46
C TRP M 5 -15.38 -74.13 -79.32
N MET M 6 -16.30 -75.07 -79.13
CA MET M 6 -17.29 -74.97 -78.06
C MET M 6 -18.08 -76.27 -77.93
N ARG M 7 -17.57 -77.19 -77.12
CA ARG M 7 -18.25 -78.45 -76.86
C ARG M 7 -18.81 -78.52 -75.42
N PRO M 8 -19.77 -79.41 -75.18
CA PRO M 8 -20.26 -79.65 -73.81
C PRO M 8 -19.12 -80.00 -72.85
N SER M 9 -19.35 -79.80 -71.56
CA SER M 9 -18.30 -79.94 -70.56
C SER M 9 -17.94 -81.37 -70.22
N LYS M 10 -18.94 -82.15 -69.81
CA LYS M 10 -18.75 -83.57 -69.50
C LYS M 10 -17.99 -84.22 -70.64
N GLU M 11 -18.33 -83.78 -71.84
CA GLU M 11 -17.71 -84.24 -73.08
C GLU M 11 -16.20 -83.99 -73.11
N VAL M 12 -15.68 -83.31 -72.08
CA VAL M 12 -14.27 -82.90 -72.03
C VAL M 12 -13.69 -82.98 -70.60
N GLY M 13 -14.44 -83.56 -69.69
CA GLY M 13 -13.96 -83.78 -68.33
C GLY M 13 -14.34 -82.73 -67.31
N TYR M 14 -14.69 -81.55 -67.78
CA TYR M 14 -15.05 -80.43 -66.90
C TYR M 14 -16.47 -80.55 -66.36
N PRO M 15 -16.77 -79.82 -65.28
CA PRO M 15 -18.13 -79.88 -64.74
C PRO M 15 -18.97 -78.73 -65.25
N ILE M 16 -20.25 -78.75 -64.90
CA ILE M 16 -21.13 -77.64 -65.24
C ILE M 16 -21.07 -76.69 -64.06
N ILE M 17 -20.95 -75.40 -64.35
CA ILE M 17 -21.02 -74.38 -63.31
C ILE M 17 -22.24 -73.51 -63.55
N ASN M 18 -23.07 -73.34 -62.54
CA ASN M 18 -24.25 -72.51 -62.73
C ASN M 18 -24.19 -71.20 -61.95
N ALA M 19 -24.29 -70.09 -62.68
CA ALA M 19 -24.25 -68.78 -62.07
C ALA M 19 -25.66 -68.29 -61.80
N PRO M 20 -25.82 -67.51 -60.72
CA PRO M 20 -27.13 -67.00 -60.29
C PRO M 20 -27.86 -66.38 -61.47
N SER M 21 -29.19 -66.42 -61.40
CA SER M 21 -30.01 -66.01 -62.52
C SER M 21 -30.77 -64.74 -62.16
N LYS M 22 -30.28 -64.02 -61.17
CA LYS M 22 -30.99 -62.86 -60.68
C LYS M 22 -30.04 -61.77 -60.16
N THR M 23 -30.26 -60.56 -60.66
CA THR M 23 -29.54 -59.37 -60.20
C THR M 23 -29.63 -59.22 -58.69
N LYS M 24 -28.54 -58.79 -58.07
CA LYS M 24 -28.57 -58.44 -56.65
C LYS M 24 -28.94 -56.97 -56.49
N LEU M 25 -29.07 -56.27 -57.61
CA LEU M 25 -29.37 -54.84 -57.66
C LEU M 25 -30.86 -54.50 -57.54
N GLU M 26 -31.23 -53.85 -56.45
CA GLU M 26 -32.62 -53.44 -56.26
C GLU M 26 -32.75 -51.93 -56.08
N PRO M 27 -33.93 -51.37 -56.37
CA PRO M 27 -34.17 -49.95 -56.15
C PRO M 27 -33.90 -49.50 -54.74
N SER M 28 -33.41 -48.26 -54.66
CA SER M 28 -32.90 -47.65 -53.46
C SER M 28 -33.95 -46.70 -52.88
N ALA M 29 -33.84 -46.35 -51.60
CA ALA M 29 -34.67 -45.26 -51.07
C ALA M 29 -34.70 -44.08 -52.03
N PHE M 30 -33.61 -43.85 -52.74
CA PHE M 30 -33.44 -42.65 -53.54
C PHE M 30 -33.74 -42.89 -55.03
N HIS M 31 -34.41 -43.99 -55.34
CA HIS M 31 -34.68 -44.37 -56.72
C HIS M 31 -35.57 -43.35 -57.43
N TYR M 32 -36.42 -42.67 -56.69
CA TYR M 32 -37.35 -41.73 -57.32
C TYR M 32 -36.96 -40.29 -57.05
N VAL M 33 -36.18 -40.06 -56.01
CA VAL M 33 -35.61 -38.74 -55.78
C VAL M 33 -34.87 -38.28 -57.03
N PHE M 34 -33.90 -39.08 -57.48
CA PHE M 34 -33.10 -38.75 -58.67
C PHE M 34 -33.49 -39.62 -59.83
N GLU M 35 -33.13 -39.19 -61.03
CA GLU M 35 -33.43 -39.97 -62.22
C GLU M 35 -32.19 -40.61 -62.86
N GLY M 36 -32.43 -41.46 -63.84
CA GLY M 36 -31.36 -42.14 -64.56
C GLY M 36 -31.87 -42.78 -65.83
N VAL M 37 -31.09 -43.70 -66.37
CA VAL M 37 -31.49 -44.46 -67.54
C VAL M 37 -31.01 -45.91 -67.41
N LYS M 38 -30.17 -46.15 -66.40
CA LYS M 38 -29.55 -47.45 -66.18
C LYS M 38 -30.36 -48.37 -65.27
N GLU M 39 -30.19 -49.66 -65.50
CA GLU M 39 -30.80 -50.69 -64.68
C GLU M 39 -29.96 -51.94 -64.82
N PRO M 40 -30.18 -52.93 -63.94
CA PRO M 40 -29.42 -54.18 -63.96
C PRO M 40 -29.24 -54.71 -65.37
N ALA M 41 -28.11 -55.34 -65.63
CA ALA M 41 -27.83 -55.88 -66.95
C ALA M 41 -28.54 -57.21 -67.13
N VAL M 42 -28.73 -57.59 -68.39
CA VAL M 42 -29.31 -58.88 -68.70
C VAL M 42 -28.38 -59.99 -68.19
N LEU M 43 -28.94 -60.86 -67.37
CA LEU M 43 -28.19 -61.96 -66.77
C LEU M 43 -28.44 -63.32 -67.45
N THR M 44 -29.65 -63.53 -67.97
CA THR M 44 -29.98 -64.80 -68.61
C THR M 44 -30.74 -64.63 -69.91
N LYS M 45 -31.06 -65.76 -70.53
CA LYS M 45 -31.65 -65.81 -71.86
C LYS M 45 -33.13 -65.46 -71.80
N ASN M 46 -33.79 -66.00 -70.79
CA ASN M 46 -35.20 -65.74 -70.56
C ASN M 46 -35.40 -64.39 -69.89
N ASP M 47 -35.20 -63.30 -70.63
CA ASP M 47 -35.38 -61.98 -70.07
C ASP M 47 -36.20 -61.10 -71.00
N PRO M 48 -37.29 -60.54 -70.46
CA PRO M 48 -38.31 -59.78 -71.19
C PRO M 48 -37.76 -58.56 -71.90
N ARG M 49 -36.67 -58.01 -71.39
CA ARG M 49 -36.13 -56.75 -71.90
C ARG M 49 -35.38 -56.92 -73.22
N LEU M 50 -35.10 -58.16 -73.59
CA LEU M 50 -34.30 -58.46 -74.78
C LEU M 50 -35.04 -58.27 -76.09
N LYS M 51 -34.51 -57.44 -76.98
CA LYS M 51 -34.97 -57.45 -78.36
C LYS M 51 -33.89 -57.95 -79.32
N THR M 52 -33.26 -59.08 -78.97
CA THR M 52 -32.17 -59.66 -79.74
C THR M 52 -31.67 -60.92 -79.03
N ASP M 53 -30.91 -61.75 -79.73
CA ASP M 53 -30.43 -63.00 -79.12
C ASP M 53 -29.34 -62.75 -78.09
N PHE M 54 -29.48 -63.36 -76.91
CA PHE M 54 -28.52 -63.15 -75.83
C PHE M 54 -27.11 -63.65 -76.17
N GLU M 55 -26.92 -64.97 -76.06
CA GLU M 55 -25.59 -65.57 -76.26
C GLU M 55 -24.94 -65.09 -77.54
N GLU M 56 -25.74 -64.73 -78.53
CA GLU M 56 -25.19 -64.13 -79.75
C GLU M 56 -24.55 -62.79 -79.43
N ALA M 57 -25.20 -61.99 -78.59
CA ALA M 57 -24.73 -60.63 -78.32
C ALA M 57 -23.59 -60.57 -77.31
N ILE M 58 -23.58 -61.50 -76.36
CA ILE M 58 -22.54 -61.51 -75.33
C ILE M 58 -21.23 -62.10 -75.81
N PHE M 59 -21.27 -63.00 -76.78
CA PHE M 59 -20.06 -63.49 -77.42
C PHE M 59 -19.75 -62.80 -78.74
N SER M 60 -20.52 -61.76 -79.05
CA SER M 60 -20.38 -61.08 -80.32
C SER M 60 -19.00 -60.43 -80.47
N LYS M 61 -18.30 -60.27 -79.35
CA LYS M 61 -17.02 -59.56 -79.31
C LYS M 61 -15.84 -60.39 -79.80
N TYR M 62 -15.86 -61.69 -79.52
CA TYR M 62 -14.78 -62.59 -79.91
C TYR M 62 -14.60 -62.66 -81.44
N VAL M 63 -14.03 -61.60 -82.03
CA VAL M 63 -13.73 -61.57 -83.47
C VAL M 63 -12.31 -62.07 -83.85
N GLY M 64 -12.16 -62.53 -85.08
CA GLY M 64 -10.95 -63.23 -85.53
C GLY M 64 -9.60 -62.53 -85.49
N ASN M 65 -8.58 -63.33 -85.18
CA ASN M 65 -7.18 -62.90 -85.13
C ASN M 65 -6.70 -62.30 -86.44
N LYS M 66 -6.09 -61.12 -86.36
CA LYS M 66 -5.65 -60.42 -87.55
C LYS M 66 -4.14 -60.31 -87.66
N ILE M 67 -3.64 -59.09 -87.48
CA ILE M 67 -2.23 -58.82 -87.68
C ILE M 67 -1.43 -59.62 -86.67
N THR M 68 -0.32 -60.18 -87.16
CA THR M 68 0.55 -61.01 -86.33
C THR M 68 1.98 -60.47 -86.40
N GLU M 69 2.24 -59.58 -87.35
CA GLU M 69 3.59 -59.12 -87.51
C GLU M 69 3.87 -57.76 -86.89
N VAL M 70 4.83 -57.78 -85.97
CA VAL M 70 5.37 -56.60 -85.36
C VAL M 70 6.18 -55.80 -86.39
N ASP M 71 5.51 -54.88 -87.08
CA ASP M 71 6.22 -53.98 -87.98
C ASP M 71 7.23 -53.14 -87.23
N GLU M 72 7.90 -52.26 -87.94
CA GLU M 72 9.07 -51.61 -87.41
C GLU M 72 8.66 -50.41 -86.58
N TYR M 73 7.41 -49.99 -86.72
CA TYR M 73 6.92 -48.91 -85.88
C TYR M 73 6.66 -49.50 -84.49
N MET M 74 5.93 -50.61 -84.44
CA MET M 74 5.82 -51.36 -83.20
C MET M 74 7.21 -51.56 -82.57
N LYS M 75 8.17 -52.03 -83.36
CA LYS M 75 9.53 -52.22 -82.86
C LYS M 75 10.17 -51.01 -82.18
N GLU M 76 10.03 -49.81 -82.75
CA GLU M 76 10.59 -48.60 -82.11
C GLU M 76 9.76 -48.22 -80.87
N ALA M 77 8.44 -48.37 -80.98
CA ALA M 77 7.54 -48.27 -79.85
C ALA M 77 8.10 -49.08 -78.66
N VAL M 78 8.13 -50.39 -78.87
CA VAL M 78 8.70 -51.34 -77.92
C VAL M 78 10.00 -50.85 -77.32
N ASP M 79 10.91 -50.38 -78.17
CA ASP M 79 12.25 -49.98 -77.73
C ASP M 79 12.21 -48.75 -76.83
N HIS M 80 11.31 -47.82 -77.15
CA HIS M 80 11.25 -46.57 -76.43
C HIS M 80 10.48 -46.72 -75.10
N TYR M 81 9.41 -47.50 -75.14
CA TYR M 81 8.70 -47.77 -73.91
C TYR M 81 9.61 -48.59 -72.99
N ALA M 82 10.29 -49.58 -73.56
CA ALA M 82 11.08 -50.52 -72.77
C ALA M 82 12.20 -49.79 -72.08
N GLY M 83 12.77 -48.80 -72.78
CA GLY M 83 13.84 -48.00 -72.23
C GLY M 83 13.37 -47.06 -71.14
N GLN M 84 12.09 -46.66 -71.21
CA GLN M 84 11.50 -45.79 -70.23
C GLN M 84 11.37 -46.56 -68.91
N LEU M 85 10.76 -47.75 -68.99
CA LEU M 85 10.63 -48.62 -67.84
C LEU M 85 11.99 -48.98 -67.22
N MET M 86 13.03 -48.95 -68.06
CA MET M 86 14.37 -49.37 -67.66
C MET M 86 14.93 -48.45 -66.60
N SER M 87 14.48 -47.20 -66.63
CA SER M 87 14.89 -46.21 -65.65
C SER M 87 14.31 -46.43 -64.24
N LEU M 88 13.23 -47.19 -64.14
CA LEU M 88 12.61 -47.43 -62.81
C LEU M 88 13.34 -48.48 -61.99
N ASP M 89 14.28 -49.17 -62.63
CA ASP M 89 15.06 -50.24 -62.00
C ASP M 89 14.18 -51.31 -61.35
N ILE M 90 13.34 -51.93 -62.16
CA ILE M 90 12.35 -52.89 -61.69
C ILE M 90 12.97 -54.22 -61.30
N ASN M 91 12.67 -54.71 -60.10
CA ASN M 91 13.19 -56.00 -59.64
C ASN M 91 12.61 -57.14 -60.48
N THR M 92 13.50 -57.96 -61.05
CA THR M 92 13.09 -58.91 -62.07
C THR M 92 12.93 -60.31 -61.52
N GLU M 93 13.13 -60.43 -60.20
CA GLU M 93 13.08 -61.72 -59.57
C GLU M 93 11.67 -62.24 -59.41
N GLN M 94 11.52 -63.55 -59.43
CA GLN M 94 10.28 -64.18 -58.99
C GLN M 94 9.94 -63.64 -57.60
N MET M 95 8.66 -63.41 -57.35
CA MET M 95 8.16 -63.11 -56.01
C MET M 95 7.87 -64.43 -55.31
N CYS M 96 8.24 -64.55 -54.03
CA CYS M 96 7.97 -65.78 -53.27
C CYS M 96 6.49 -66.08 -53.14
N LEU M 97 6.18 -67.36 -52.97
CA LEU M 97 4.80 -67.78 -52.89
C LEU M 97 4.03 -67.00 -51.82
N GLU M 98 4.70 -66.70 -50.72
CA GLU M 98 4.08 -66.02 -49.60
C GLU M 98 3.60 -64.61 -49.98
N ASP M 99 4.50 -63.79 -50.50
CA ASP M 99 4.16 -62.45 -50.92
C ASP M 99 3.19 -62.46 -52.09
N ALA M 100 3.26 -63.49 -52.91
CA ALA M 100 2.39 -63.56 -54.07
C ALA M 100 0.98 -63.75 -53.57
N MET M 101 0.83 -64.46 -52.46
CA MET M 101 -0.48 -64.80 -51.89
C MET M 101 -0.98 -63.70 -50.97
N TYR M 102 -0.09 -63.24 -50.11
CA TYR M 102 -0.49 -62.44 -48.96
C TYR M 102 -0.18 -60.97 -49.12
N GLY M 103 0.61 -60.63 -50.11
CA GLY M 103 0.94 -59.23 -50.34
C GLY M 103 2.32 -58.86 -49.86
N THR M 104 2.84 -57.76 -50.37
CA THR M 104 4.08 -57.17 -49.89
C THR M 104 4.01 -55.72 -50.27
N ASP M 105 5.06 -54.96 -50.03
CA ASP M 105 4.98 -53.53 -50.33
C ASP M 105 4.65 -53.25 -51.80
N GLY M 106 3.40 -52.84 -52.06
CA GLY M 106 3.01 -52.46 -53.41
C GLY M 106 2.04 -53.42 -54.06
N LEU M 107 1.74 -54.52 -53.38
CA LEU M 107 0.79 -55.50 -53.90
C LEU M 107 -0.12 -56.03 -52.80
N GLU M 108 -1.43 -55.77 -52.93
CA GLU M 108 -2.41 -56.27 -51.99
C GLU M 108 -2.50 -57.79 -52.05
N ALA M 109 -2.99 -58.42 -50.99
CA ALA M 109 -3.10 -59.86 -50.98
C ALA M 109 -4.17 -60.20 -51.94
N LEU M 110 -4.30 -61.48 -52.25
CA LEU M 110 -5.40 -61.96 -53.06
C LEU M 110 -6.72 -61.66 -52.36
N ASP M 111 -7.78 -61.40 -53.12
CA ASP M 111 -9.08 -61.06 -52.54
C ASP M 111 -9.79 -62.30 -52.03
N LEU M 112 -9.99 -62.38 -50.71
CA LEU M 112 -10.56 -63.60 -50.11
C LEU M 112 -12.05 -63.63 -50.18
N SER M 113 -12.66 -62.54 -50.63
CA SER M 113 -14.11 -62.44 -50.63
C SER M 113 -14.64 -62.79 -52.00
N THR M 114 -13.74 -63.16 -52.90
CA THR M 114 -14.13 -63.59 -54.23
C THR M 114 -13.77 -65.06 -54.43
N SER M 115 -14.39 -65.66 -55.43
CA SER M 115 -14.27 -67.09 -55.73
C SER M 115 -12.83 -67.55 -55.99
N ALA M 116 -12.57 -68.82 -55.73
CA ALA M 116 -11.29 -69.41 -56.06
C ALA M 116 -11.26 -69.97 -57.47
N GLY M 117 -12.33 -69.75 -58.23
CA GLY M 117 -12.40 -70.26 -59.60
C GLY M 117 -12.17 -71.77 -59.72
N TYR M 118 -11.92 -72.24 -60.94
CA TYR M 118 -11.68 -73.68 -61.15
C TYR M 118 -10.37 -74.23 -60.55
N PRO M 119 -10.41 -75.44 -59.96
CA PRO M 119 -11.56 -76.33 -59.84
C PRO M 119 -12.25 -76.17 -58.51
N TYR M 120 -11.82 -75.20 -57.69
CA TYR M 120 -12.29 -75.07 -56.32
C TYR M 120 -13.76 -74.69 -56.26
N VAL M 121 -14.24 -74.09 -57.33
CA VAL M 121 -15.60 -73.60 -57.35
C VAL M 121 -16.56 -74.77 -57.51
N ALA M 122 -16.03 -75.93 -57.87
CA ALA M 122 -16.87 -77.11 -58.08
C ALA M 122 -16.74 -78.13 -56.96
N MET M 123 -15.65 -78.07 -56.22
CA MET M 123 -15.49 -78.93 -55.04
C MET M 123 -15.96 -78.22 -53.76
N GLY M 124 -16.60 -77.06 -53.91
CA GLY M 124 -17.13 -76.31 -52.79
C GLY M 124 -16.08 -75.65 -51.91
N LYS M 125 -14.89 -75.47 -52.44
CA LYS M 125 -13.76 -74.91 -51.69
C LYS M 125 -13.66 -73.38 -51.96
N LYS M 126 -13.27 -72.62 -50.94
CA LYS M 126 -13.18 -71.18 -51.07
C LYS M 126 -11.76 -70.73 -50.78
N LYS M 127 -11.43 -69.50 -51.16
CA LYS M 127 -10.08 -69.00 -50.92
C LYS M 127 -9.80 -69.07 -49.44
N ARG M 128 -10.77 -68.61 -48.65
CA ARG M 128 -10.65 -68.57 -47.19
C ARG M 128 -10.33 -69.93 -46.63
N ASP M 129 -10.77 -70.98 -47.31
CA ASP M 129 -10.48 -72.33 -46.90
C ASP M 129 -9.01 -72.59 -47.10
N ILE M 130 -8.41 -71.88 -48.05
CA ILE M 130 -7.04 -72.18 -48.47
C ILE M 130 -6.03 -71.19 -47.94
N LEU M 131 -6.41 -69.92 -47.85
CA LEU M 131 -5.52 -68.86 -47.35
C LEU M 131 -5.79 -68.45 -45.91
N ASN M 132 -4.77 -67.87 -45.28
CA ASN M 132 -4.88 -67.39 -43.90
C ASN M 132 -3.99 -66.18 -43.69
N LYS M 133 -4.57 -64.99 -43.78
CA LYS M 133 -3.76 -63.79 -43.71
C LYS M 133 -2.99 -63.71 -42.43
N GLN M 134 -3.51 -64.38 -41.40
CA GLN M 134 -2.92 -64.33 -40.07
C GLN M 134 -1.64 -65.18 -39.99
N THR M 135 -1.73 -66.43 -40.43
CA THR M 135 -0.52 -67.26 -40.48
C THR M 135 0.33 -66.98 -41.73
N ARG M 136 -0.30 -66.47 -42.79
CA ARG M 136 0.39 -66.31 -44.06
C ARG M 136 0.97 -67.65 -44.46
N ASP M 137 0.13 -68.68 -44.36
CA ASP M 137 0.58 -70.04 -44.57
C ASP M 137 0.48 -70.39 -46.04
N THR M 138 1.51 -71.06 -46.55
CA THR M 138 1.55 -71.43 -47.95
C THR M 138 1.47 -72.93 -48.21
N LYS M 139 1.68 -73.75 -47.19
CA LYS M 139 1.69 -75.21 -47.39
C LYS M 139 0.52 -75.72 -48.18
N GLU M 140 -0.67 -75.20 -47.91
CA GLU M 140 -1.85 -75.69 -48.60
C GLU M 140 -1.90 -75.23 -50.05
N MET M 141 -1.46 -73.99 -50.31
CA MET M 141 -1.46 -73.48 -51.67
C MET M 141 -0.51 -74.29 -52.53
N GLN M 142 0.71 -74.43 -52.03
CA GLN M 142 1.74 -75.22 -52.69
C GLN M 142 1.21 -76.60 -53.07
N LYS M 143 0.60 -77.27 -52.12
CA LYS M 143 0.03 -78.58 -52.35
C LYS M 143 -1.04 -78.55 -53.45
N LEU M 144 -1.81 -77.48 -53.50
CA LEU M 144 -2.80 -77.32 -54.56
C LEU M 144 -2.14 -76.91 -55.87
N LEU M 145 -1.01 -76.21 -55.81
CA LEU M 145 -0.30 -75.88 -57.04
C LEU M 145 0.16 -77.21 -57.64
N ASP M 146 0.87 -77.98 -56.83
CA ASP M 146 1.38 -79.30 -57.18
C ASP M 146 0.28 -80.26 -57.62
N THR M 147 -0.88 -80.18 -57.00
CA THR M 147 -1.96 -81.07 -57.38
C THR M 147 -2.64 -80.72 -58.72
N TYR M 148 -3.02 -79.46 -58.89
CA TYR M 148 -3.81 -79.09 -60.05
C TYR M 148 -3.04 -78.36 -61.14
N GLY M 149 -1.86 -77.86 -60.79
CA GLY M 149 -1.05 -77.13 -61.73
C GLY M 149 -1.67 -75.82 -62.17
N ILE M 150 -1.25 -75.33 -63.33
CA ILE M 150 -1.70 -74.03 -63.80
C ILE M 150 -2.22 -74.18 -65.21
N ASN M 151 -2.48 -73.06 -65.86
CA ASN M 151 -3.18 -73.07 -67.13
C ASN M 151 -4.54 -73.76 -67.06
N LEU M 152 -5.29 -73.49 -66.01
CA LEU M 152 -6.59 -74.11 -65.80
C LEU M 152 -7.62 -73.23 -66.47
N PRO M 153 -8.82 -73.77 -66.71
CA PRO M 153 -9.80 -72.93 -67.40
C PRO M 153 -10.39 -71.85 -66.49
N LEU M 154 -10.74 -70.71 -67.10
CA LEU M 154 -11.42 -69.64 -66.39
C LEU M 154 -12.92 -69.84 -66.49
N VAL M 155 -13.63 -69.66 -65.38
CA VAL M 155 -15.09 -69.74 -65.37
C VAL M 155 -15.74 -68.43 -65.83
N THR M 156 -16.61 -68.51 -66.82
CA THR M 156 -17.31 -67.34 -67.35
C THR M 156 -18.57 -67.01 -66.56
N TYR M 157 -18.72 -65.73 -66.20
CA TYR M 157 -19.90 -65.26 -65.49
C TYR M 157 -20.29 -63.99 -66.21
N VAL M 158 -21.55 -63.58 -66.06
CA VAL M 158 -21.97 -62.27 -66.55
C VAL M 158 -21.94 -61.34 -65.38
N LYS M 159 -21.57 -60.10 -65.64
CA LYS M 159 -21.35 -59.14 -64.57
C LYS M 159 -22.65 -58.48 -64.13
N ASP M 160 -23.01 -58.70 -62.88
CA ASP M 160 -24.09 -57.96 -62.24
C ASP M 160 -23.77 -56.46 -62.13
N GLU M 161 -24.38 -55.64 -62.97
CA GLU M 161 -24.07 -54.21 -62.93
C GLU M 161 -25.07 -53.38 -63.71
N LEU M 162 -25.07 -52.07 -63.46
CA LEU M 162 -26.02 -51.20 -64.13
C LEU M 162 -25.57 -50.97 -65.55
N ARG M 163 -26.50 -51.05 -66.49
CA ARG M 163 -26.22 -50.78 -67.89
C ARG M 163 -27.31 -49.88 -68.44
N SER M 164 -27.00 -49.11 -69.46
CA SER M 164 -27.98 -48.24 -70.09
C SER M 164 -29.08 -49.07 -70.75
N LYS M 165 -29.92 -48.42 -71.54
CA LYS M 165 -31.04 -49.11 -72.18
C LYS M 165 -30.61 -49.92 -73.39
N THR M 166 -30.04 -49.25 -74.38
CA THR M 166 -29.61 -49.91 -75.60
C THR M 166 -28.61 -51.05 -75.35
N LYS M 167 -28.00 -51.06 -74.16
CA LYS M 167 -27.09 -52.14 -73.77
C LYS M 167 -27.86 -53.27 -73.12
N VAL M 168 -29.08 -53.00 -72.68
CA VAL M 168 -29.92 -54.07 -72.14
C VAL M 168 -30.81 -54.62 -73.24
N GLU M 169 -31.42 -53.74 -74.02
CA GLU M 169 -32.22 -54.16 -75.16
C GLU M 169 -31.39 -55.06 -76.07
N GLN M 170 -30.15 -54.66 -76.32
CA GLN M 170 -29.28 -55.41 -77.21
C GLN M 170 -28.51 -56.52 -76.48
N GLY M 171 -28.88 -56.78 -75.23
CA GLY M 171 -28.26 -57.83 -74.44
C GLY M 171 -26.75 -57.71 -74.34
N LYS M 172 -26.26 -56.48 -74.42
CA LYS M 172 -24.85 -56.19 -74.27
C LYS M 172 -24.38 -56.18 -72.81
N SER M 173 -24.50 -57.32 -72.14
CA SER M 173 -23.92 -57.46 -70.80
C SER M 173 -22.43 -57.78 -70.89
N ARG M 174 -21.63 -57.16 -70.02
CA ARG M 174 -20.20 -57.44 -69.97
C ARG M 174 -19.92 -58.79 -69.34
N LEU M 175 -18.93 -59.50 -69.89
CA LEU M 175 -18.54 -60.82 -69.41
C LEU M 175 -17.32 -60.77 -68.48
N ILE M 176 -17.20 -61.80 -67.65
CA ILE M 176 -16.09 -61.90 -66.72
C ILE M 176 -15.53 -63.33 -66.69
N GLU M 177 -14.21 -63.43 -66.76
CA GLU M 177 -13.56 -64.73 -66.70
C GLU M 177 -12.88 -64.87 -65.35
N ALA M 178 -13.48 -65.67 -64.48
CA ALA M 178 -12.92 -65.95 -63.17
C ALA M 178 -11.65 -66.80 -63.26
N SER M 179 -10.49 -66.15 -63.19
CA SER M 179 -9.21 -66.85 -63.08
C SER M 179 -9.16 -67.83 -61.89
N SER M 180 -8.53 -68.99 -62.13
CA SER M 180 -8.31 -69.98 -61.08
C SER M 180 -7.35 -69.38 -60.06
N LEU M 181 -7.46 -69.83 -58.81
CA LEU M 181 -6.60 -69.36 -57.75
C LEU M 181 -5.17 -69.72 -58.11
N ASN M 182 -5.02 -70.89 -58.72
CA ASN M 182 -3.70 -71.39 -59.10
C ASN M 182 -3.06 -70.47 -60.12
N ASP M 183 -3.85 -69.98 -61.07
CA ASP M 183 -3.27 -69.09 -62.08
C ASP M 183 -2.94 -67.67 -61.57
N SER M 184 -3.74 -67.15 -60.62
CA SER M 184 -3.44 -65.85 -60.01
C SER M 184 -2.22 -65.99 -59.15
N VAL M 185 -2.07 -67.13 -58.49
CA VAL M 185 -0.86 -67.27 -57.68
C VAL M 185 0.40 -67.32 -58.54
N ALA M 186 0.33 -68.08 -59.62
CA ALA M 186 1.42 -68.22 -60.57
C ALA M 186 1.70 -66.89 -61.24
N MET M 187 0.65 -66.18 -61.63
CA MET M 187 0.87 -64.88 -62.29
C MET M 187 1.62 -63.94 -61.38
N ARG M 188 1.21 -63.87 -60.11
CA ARG M 188 1.84 -63.00 -59.11
C ARG M 188 3.26 -63.39 -58.72
N MET M 189 3.58 -64.67 -58.79
CA MET M 189 4.98 -65.13 -58.62
C MET M 189 5.89 -64.68 -59.76
N ALA M 190 5.44 -64.85 -61.00
CA ALA M 190 6.17 -64.29 -62.16
C ALA M 190 6.29 -62.74 -62.19
N PHE M 191 5.18 -62.03 -61.98
CA PHE M 191 5.10 -60.61 -62.31
C PHE M 191 4.86 -59.69 -61.13
N GLY M 192 4.78 -60.26 -59.93
CA GLY M 192 4.45 -59.48 -58.75
C GLY M 192 5.33 -58.26 -58.59
N ASN M 193 6.60 -58.39 -58.93
CA ASN M 193 7.53 -57.29 -58.77
C ASN M 193 7.39 -56.27 -59.87
N LEU M 194 6.89 -56.70 -61.02
CA LEU M 194 6.54 -55.74 -62.05
C LEU M 194 5.25 -55.02 -61.61
N TYR M 195 4.29 -55.77 -61.07
CA TYR M 195 3.07 -55.14 -60.59
C TYR M 195 3.43 -54.14 -59.50
N ALA M 196 4.31 -54.53 -58.59
CA ALA M 196 4.62 -53.65 -57.48
C ALA M 196 5.22 -52.34 -57.99
N ALA M 197 6.31 -52.44 -58.73
CA ALA M 197 6.96 -51.28 -59.32
C ALA M 197 5.93 -50.35 -60.01
N PHE M 198 5.02 -50.91 -60.78
CA PHE M 198 3.97 -50.07 -61.38
C PHE M 198 3.03 -49.36 -60.37
N HIS M 199 2.58 -50.06 -59.33
CA HIS M 199 1.67 -49.46 -58.36
C HIS M 199 2.36 -48.33 -57.60
N LYS M 200 3.64 -48.52 -57.29
CA LYS M 200 4.39 -47.48 -56.59
C LYS M 200 4.74 -46.26 -57.46
N ASN M 201 4.57 -46.35 -58.78
CA ASN M 201 5.03 -45.26 -59.64
C ASN M 201 4.04 -44.79 -60.70
N PRO M 202 2.85 -44.35 -60.28
CA PRO M 202 1.91 -43.84 -61.29
C PRO M 202 2.48 -42.56 -61.89
N GLY M 203 2.25 -42.36 -63.19
CA GLY M 203 2.82 -41.22 -63.86
C GLY M 203 3.27 -41.53 -65.28
N VAL M 204 4.15 -40.68 -65.80
CA VAL M 204 4.49 -40.74 -67.22
C VAL M 204 5.78 -41.49 -67.50
N ILE M 205 6.38 -42.04 -66.45
CA ILE M 205 7.53 -42.90 -66.65
C ILE M 205 6.98 -44.27 -66.96
N THR M 206 6.08 -44.77 -66.11
CA THR M 206 5.33 -46.00 -66.43
C THR M 206 4.24 -45.78 -67.47
N GLY M 207 3.79 -44.53 -67.63
CA GLY M 207 2.65 -44.24 -68.48
C GLY M 207 1.37 -44.90 -67.97
N SER M 208 1.21 -44.97 -66.65
CA SER M 208 0.11 -45.69 -66.03
C SER M 208 -0.45 -44.91 -64.84
N ALA M 209 -1.77 -44.90 -64.64
CA ALA M 209 -2.37 -44.33 -63.43
C ALA M 209 -2.69 -45.33 -62.29
N VAL M 210 -2.37 -46.61 -62.50
CA VAL M 210 -2.65 -47.64 -61.49
C VAL M 210 -1.91 -47.27 -60.23
N GLY M 211 -2.62 -47.21 -59.11
CA GLY M 211 -1.98 -46.77 -57.89
C GLY M 211 -2.14 -45.28 -57.60
N CYS M 212 -2.75 -44.53 -58.49
CA CYS M 212 -3.01 -43.12 -58.18
C CYS M 212 -4.27 -42.89 -57.34
N ASP M 213 -4.29 -41.78 -56.61
CA ASP M 213 -5.47 -41.31 -55.91
C ASP M 213 -5.91 -40.05 -56.63
N PRO M 214 -6.93 -40.15 -57.47
CA PRO M 214 -7.31 -38.98 -58.25
C PRO M 214 -7.49 -37.71 -57.43
N ASP M 215 -7.82 -37.78 -56.16
CA ASP M 215 -7.98 -36.53 -55.39
C ASP M 215 -6.66 -35.76 -55.24
N LEU M 216 -5.56 -36.49 -55.36
CA LEU M 216 -4.24 -35.91 -55.15
C LEU M 216 -3.46 -35.83 -56.44
N PHE M 217 -3.74 -36.78 -57.33
CA PHE M 217 -2.94 -37.02 -58.52
C PHE M 217 -3.32 -36.06 -59.62
N TRP M 218 -4.57 -35.66 -59.65
CA TRP M 218 -5.04 -34.67 -60.60
C TRP M 218 -4.18 -33.40 -60.58
N SER M 219 -3.66 -33.01 -59.42
CA SER M 219 -2.88 -31.76 -59.34
C SER M 219 -1.45 -31.95 -59.86
N LYS M 220 -1.06 -33.21 -60.06
CA LYS M 220 0.26 -33.58 -60.56
C LYS M 220 0.25 -33.68 -62.09
N ILE M 221 -0.91 -33.96 -62.66
CA ILE M 221 -1.00 -34.33 -64.07
C ILE M 221 -0.72 -33.19 -65.08
N PRO M 222 -1.40 -32.04 -64.92
CA PRO M 222 -1.13 -30.90 -65.82
C PRO M 222 0.35 -30.51 -65.85
N VAL M 223 1.08 -30.74 -64.76
CA VAL M 223 2.52 -30.48 -64.70
C VAL M 223 3.23 -31.53 -65.55
N LEU M 224 2.80 -32.78 -65.43
CA LEU M 224 3.44 -33.87 -66.13
C LEU M 224 3.24 -33.80 -67.65
N MET M 225 2.12 -33.24 -68.09
CA MET M 225 1.78 -33.25 -69.52
C MET M 225 2.56 -32.20 -70.29
N GLU M 226 2.66 -32.41 -71.59
CA GLU M 226 3.24 -31.40 -72.46
C GLU M 226 2.27 -30.20 -72.57
N GLU M 227 2.35 -29.43 -73.64
CA GLU M 227 1.52 -28.23 -73.77
C GLU M 227 0.21 -28.52 -74.47
N LYS M 228 0.18 -29.61 -75.21
CA LYS M 228 -0.95 -29.86 -76.08
C LYS M 228 -1.42 -31.27 -75.89
N LEU M 229 -2.70 -31.42 -75.58
CA LEU M 229 -3.24 -32.71 -75.22
C LEU M 229 -3.89 -33.33 -76.42
N PHE M 230 -4.03 -34.65 -76.38
CA PHE M 230 -4.90 -35.34 -77.30
C PHE M 230 -5.33 -36.61 -76.60
N ALA M 231 -6.41 -37.20 -77.11
CA ALA M 231 -6.98 -38.37 -76.51
C ALA M 231 -8.01 -38.93 -77.47
N PHE M 232 -8.61 -40.05 -77.10
CA PHE M 232 -9.55 -40.72 -77.97
C PHE M 232 -10.06 -41.93 -77.22
N ASP M 233 -11.21 -42.47 -77.64
CA ASP M 233 -11.73 -43.70 -77.06
C ASP M 233 -11.34 -44.91 -77.91
N TYR M 234 -11.62 -46.13 -77.42
CA TYR M 234 -11.50 -47.37 -78.19
C TYR M 234 -12.84 -48.08 -78.18
N THR M 235 -13.11 -48.87 -79.19
CA THR M 235 -14.25 -49.77 -79.16
C THR M 235 -13.75 -51.19 -79.04
N GLY M 236 -14.33 -51.94 -78.11
CA GLY M 236 -13.85 -53.29 -77.80
C GLY M 236 -12.34 -53.37 -77.79
N TYR M 237 -11.70 -52.69 -76.83
CA TYR M 237 -10.24 -52.60 -76.78
C TYR M 237 -9.62 -53.99 -76.65
N ASP M 238 -9.89 -54.62 -75.52
CA ASP M 238 -9.43 -55.97 -75.27
C ASP M 238 -9.74 -56.83 -76.47
N ALA M 239 -11.02 -56.90 -76.82
CA ALA M 239 -11.49 -57.76 -77.91
C ALA M 239 -10.68 -57.59 -79.19
N SER M 240 -10.25 -56.37 -79.46
CA SER M 240 -9.53 -56.06 -80.67
C SER M 240 -8.01 -56.17 -80.53
N LEU M 241 -7.53 -56.55 -79.34
CA LEU M 241 -6.09 -56.75 -79.20
C LEU M 241 -5.64 -57.93 -80.07
N SER M 242 -4.74 -57.64 -80.99
CA SER M 242 -4.25 -58.62 -81.95
C SER M 242 -2.90 -59.19 -81.52
N PRO M 243 -2.61 -60.45 -81.94
CA PRO M 243 -1.37 -61.16 -81.60
C PRO M 243 -0.11 -60.30 -81.64
N ALA M 244 0.01 -59.39 -82.59
CA ALA M 244 1.23 -58.59 -82.69
C ALA M 244 1.48 -57.78 -81.43
N TRP M 245 0.40 -57.25 -80.86
CA TRP M 245 0.48 -56.39 -79.69
C TRP M 245 0.94 -57.15 -78.48
N PHE M 246 0.41 -58.36 -78.32
CA PHE M 246 0.83 -59.28 -77.27
C PHE M 246 2.27 -59.69 -77.46
N GLU M 247 2.65 -59.86 -78.71
CA GLU M 247 4.05 -60.14 -79.04
C GLU M 247 4.98 -58.99 -78.63
N ALA M 248 4.58 -57.75 -78.95
CA ALA M 248 5.39 -56.60 -78.59
C ALA M 248 5.46 -56.43 -77.07
N LEU M 249 4.38 -56.81 -76.38
CA LEU M 249 4.36 -56.85 -74.91
C LEU M 249 5.50 -57.74 -74.42
N LYS M 250 5.46 -59.01 -74.84
CA LYS M 250 6.55 -59.97 -74.57
C LYS M 250 7.93 -59.38 -74.87
N MET M 251 8.02 -58.61 -75.94
CA MET M 251 9.28 -57.97 -76.31
C MET M 251 9.67 -56.91 -75.27
N VAL M 252 8.70 -56.19 -74.75
CA VAL M 252 9.00 -55.26 -73.67
C VAL M 252 9.40 -56.07 -72.45
N LEU M 253 8.70 -57.18 -72.24
CA LEU M 253 8.97 -57.99 -71.08
C LEU M 253 10.38 -58.53 -71.11
N GLU M 254 10.85 -59.00 -72.27
CA GLU M 254 12.25 -59.45 -72.37
C GLU M 254 13.25 -58.30 -72.19
N LYS M 255 12.95 -57.15 -72.76
CA LYS M 255 13.87 -56.02 -72.60
C LYS M 255 14.02 -55.54 -71.16
N ILE M 256 13.03 -55.75 -70.31
CA ILE M 256 13.16 -55.26 -68.93
C ILE M 256 13.54 -56.34 -67.93
N GLY M 257 13.76 -57.56 -68.38
CA GLY M 257 14.36 -58.58 -67.53
C GLY M 257 13.47 -59.75 -67.14
N PHE M 258 12.38 -59.95 -67.86
CA PHE M 258 11.32 -60.91 -67.53
C PHE M 258 11.19 -61.89 -68.67
N GLY M 259 12.17 -61.87 -69.58
CA GLY M 259 12.19 -62.74 -70.74
C GLY M 259 11.82 -64.19 -70.44
N ASP M 260 12.28 -64.68 -69.31
CA ASP M 260 12.00 -66.05 -68.95
C ASP M 260 10.53 -66.38 -68.65
N ARG M 261 9.66 -65.38 -68.51
CA ARG M 261 8.23 -65.68 -68.34
C ARG M 261 7.26 -65.04 -69.33
N VAL M 262 7.76 -64.69 -70.51
CA VAL M 262 6.89 -64.21 -71.58
C VAL M 262 5.97 -65.34 -72.00
N ASP M 263 6.42 -66.57 -71.76
CA ASP M 263 5.59 -67.73 -72.02
C ASP M 263 4.23 -67.50 -71.41
N TYR M 264 4.22 -66.98 -70.19
CA TYR M 264 2.97 -66.72 -69.46
C TYR M 264 2.01 -65.90 -70.31
N ILE M 265 2.56 -64.93 -71.05
CA ILE M 265 1.74 -64.18 -71.97
C ILE M 265 1.07 -65.09 -72.99
N ASP M 266 1.83 -66.04 -73.54
CA ASP M 266 1.25 -67.00 -74.49
C ASP M 266 0.10 -67.76 -73.87
N TYR M 267 0.31 -68.31 -72.70
CA TYR M 267 -0.77 -68.92 -71.94
C TYR M 267 -2.00 -68.03 -71.91
N LEU M 268 -1.87 -66.79 -71.44
CA LEU M 268 -3.01 -65.84 -71.46
C LEU M 268 -3.78 -65.88 -72.78
N ASN M 269 -3.06 -65.69 -73.89
CA ASN M 269 -3.58 -65.74 -75.26
C ASN M 269 -4.30 -67.02 -75.66
N HIS M 270 -4.02 -68.11 -74.96
CA HIS M 270 -4.60 -69.40 -75.32
C HIS M 270 -5.41 -69.91 -74.14
N SER M 271 -6.61 -69.36 -73.99
CA SER M 271 -7.43 -69.62 -72.79
C SER M 271 -8.64 -70.49 -73.03
N HIS M 272 -8.86 -71.40 -72.11
CA HIS M 272 -10.04 -72.23 -72.11
C HIS M 272 -11.01 -71.73 -71.05
N HIS M 273 -12.25 -71.49 -71.46
CA HIS M 273 -13.26 -70.91 -70.59
C HIS M 273 -14.45 -71.84 -70.38
N LEU M 274 -14.94 -71.93 -69.14
CA LEU M 274 -16.10 -72.74 -68.82
C LEU M 274 -17.32 -71.86 -68.71
N TYR M 275 -18.38 -72.16 -69.45
CA TYR M 275 -19.61 -71.40 -69.35
C TYR M 275 -20.86 -72.26 -69.21
N LYS M 276 -21.34 -72.40 -67.99
CA LYS M 276 -22.51 -73.24 -67.73
C LYS M 276 -22.19 -74.73 -67.96
N ASN M 277 -22.77 -75.29 -69.01
CA ASN M 277 -22.52 -76.69 -69.38
C ASN M 277 -21.55 -76.81 -70.56
N LYS M 278 -21.16 -75.66 -71.10
CA LYS M 278 -20.25 -75.62 -72.23
C LYS M 278 -18.80 -75.32 -71.82
N THR M 279 -17.90 -75.52 -72.78
CA THR M 279 -16.47 -75.26 -72.61
C THR M 279 -15.90 -74.80 -73.93
N TYR M 280 -15.47 -73.55 -74.03
CA TYR M 280 -14.86 -73.07 -75.26
C TYR M 280 -13.34 -72.82 -75.16
N CYS M 281 -12.70 -72.62 -76.30
CA CYS M 281 -11.30 -72.25 -76.34
C CYS M 281 -11.17 -70.92 -77.09
N VAL M 282 -10.17 -70.12 -76.71
CA VAL M 282 -9.95 -68.83 -77.33
C VAL M 282 -8.47 -68.65 -77.68
N LYS M 283 -8.20 -68.27 -78.93
CA LYS M 283 -6.85 -67.89 -79.34
C LYS M 283 -6.82 -66.40 -79.50
N GLY M 284 -5.73 -65.77 -79.10
CA GLY M 284 -5.64 -64.33 -79.08
C GLY M 284 -6.41 -63.76 -77.90
N GLY M 285 -6.22 -62.48 -77.62
CA GLY M 285 -6.88 -61.84 -76.51
C GLY M 285 -6.36 -62.25 -75.14
N MET M 286 -6.73 -61.44 -74.15
CA MET M 286 -6.34 -61.65 -72.75
C MET M 286 -7.61 -61.53 -71.91
N PRO M 287 -7.94 -62.59 -71.17
CA PRO M 287 -9.16 -62.59 -70.37
C PRO M 287 -9.10 -61.56 -69.23
N SER M 288 -10.15 -60.74 -69.11
CA SER M 288 -10.24 -59.68 -68.11
C SER M 288 -9.98 -60.15 -66.66
N GLY M 289 -10.54 -61.31 -66.32
CA GLY M 289 -10.39 -61.85 -64.99
C GLY M 289 -9.01 -62.34 -64.59
N CYS M 290 -8.02 -62.17 -65.46
CA CYS M 290 -6.67 -62.66 -65.14
C CYS M 290 -5.89 -61.69 -64.29
N SER M 291 -4.90 -62.20 -63.57
CA SER M 291 -3.92 -61.34 -62.89
C SER M 291 -3.07 -60.53 -63.87
N GLY M 292 -2.94 -59.23 -63.61
CA GLY M 292 -2.11 -58.35 -64.40
C GLY M 292 -2.75 -57.62 -65.56
N THR M 293 -3.98 -57.96 -65.90
CA THR M 293 -4.60 -57.39 -67.09
C THR M 293 -4.58 -55.89 -67.06
N SER M 294 -4.87 -55.32 -65.92
CA SER M 294 -4.94 -53.86 -65.83
C SER M 294 -3.59 -53.21 -66.14
N ILE M 295 -2.50 -53.88 -65.78
CA ILE M 295 -1.15 -53.40 -66.09
C ILE M 295 -0.67 -53.76 -67.52
N PHE M 296 -1.01 -54.95 -68.00
CA PHE M 296 -0.67 -55.39 -69.36
C PHE M 296 -1.43 -54.56 -70.40
N ASN M 297 -2.70 -54.29 -70.11
CA ASN M 297 -3.48 -53.37 -70.93
C ASN M 297 -2.93 -51.95 -70.91
N SER M 298 -2.49 -51.46 -69.76
CA SER M 298 -1.84 -50.16 -69.72
C SER M 298 -0.54 -50.14 -70.53
N MET M 299 0.30 -51.15 -70.36
CA MET M 299 1.56 -51.23 -71.10
C MET M 299 1.32 -51.26 -72.62
N ILE M 300 0.41 -52.14 -73.05
CA ILE M 300 0.06 -52.17 -74.44
C ILE M 300 -0.40 -50.81 -74.97
N ASN M 301 -1.37 -50.18 -74.30
CA ASN M 301 -1.77 -48.83 -74.64
C ASN M 301 -0.58 -47.93 -74.91
N ASN M 302 0.44 -47.99 -74.06
CA ASN M 302 1.66 -47.19 -74.29
C ASN M 302 2.37 -47.53 -75.61
N LEU M 303 2.35 -48.79 -76.00
CA LEU M 303 3.00 -49.21 -77.24
C LEU M 303 2.14 -48.77 -78.40
N ILE M 304 0.84 -49.02 -78.30
CA ILE M 304 -0.11 -48.57 -79.31
C ILE M 304 0.04 -47.09 -79.63
N ILE M 305 0.11 -46.25 -78.62
CA ILE M 305 0.12 -44.83 -78.93
C ILE M 305 1.45 -44.47 -79.55
N ARG M 306 2.53 -44.94 -78.96
CA ARG M 306 3.85 -44.71 -79.53
C ARG M 306 3.85 -45.11 -81.01
N THR M 307 3.16 -46.19 -81.34
CA THR M 307 3.22 -46.74 -82.68
C THR M 307 2.58 -45.83 -83.72
N LEU M 308 1.46 -45.21 -83.34
CA LEU M 308 0.73 -44.33 -84.26
C LEU M 308 1.43 -42.95 -84.41
N LEU M 309 1.89 -42.41 -83.30
CA LEU M 309 2.71 -41.24 -83.39
C LEU M 309 3.88 -41.40 -84.35
N LEU M 310 4.39 -42.63 -84.47
CA LEU M 310 5.59 -42.89 -85.26
C LEU M 310 5.21 -43.08 -86.71
N LYS M 311 4.15 -43.85 -86.92
CA LYS M 311 3.56 -43.97 -88.23
C LYS M 311 3.27 -42.58 -88.79
N THR M 312 2.36 -41.87 -88.13
CA THR M 312 1.80 -40.62 -88.64
C THR M 312 2.80 -39.45 -88.72
N TYR M 313 3.34 -39.04 -87.59
CA TYR M 313 4.15 -37.84 -87.55
C TYR M 313 5.64 -38.11 -87.74
N LYS M 314 6.07 -38.28 -88.99
CA LYS M 314 7.46 -38.60 -89.25
C LYS M 314 8.32 -37.70 -88.39
N GLY M 315 9.40 -38.25 -87.87
CA GLY M 315 10.34 -37.48 -87.06
C GLY M 315 9.73 -36.82 -85.84
N ILE M 316 8.76 -37.48 -85.21
CA ILE M 316 8.26 -37.01 -83.93
C ILE M 316 9.23 -37.46 -82.85
N ASP M 317 9.43 -36.65 -81.82
CA ASP M 317 10.29 -37.09 -80.72
C ASP M 317 9.54 -37.70 -79.52
N LEU M 318 9.88 -38.92 -79.19
CA LEU M 318 9.13 -39.67 -78.20
C LEU M 318 9.44 -39.27 -76.77
N ASP M 319 10.62 -38.69 -76.54
CA ASP M 319 10.96 -38.16 -75.21
C ASP M 319 10.12 -36.93 -74.85
N HIS M 320 9.22 -36.56 -75.76
CA HIS M 320 8.29 -35.46 -75.53
C HIS M 320 6.86 -35.97 -75.69
N LEU M 321 6.71 -37.28 -75.69
CA LEU M 321 5.40 -37.86 -75.47
C LEU M 321 5.21 -38.05 -73.96
N LYS M 322 4.22 -37.37 -73.41
CA LYS M 322 3.85 -37.51 -72.01
C LYS M 322 2.45 -38.10 -71.94
N MET M 323 2.35 -39.38 -71.59
CA MET M 323 1.05 -40.06 -71.54
C MET M 323 0.87 -40.91 -70.28
N ILE M 324 -0.40 -41.06 -69.89
CA ILE M 324 -0.75 -41.86 -68.74
C ILE M 324 -1.96 -42.71 -69.11
N ALA M 325 -1.78 -44.02 -69.08
CA ALA M 325 -2.89 -44.92 -69.33
C ALA M 325 -3.43 -45.58 -68.05
N TYR M 326 -4.68 -46.03 -68.13
CA TYR M 326 -5.26 -46.91 -67.16
C TYR M 326 -6.03 -47.93 -67.99
N GLY M 327 -5.40 -49.05 -68.33
CA GLY M 327 -5.98 -49.97 -69.28
C GLY M 327 -6.18 -49.23 -70.59
N ASP M 328 -7.39 -49.27 -71.15
CA ASP M 328 -7.65 -48.55 -72.40
C ASP M 328 -7.86 -47.04 -72.21
N ASP M 329 -8.22 -46.62 -71.01
CA ASP M 329 -8.31 -45.20 -70.75
C ASP M 329 -6.93 -44.57 -70.89
N VAL M 330 -6.88 -43.32 -71.37
CA VAL M 330 -5.62 -42.62 -71.51
C VAL M 330 -5.82 -41.13 -71.69
N ILE M 331 -4.83 -40.39 -71.23
CA ILE M 331 -4.75 -38.98 -71.44
C ILE M 331 -3.34 -38.78 -71.97
N ALA M 332 -3.23 -38.12 -73.12
CA ALA M 332 -1.93 -37.96 -73.75
C ALA M 332 -1.63 -36.52 -74.11
N SER M 333 -0.36 -36.20 -74.15
CA SER M 333 0.07 -34.86 -74.47
C SER M 333 1.32 -34.91 -75.37
N TYR M 334 1.82 -33.73 -75.77
CA TYR M 334 2.96 -33.56 -76.67
C TYR M 334 3.10 -32.08 -76.96
N PRO M 335 4.35 -31.57 -77.10
CA PRO M 335 4.61 -30.11 -77.03
C PRO M 335 4.07 -29.33 -78.24
N HIS M 336 3.87 -30.01 -79.37
CA HIS M 336 3.14 -29.45 -80.51
C HIS M 336 1.95 -30.35 -80.72
N GLU M 337 0.90 -29.83 -81.33
CA GLU M 337 -0.36 -30.55 -81.41
C GLU M 337 -0.27 -31.77 -82.30
N VAL M 338 -1.10 -32.76 -82.00
CA VAL M 338 -1.27 -33.92 -82.87
C VAL M 338 -2.77 -34.12 -83.04
N ASP M 339 -3.15 -34.46 -84.25
CA ASP M 339 -4.54 -34.65 -84.60
C ASP M 339 -4.86 -36.10 -84.37
N ALA M 340 -5.94 -36.39 -83.64
CA ALA M 340 -6.27 -37.78 -83.32
C ALA M 340 -7.15 -38.42 -84.39
N SER M 341 -7.74 -37.60 -85.26
CA SER M 341 -8.41 -38.15 -86.44
C SER M 341 -7.38 -38.91 -87.29
N LEU M 342 -6.17 -38.35 -87.36
CA LEU M 342 -5.09 -39.00 -88.06
C LEU M 342 -4.70 -40.29 -87.33
N LEU M 343 -4.35 -40.17 -86.04
CA LEU M 343 -3.93 -41.34 -85.27
C LEU M 343 -4.94 -42.46 -85.36
N ALA M 344 -6.22 -42.12 -85.42
CA ALA M 344 -7.26 -43.14 -85.46
C ALA M 344 -7.25 -43.80 -86.84
N GLN M 345 -6.74 -43.03 -87.80
CA GLN M 345 -6.61 -43.48 -89.18
C GLN M 345 -5.62 -44.64 -89.27
N SER M 346 -4.36 -44.35 -88.97
CA SER M 346 -3.34 -45.38 -88.82
C SER M 346 -3.86 -46.52 -87.95
N GLY M 347 -4.68 -46.18 -86.96
CA GLY M 347 -5.26 -47.16 -86.07
C GLY M 347 -5.89 -48.32 -86.82
N LYS M 348 -6.66 -48.01 -87.85
CA LYS M 348 -7.40 -49.04 -88.59
C LYS M 348 -6.46 -50.13 -89.13
N ASP M 349 -5.22 -49.75 -89.43
CA ASP M 349 -4.23 -50.67 -89.98
C ASP M 349 -3.87 -51.81 -89.02
N TYR M 350 -4.10 -51.58 -87.73
CA TYR M 350 -3.72 -52.54 -86.70
C TYR M 350 -4.93 -53.19 -86.03
N GLY M 351 -6.11 -53.00 -86.60
CA GLY M 351 -7.31 -53.62 -86.08
C GLY M 351 -7.93 -52.81 -84.96
N LEU M 352 -7.42 -51.60 -84.76
CA LEU M 352 -7.90 -50.74 -83.69
C LEU M 352 -9.05 -49.81 -84.10
N THR M 353 -10.07 -49.74 -83.26
CA THR M 353 -11.21 -48.86 -83.52
C THR M 353 -11.22 -47.64 -82.60
N MET M 354 -10.55 -46.58 -83.04
CA MET M 354 -10.41 -45.37 -82.26
C MET M 354 -11.44 -44.29 -82.63
N THR M 355 -12.30 -43.95 -81.66
CA THR M 355 -13.25 -42.87 -81.85
C THR M 355 -12.87 -41.66 -81.01
N PRO M 356 -13.60 -40.55 -81.16
CA PRO M 356 -13.18 -39.34 -80.46
C PRO M 356 -13.48 -39.39 -78.96
N ALA M 357 -12.79 -38.58 -78.18
CA ALA M 357 -12.88 -38.68 -76.74
C ALA M 357 -14.28 -38.38 -76.17
N ASP M 358 -14.80 -39.32 -75.39
CA ASP M 358 -16.06 -39.14 -74.68
C ASP M 358 -17.26 -39.14 -75.60
N LYS M 359 -17.24 -39.99 -76.61
CA LYS M 359 -18.39 -40.15 -77.49
C LYS M 359 -18.83 -38.89 -78.24
N SER M 360 -18.01 -37.83 -78.19
CA SER M 360 -18.23 -36.70 -79.07
C SER M 360 -18.41 -37.26 -80.49
N ALA M 361 -19.21 -36.60 -81.31
CA ALA M 361 -19.47 -37.11 -82.65
C ALA M 361 -18.32 -36.79 -83.59
N THR M 362 -17.57 -35.75 -83.26
CA THR M 362 -16.46 -35.31 -84.08
C THR M 362 -15.15 -35.19 -83.28
N PHE M 363 -14.02 -35.31 -83.98
CA PHE M 363 -12.73 -35.22 -83.33
C PHE M 363 -12.33 -33.79 -83.02
N GLU M 364 -12.76 -33.26 -81.88
CA GLU M 364 -12.41 -31.89 -81.55
C GLU M 364 -11.15 -31.76 -80.69
N THR M 365 -10.52 -30.59 -80.73
CA THR M 365 -9.35 -30.36 -79.91
C THR M 365 -9.64 -30.68 -78.44
N VAL M 366 -8.78 -31.49 -77.84
CA VAL M 366 -8.88 -31.80 -76.42
C VAL M 366 -8.19 -30.69 -75.62
N THR M 367 -8.90 -30.19 -74.61
CA THR M 367 -8.43 -29.06 -73.83
C THR M 367 -8.60 -29.38 -72.35
N TRP M 368 -7.80 -28.72 -71.51
CA TRP M 368 -7.94 -28.91 -70.08
C TRP M 368 -9.38 -28.77 -69.61
N GLU M 369 -10.22 -28.16 -70.44
CA GLU M 369 -11.63 -27.96 -70.08
C GLU M 369 -12.57 -29.09 -70.53
N ASN M 370 -12.20 -29.85 -71.55
CA ASN M 370 -13.04 -30.97 -71.94
C ASN M 370 -12.38 -32.36 -71.81
N VAL M 371 -11.13 -32.40 -71.37
CA VAL M 371 -10.43 -33.68 -71.23
C VAL M 371 -10.94 -34.44 -70.03
N THR M 372 -11.12 -35.75 -70.19
CA THR M 372 -11.43 -36.62 -69.05
C THR M 372 -10.54 -37.84 -68.93
N PHE M 373 -10.38 -38.30 -67.69
CA PHE M 373 -9.61 -39.48 -67.39
C PHE M 373 -10.33 -40.13 -66.19
N LEU M 374 -10.45 -41.46 -66.19
CA LEU M 374 -11.09 -42.13 -65.06
C LEU M 374 -12.48 -41.52 -64.82
N LYS M 375 -13.12 -41.05 -65.89
CA LYS M 375 -14.46 -40.47 -65.88
C LYS M 375 -14.61 -39.10 -65.19
N ARG M 376 -13.47 -38.49 -64.85
CA ARG M 376 -13.43 -37.23 -64.15
C ARG M 376 -12.84 -36.12 -65.01
N PHE M 377 -13.41 -34.93 -64.90
CA PHE M 377 -12.87 -33.72 -65.51
C PHE M 377 -11.77 -33.09 -64.62
N PHE M 378 -11.12 -32.07 -65.15
CA PHE M 378 -10.07 -31.35 -64.42
C PHE M 378 -10.55 -29.92 -64.26
N ARG M 379 -10.50 -29.40 -63.03
CA ARG M 379 -10.89 -28.03 -62.75
C ARG M 379 -9.99 -27.52 -61.65
N ALA M 380 -9.24 -26.49 -61.95
CA ALA M 380 -8.41 -25.91 -60.92
C ALA M 380 -9.31 -25.31 -59.86
N ASP M 381 -8.80 -25.33 -58.63
CA ASP M 381 -9.55 -24.74 -57.55
C ASP M 381 -9.60 -23.19 -57.68
N GLU M 382 -10.72 -22.60 -57.27
CA GLU M 382 -10.87 -21.15 -57.35
C GLU M 382 -9.89 -20.44 -56.46
N LYS M 383 -9.62 -21.01 -55.30
CA LYS M 383 -8.76 -20.32 -54.37
C LYS M 383 -7.32 -20.66 -54.63
N TYR M 384 -7.04 -21.93 -54.89
CA TYR M 384 -5.68 -22.37 -55.11
C TYR M 384 -5.50 -22.97 -56.50
N PRO M 385 -5.35 -22.13 -57.52
CA PRO M 385 -5.42 -22.59 -58.90
C PRO M 385 -4.45 -23.72 -59.23
N PHE M 386 -3.40 -23.92 -58.43
CA PHE M 386 -2.51 -25.04 -58.70
C PHE M 386 -3.05 -26.40 -58.22
N LEU M 387 -4.12 -26.39 -57.45
CA LEU M 387 -4.73 -27.63 -57.00
C LEU M 387 -5.89 -27.96 -57.91
N ILE M 388 -5.84 -29.16 -58.50
CA ILE M 388 -6.89 -29.56 -59.43
C ILE M 388 -7.91 -30.55 -58.86
N HIS M 389 -9.19 -30.17 -58.99
CA HIS M 389 -10.32 -31.02 -58.64
C HIS M 389 -10.55 -32.07 -59.71
N PRO M 390 -10.65 -33.34 -59.31
CA PRO M 390 -11.22 -34.42 -60.13
C PRO M 390 -12.73 -34.26 -60.22
N VAL M 391 -13.27 -33.76 -61.31
CA VAL M 391 -14.73 -33.63 -61.28
C VAL M 391 -15.47 -34.66 -62.14
N MET M 392 -16.05 -35.60 -61.41
CA MET M 392 -16.97 -36.56 -61.97
C MET M 392 -18.34 -35.90 -62.00
N PRO M 393 -19.02 -36.02 -63.13
CA PRO M 393 -20.35 -35.44 -63.34
C PRO M 393 -21.37 -36.08 -62.41
N MET M 394 -22.37 -35.29 -62.00
CA MET M 394 -23.42 -35.74 -61.08
C MET M 394 -24.27 -36.81 -61.73
N LYS M 395 -24.38 -36.75 -63.04
CA LYS M 395 -25.11 -37.71 -63.82
C LYS M 395 -24.92 -39.15 -63.34
N GLU M 396 -23.68 -39.53 -63.07
CA GLU M 396 -23.37 -40.94 -62.86
C GLU M 396 -23.47 -41.27 -61.40
N ILE M 397 -23.29 -40.25 -60.57
CA ILE M 397 -23.56 -40.34 -59.15
C ILE M 397 -25.05 -40.51 -58.93
N HIS M 398 -25.85 -39.83 -59.75
CA HIS M 398 -27.29 -40.02 -59.68
C HIS M 398 -27.70 -41.43 -60.09
N GLU M 399 -27.05 -41.98 -61.12
CA GLU M 399 -27.29 -43.37 -61.51
C GLU M 399 -26.94 -44.34 -60.39
N SER M 400 -25.79 -44.17 -59.77
CA SER M 400 -25.37 -45.11 -58.73
C SER M 400 -26.32 -45.19 -57.53
N ILE M 401 -26.84 -44.04 -57.14
CA ILE M 401 -27.56 -43.92 -55.89
C ILE M 401 -28.97 -44.45 -56.02
N ARG M 402 -29.52 -44.42 -57.22
CA ARG M 402 -30.85 -44.97 -57.48
C ARG M 402 -30.95 -46.48 -57.21
N TRP M 403 -29.82 -47.11 -56.88
CA TRP M 403 -29.79 -48.56 -56.67
C TRP M 403 -28.93 -48.98 -55.48
N THR M 404 -29.20 -50.17 -54.97
CA THR M 404 -28.41 -50.75 -53.91
C THR M 404 -28.37 -52.28 -54.08
N LYS M 405 -27.32 -52.91 -53.58
CA LYS M 405 -27.21 -54.37 -53.60
C LYS M 405 -27.50 -54.91 -52.21
N ASP M 406 -27.69 -53.99 -51.26
CA ASP M 406 -28.04 -54.36 -49.90
C ASP M 406 -28.26 -53.10 -49.07
N PRO M 407 -29.53 -52.75 -48.85
CA PRO M 407 -29.89 -51.52 -48.14
C PRO M 407 -29.04 -51.34 -46.89
N ARG M 408 -28.55 -52.44 -46.32
CA ARG M 408 -27.66 -52.32 -45.16
C ARG M 408 -26.44 -51.43 -45.42
N ASN M 409 -26.13 -51.18 -46.69
CA ASN M 409 -24.95 -50.38 -47.04
C ASN M 409 -25.24 -48.93 -47.37
N THR M 410 -26.45 -48.45 -47.08
CA THR M 410 -26.85 -47.15 -47.57
C THR M 410 -25.93 -46.04 -47.06
N GLN M 411 -25.60 -46.06 -45.78
CA GLN M 411 -24.75 -45.01 -45.23
C GLN M 411 -23.41 -44.97 -46.00
N ASP M 412 -22.76 -46.12 -46.13
CA ASP M 412 -21.47 -46.21 -46.80
C ASP M 412 -21.58 -45.79 -48.26
N HIS M 413 -22.50 -46.41 -48.97
CA HIS M 413 -22.71 -46.09 -50.37
C HIS M 413 -22.85 -44.59 -50.54
N VAL M 414 -23.89 -44.00 -49.93
CA VAL M 414 -24.18 -42.57 -50.12
C VAL M 414 -23.04 -41.66 -49.71
N ARG M 415 -22.39 -41.94 -48.60
CA ARG M 415 -21.25 -41.10 -48.23
C ARG M 415 -20.17 -41.15 -49.33
N SER M 416 -19.84 -42.35 -49.82
CA SER M 416 -18.87 -42.52 -50.89
C SER M 416 -19.20 -41.64 -52.07
N LEU M 417 -20.47 -41.57 -52.43
CA LEU M 417 -20.90 -40.68 -53.48
C LEU M 417 -20.63 -39.20 -53.14
N CYS M 418 -20.74 -38.82 -51.86
CA CYS M 418 -20.41 -37.45 -51.42
C CYS M 418 -18.92 -37.07 -51.61
N LEU M 419 -18.04 -38.06 -51.43
CA LEU M 419 -16.63 -37.94 -51.74
C LEU M 419 -16.38 -37.69 -53.23
N LEU M 420 -17.26 -38.23 -54.07
CA LEU M 420 -17.10 -38.01 -55.51
C LEU M 420 -17.82 -36.74 -55.94
N ALA M 421 -18.96 -36.46 -55.32
CA ALA M 421 -19.83 -35.36 -55.76
C ALA M 421 -19.35 -33.94 -55.42
N TRP M 422 -18.76 -33.75 -54.24
CA TRP M 422 -18.49 -32.39 -53.74
C TRP M 422 -17.57 -31.59 -54.64
N HIS M 423 -16.77 -32.30 -55.42
CA HIS M 423 -15.87 -31.67 -56.39
C HIS M 423 -16.60 -30.85 -57.43
N ASN M 424 -17.88 -31.14 -57.64
CA ASN M 424 -18.68 -30.38 -58.57
C ASN M 424 -18.93 -28.96 -58.08
N GLY M 425 -18.56 -28.69 -56.84
CA GLY M 425 -18.66 -27.34 -56.29
C GLY M 425 -19.72 -27.19 -55.20
N GLU M 426 -19.52 -26.22 -54.32
CA GLU M 426 -20.41 -25.99 -53.17
C GLU M 426 -21.90 -25.91 -53.51
N GLU M 427 -22.24 -25.25 -54.60
CA GLU M 427 -23.65 -25.08 -54.94
C GLU M 427 -24.30 -26.40 -55.35
N GLU M 428 -23.60 -27.20 -56.13
CA GLU M 428 -24.14 -28.50 -56.54
C GLU M 428 -24.18 -29.47 -55.36
N TYR M 429 -23.07 -29.59 -54.65
CA TYR M 429 -23.03 -30.50 -53.51
C TYR M 429 -24.21 -30.25 -52.58
N ASN M 430 -24.45 -28.99 -52.20
CA ASN M 430 -25.55 -28.71 -51.26
C ASN M 430 -26.94 -29.01 -51.83
N LYS M 431 -27.09 -28.93 -53.15
CA LYS M 431 -28.33 -29.33 -53.81
C LYS M 431 -28.47 -30.86 -53.74
N PHE M 432 -27.33 -31.54 -53.92
CA PHE M 432 -27.27 -32.99 -53.81
C PHE M 432 -27.76 -33.42 -52.43
N LEU M 433 -27.06 -32.98 -51.38
CA LEU M 433 -27.50 -33.22 -50.01
C LEU M 433 -28.98 -32.83 -49.72
N ALA M 434 -29.54 -31.87 -50.45
CA ALA M 434 -30.97 -31.55 -50.27
C ALA M 434 -31.83 -32.69 -50.74
N LYS M 435 -31.65 -33.10 -51.99
CA LYS M 435 -32.43 -34.21 -52.53
C LYS M 435 -32.29 -35.47 -51.66
N ILE M 436 -31.09 -35.76 -51.20
CA ILE M 436 -30.95 -36.93 -50.35
C ILE M 436 -31.86 -36.77 -49.14
N ARG M 437 -31.84 -35.60 -48.55
CA ARG M 437 -32.58 -35.37 -47.33
C ARG M 437 -34.08 -35.16 -47.55
N SER M 438 -34.50 -35.16 -48.82
CA SER M 438 -35.91 -35.02 -49.17
C SER M 438 -36.71 -36.27 -48.85
N VAL M 439 -36.05 -37.26 -48.27
CA VAL M 439 -36.75 -38.47 -47.84
C VAL M 439 -36.26 -38.96 -46.47
N PRO M 440 -37.14 -39.70 -45.76
CA PRO M 440 -36.85 -39.95 -44.34
C PRO M 440 -35.53 -40.69 -44.17
N ILE M 441 -35.30 -41.72 -44.99
CA ILE M 441 -34.07 -42.49 -44.87
C ILE M 441 -32.82 -41.60 -45.04
N GLY M 442 -32.84 -40.72 -46.03
CA GLY M 442 -31.80 -39.73 -46.21
C GLY M 442 -31.51 -38.83 -44.99
N ARG M 443 -32.53 -38.52 -44.18
CA ARG M 443 -32.31 -37.69 -43.01
C ARG M 443 -31.65 -38.49 -41.90
N ALA M 444 -31.57 -39.82 -42.09
CA ALA M 444 -30.83 -40.65 -41.13
C ALA M 444 -29.33 -40.79 -41.43
N LEU M 445 -28.89 -40.29 -42.58
CA LEU M 445 -27.48 -40.48 -42.99
C LEU M 445 -26.58 -39.39 -42.46
N ASP M 446 -25.44 -39.78 -41.91
CA ASP M 446 -24.41 -38.87 -41.46
C ASP M 446 -23.51 -38.48 -42.65
N LEU M 447 -23.84 -37.34 -43.24
CA LEU M 447 -23.23 -36.84 -44.46
C LEU M 447 -22.38 -35.61 -44.14
N PRO M 448 -21.19 -35.51 -44.76
CA PRO M 448 -20.27 -34.41 -44.44
C PRO M 448 -20.61 -33.14 -45.23
N GLU M 449 -20.38 -32.00 -44.61
CA GLU M 449 -20.66 -30.73 -45.25
C GLU M 449 -19.51 -30.37 -46.17
N TYR M 450 -19.83 -29.63 -47.25
CA TYR M 450 -18.84 -29.11 -48.19
C TYR M 450 -17.53 -28.63 -47.53
N SER M 451 -17.68 -27.68 -46.62
CA SER M 451 -16.53 -27.04 -46.03
C SER M 451 -15.65 -28.08 -45.37
N THR M 452 -16.25 -29.17 -44.94
CA THR M 452 -15.49 -30.20 -44.24
C THR M 452 -14.65 -30.95 -45.25
N LEU M 453 -15.29 -31.31 -46.36
CA LEU M 453 -14.66 -32.05 -47.44
C LEU M 453 -13.51 -31.26 -48.02
N TYR M 454 -13.77 -29.98 -48.27
CA TYR M 454 -12.81 -29.02 -48.81
C TYR M 454 -11.58 -28.86 -47.95
N ARG M 455 -11.81 -28.72 -46.65
CA ARG M 455 -10.70 -28.54 -45.73
C ARG M 455 -9.86 -29.81 -45.73
N ARG M 456 -10.54 -30.94 -45.77
CA ARG M 456 -9.88 -32.23 -45.74
C ARG M 456 -8.99 -32.40 -46.97
N TRP M 457 -9.50 -32.01 -48.13
CA TRP M 457 -8.77 -32.06 -49.38
C TRP M 457 -7.50 -31.24 -49.26
N LEU M 458 -7.65 -29.98 -48.86
CA LEU M 458 -6.50 -29.06 -48.71
C LEU M 458 -5.45 -29.60 -47.76
N ASP M 459 -5.88 -30.12 -46.61
CA ASP M 459 -4.94 -30.75 -45.70
C ASP M 459 -4.25 -31.96 -46.33
N SER M 460 -4.94 -32.69 -47.22
CA SER M 460 -4.35 -33.92 -47.79
C SER M 460 -3.11 -33.63 -48.64
N PHE M 461 -2.95 -32.36 -49.01
CA PHE M 461 -1.76 -31.91 -49.72
C PHE M 461 -0.62 -31.53 -48.78
#